data_1MB1
# 
_entry.id   1MB1 
# 
_audit_conform.dict_name       mmcif_pdbx.dic 
_audit_conform.dict_version    5.386 
_audit_conform.dict_location   http://mmcif.pdb.org/dictionaries/ascii/mmcif_pdbx.dic 
# 
loop_
_database_2.database_id 
_database_2.database_code 
_database_2.pdbx_database_accession 
_database_2.pdbx_DOI 
PDB   1MB1         pdb_00001mb1 10.2210/pdb1mb1/pdb 
WWPDB D_1000174914 ?            ?                   
# 
loop_
_pdbx_audit_revision_history.ordinal 
_pdbx_audit_revision_history.data_content_type 
_pdbx_audit_revision_history.major_revision 
_pdbx_audit_revision_history.minor_revision 
_pdbx_audit_revision_history.revision_date 
1 'Structure model' 1 0 1998-07-29 
2 'Structure model' 1 1 2008-03-24 
3 'Structure model' 1 2 2011-07-13 
4 'Structure model' 1 3 2024-02-14 
# 
_pdbx_audit_revision_details.ordinal             1 
_pdbx_audit_revision_details.revision_ordinal    1 
_pdbx_audit_revision_details.data_content_type   'Structure model' 
_pdbx_audit_revision_details.provider            repository 
_pdbx_audit_revision_details.type                'Initial release' 
_pdbx_audit_revision_details.description         ? 
_pdbx_audit_revision_details.details             ? 
# 
loop_
_pdbx_audit_revision_group.ordinal 
_pdbx_audit_revision_group.revision_ordinal 
_pdbx_audit_revision_group.data_content_type 
_pdbx_audit_revision_group.group 
1 2 'Structure model' 'Version format compliance' 
2 3 'Structure model' 'Version format compliance' 
3 4 'Structure model' 'Data collection'           
4 4 'Structure model' 'Database references'       
# 
loop_
_pdbx_audit_revision_category.ordinal 
_pdbx_audit_revision_category.revision_ordinal 
_pdbx_audit_revision_category.data_content_type 
_pdbx_audit_revision_category.category 
1 4 'Structure model' chem_comp_atom 
2 4 'Structure model' chem_comp_bond 
3 4 'Structure model' database_2     
# 
loop_
_pdbx_audit_revision_item.ordinal 
_pdbx_audit_revision_item.revision_ordinal 
_pdbx_audit_revision_item.data_content_type 
_pdbx_audit_revision_item.item 
1 4 'Structure model' '_database_2.pdbx_DOI'                
2 4 'Structure model' '_database_2.pdbx_database_accession' 
# 
_pdbx_database_status.status_code                     REL 
_pdbx_database_status.entry_id                        1MB1 
_pdbx_database_status.recvd_initial_deposition_date   1997-07-23 
_pdbx_database_status.deposit_site                    ? 
_pdbx_database_status.process_site                    BNL 
_pdbx_database_status.status_code_sf                  REL 
_pdbx_database_status.status_code_mr                  ? 
_pdbx_database_status.SG_entry                        ? 
_pdbx_database_status.pdb_format_compatible           Y 
_pdbx_database_status.status_code_cs                  ? 
_pdbx_database_status.status_code_nmr_data            ? 
_pdbx_database_status.methods_development_category    ? 
# 
loop_
_audit_author.name 
_audit_author.pdbx_ordinal 
'Taylor, I.A.'  1 
'Smerdon, S.J.' 2 
# 
_citation.id                        primary 
_citation.title                     
;The X-ray structure of the DNA-binding domain from the Saccharomyces cerevisiae cell-cycle transcription factor Mbp1 at 2.1 A resolution.
;
_citation.journal_abbrev            J.Mol.Biol. 
_citation.journal_volume            272 
_citation.page_first                1 
_citation.page_last                 8 
_citation.year                      1997 
_citation.journal_id_ASTM           JMOBAK 
_citation.country                   UK 
_citation.journal_id_ISSN           0022-2836 
_citation.journal_id_CSD            0070 
_citation.book_publisher            ? 
_citation.pdbx_database_id_PubMed   9299332 
_citation.pdbx_database_id_DOI      10.1006/jmbi.1997.1229 
# 
loop_
_citation_author.citation_id 
_citation_author.name 
_citation_author.ordinal 
_citation_author.identifier_ORCID 
primary 'Taylor, I.A.'  1 ? 
primary 'Treiber, M.K.' 2 ? 
primary 'Olivi, L.'     3 ? 
primary 'Smerdon, S.J.' 4 ? 
# 
loop_
_entity.id 
_entity.type 
_entity.src_method 
_entity.pdbx_description 
_entity.formula_weight 
_entity.pdbx_number_of_molecules 
_entity.pdbx_ec 
_entity.pdbx_mutation 
_entity.pdbx_fragment 
_entity.details 
1 polymer man 'MLU1-BOX BINDING PROTEIN' 14900.885 1  ? ? 'DNA-BINDING DOMAIN' ? 
2 water   nat water                      18.015    60 ? ? ?                    ? 
# 
_entity_name_com.entity_id   1 
_entity_name_com.name        MBP1 
# 
_entity_poly.entity_id                      1 
_entity_poly.type                           'polypeptide(L)' 
_entity_poly.nstd_linkage                   no 
_entity_poly.nstd_monomer                   no 
_entity_poly.pdbx_seq_one_letter_code       
;MSNQIYSARYSGVDVYEFIHSTGSIMKRKKDDWVNATHILKAANFAKAKRTRILEKEVLKETHEKVQGGFGKYQGTWVPL
NIAKQLAEKFSVYDQLKPLFDFTQTDGSASPPPAPKHHHASKVDHHHHHH
;
_entity_poly.pdbx_seq_one_letter_code_can   
;MSNQIYSARYSGVDVYEFIHSTGSIMKRKKDDWVNATHILKAANFAKAKRTRILEKEVLKETHEKVQGGFGKYQGTWVPL
NIAKQLAEKFSVYDQLKPLFDFTQTDGSASPPPAPKHHHASKVDHHHHHH
;
_entity_poly.pdbx_strand_id                 A 
_entity_poly.pdbx_target_identifier         ? 
# 
_pdbx_entity_nonpoly.entity_id   2 
_pdbx_entity_nonpoly.name        water 
_pdbx_entity_nonpoly.comp_id     HOH 
# 
loop_
_entity_poly_seq.entity_id 
_entity_poly_seq.num 
_entity_poly_seq.mon_id 
_entity_poly_seq.hetero 
1 1   MET n 
1 2   SER n 
1 3   ASN n 
1 4   GLN n 
1 5   ILE n 
1 6   TYR n 
1 7   SER n 
1 8   ALA n 
1 9   ARG n 
1 10  TYR n 
1 11  SER n 
1 12  GLY n 
1 13  VAL n 
1 14  ASP n 
1 15  VAL n 
1 16  TYR n 
1 17  GLU n 
1 18  PHE n 
1 19  ILE n 
1 20  HIS n 
1 21  SER n 
1 22  THR n 
1 23  GLY n 
1 24  SER n 
1 25  ILE n 
1 26  MET n 
1 27  LYS n 
1 28  ARG n 
1 29  LYS n 
1 30  LYS n 
1 31  ASP n 
1 32  ASP n 
1 33  TRP n 
1 34  VAL n 
1 35  ASN n 
1 36  ALA n 
1 37  THR n 
1 38  HIS n 
1 39  ILE n 
1 40  LEU n 
1 41  LYS n 
1 42  ALA n 
1 43  ALA n 
1 44  ASN n 
1 45  PHE n 
1 46  ALA n 
1 47  LYS n 
1 48  ALA n 
1 49  LYS n 
1 50  ARG n 
1 51  THR n 
1 52  ARG n 
1 53  ILE n 
1 54  LEU n 
1 55  GLU n 
1 56  LYS n 
1 57  GLU n 
1 58  VAL n 
1 59  LEU n 
1 60  LYS n 
1 61  GLU n 
1 62  THR n 
1 63  HIS n 
1 64  GLU n 
1 65  LYS n 
1 66  VAL n 
1 67  GLN n 
1 68  GLY n 
1 69  GLY n 
1 70  PHE n 
1 71  GLY n 
1 72  LYS n 
1 73  TYR n 
1 74  GLN n 
1 75  GLY n 
1 76  THR n 
1 77  TRP n 
1 78  VAL n 
1 79  PRO n 
1 80  LEU n 
1 81  ASN n 
1 82  ILE n 
1 83  ALA n 
1 84  LYS n 
1 85  GLN n 
1 86  LEU n 
1 87  ALA n 
1 88  GLU n 
1 89  LYS n 
1 90  PHE n 
1 91  SER n 
1 92  VAL n 
1 93  TYR n 
1 94  ASP n 
1 95  GLN n 
1 96  LEU n 
1 97  LYS n 
1 98  PRO n 
1 99  LEU n 
1 100 PHE n 
1 101 ASP n 
1 102 PHE n 
1 103 THR n 
1 104 GLN n 
1 105 THR n 
1 106 ASP n 
1 107 GLY n 
1 108 SER n 
1 109 ALA n 
1 110 SER n 
1 111 PRO n 
1 112 PRO n 
1 113 PRO n 
1 114 ALA n 
1 115 PRO n 
1 116 LYS n 
1 117 HIS n 
1 118 HIS n 
1 119 HIS n 
1 120 ALA n 
1 121 SER n 
1 122 LYS n 
1 123 VAL n 
1 124 ASP n 
1 125 HIS n 
1 126 HIS n 
1 127 HIS n 
1 128 HIS n 
1 129 HIS n 
1 130 HIS n 
# 
_entity_src_gen.entity_id                          1 
_entity_src_gen.pdbx_src_id                        1 
_entity_src_gen.pdbx_alt_source_flag               sample 
_entity_src_gen.pdbx_seq_type                      ? 
_entity_src_gen.pdbx_beg_seq_num                   ? 
_entity_src_gen.pdbx_end_seq_num                   ? 
_entity_src_gen.gene_src_common_name               
;baker's yeast
;
_entity_src_gen.gene_src_genus                     Saccharomyces 
_entity_src_gen.pdbx_gene_src_gene                 ? 
_entity_src_gen.gene_src_species                   ? 
_entity_src_gen.gene_src_strain                    ? 
_entity_src_gen.gene_src_tissue                    ? 
_entity_src_gen.gene_src_tissue_fraction           ? 
_entity_src_gen.gene_src_details                   ? 
_entity_src_gen.pdbx_gene_src_fragment             ? 
_entity_src_gen.pdbx_gene_src_scientific_name      'Saccharomyces cerevisiae' 
_entity_src_gen.pdbx_gene_src_ncbi_taxonomy_id     4932 
_entity_src_gen.pdbx_gene_src_variant              ? 
_entity_src_gen.pdbx_gene_src_cell_line            BL21 
_entity_src_gen.pdbx_gene_src_atcc                 ? 
_entity_src_gen.pdbx_gene_src_organ                ? 
_entity_src_gen.pdbx_gene_src_organelle            ? 
_entity_src_gen.pdbx_gene_src_cell                 ? 
_entity_src_gen.pdbx_gene_src_cellular_location    NUCLEAR 
_entity_src_gen.host_org_common_name               ? 
_entity_src_gen.pdbx_host_org_scientific_name      'Escherichia coli BL21(DE3)' 
_entity_src_gen.pdbx_host_org_ncbi_taxonomy_id     469008 
_entity_src_gen.host_org_genus                     Escherichia 
_entity_src_gen.pdbx_host_org_gene                 ? 
_entity_src_gen.pdbx_host_org_organ                ? 
_entity_src_gen.host_org_species                   'Escherichia coli' 
_entity_src_gen.pdbx_host_org_tissue               ? 
_entity_src_gen.pdbx_host_org_tissue_fraction      ? 
_entity_src_gen.pdbx_host_org_strain               'BL21 (DE3)' 
_entity_src_gen.pdbx_host_org_variant              ? 
_entity_src_gen.pdbx_host_org_cell_line            ? 
_entity_src_gen.pdbx_host_org_atcc                 ? 
_entity_src_gen.pdbx_host_org_culture_collection   ? 
_entity_src_gen.pdbx_host_org_cell                 ? 
_entity_src_gen.pdbx_host_org_organelle            ? 
_entity_src_gen.pdbx_host_org_cellular_location    ? 
_entity_src_gen.pdbx_host_org_vector_type          PLASMID 
_entity_src_gen.pdbx_host_org_vector               ? 
_entity_src_gen.host_org_details                   ? 
_entity_src_gen.expression_system_id               ? 
_entity_src_gen.plasmid_name                       PET22B 
_entity_src_gen.plasmid_details                    ? 
_entity_src_gen.pdbx_description                   ? 
# 
loop_
_chem_comp.id 
_chem_comp.type 
_chem_comp.mon_nstd_flag 
_chem_comp.name 
_chem_comp.pdbx_synonyms 
_chem_comp.formula 
_chem_comp.formula_weight 
ALA 'L-peptide linking' y ALANINE         ? 'C3 H7 N O2'     89.093  
ARG 'L-peptide linking' y ARGININE        ? 'C6 H15 N4 O2 1' 175.209 
ASN 'L-peptide linking' y ASPARAGINE      ? 'C4 H8 N2 O3'    132.118 
ASP 'L-peptide linking' y 'ASPARTIC ACID' ? 'C4 H7 N O4'     133.103 
GLN 'L-peptide linking' y GLUTAMINE       ? 'C5 H10 N2 O3'   146.144 
GLU 'L-peptide linking' y 'GLUTAMIC ACID' ? 'C5 H9 N O4'     147.129 
GLY 'peptide linking'   y GLYCINE         ? 'C2 H5 N O2'     75.067  
HIS 'L-peptide linking' y HISTIDINE       ? 'C6 H10 N3 O2 1' 156.162 
HOH non-polymer         . WATER           ? 'H2 O'           18.015  
ILE 'L-peptide linking' y ISOLEUCINE      ? 'C6 H13 N O2'    131.173 
LEU 'L-peptide linking' y LEUCINE         ? 'C6 H13 N O2'    131.173 
LYS 'L-peptide linking' y LYSINE          ? 'C6 H15 N2 O2 1' 147.195 
MET 'L-peptide linking' y METHIONINE      ? 'C5 H11 N O2 S'  149.211 
PHE 'L-peptide linking' y PHENYLALANINE   ? 'C9 H11 N O2'    165.189 
PRO 'L-peptide linking' y PROLINE         ? 'C5 H9 N O2'     115.130 
SER 'L-peptide linking' y SERINE          ? 'C3 H7 N O3'     105.093 
THR 'L-peptide linking' y THREONINE       ? 'C4 H9 N O3'     119.119 
TRP 'L-peptide linking' y TRYPTOPHAN      ? 'C11 H12 N2 O2'  204.225 
TYR 'L-peptide linking' y TYROSINE        ? 'C9 H11 N O3'    181.189 
VAL 'L-peptide linking' y VALINE          ? 'C5 H11 N O2'    117.146 
# 
loop_
_pdbx_poly_seq_scheme.asym_id 
_pdbx_poly_seq_scheme.entity_id 
_pdbx_poly_seq_scheme.seq_id 
_pdbx_poly_seq_scheme.mon_id 
_pdbx_poly_seq_scheme.ndb_seq_num 
_pdbx_poly_seq_scheme.pdb_seq_num 
_pdbx_poly_seq_scheme.auth_seq_num 
_pdbx_poly_seq_scheme.pdb_mon_id 
_pdbx_poly_seq_scheme.auth_mon_id 
_pdbx_poly_seq_scheme.pdb_strand_id 
_pdbx_poly_seq_scheme.pdb_ins_code 
_pdbx_poly_seq_scheme.hetero 
A 1 1   MET 1   1   ?   ?   ?   A . n 
A 1 2   SER 2   2   ?   ?   ?   A . n 
A 1 3   ASN 3   3   3   ASN ASN A . n 
A 1 4   GLN 4   4   4   GLN GLN A . n 
A 1 5   ILE 5   5   5   ILE ILE A . n 
A 1 6   TYR 6   6   6   TYR TYR A . n 
A 1 7   SER 7   7   7   SER SER A . n 
A 1 8   ALA 8   8   8   ALA ALA A . n 
A 1 9   ARG 9   9   9   ARG ARG A . n 
A 1 10  TYR 10  10  10  TYR TYR A . n 
A 1 11  SER 11  11  11  SER SER A . n 
A 1 12  GLY 12  12  12  GLY GLY A . n 
A 1 13  VAL 13  13  13  VAL VAL A . n 
A 1 14  ASP 14  14  14  ASP ASP A . n 
A 1 15  VAL 15  15  15  VAL VAL A . n 
A 1 16  TYR 16  16  16  TYR TYR A . n 
A 1 17  GLU 17  17  17  GLU GLU A . n 
A 1 18  PHE 18  18  18  PHE PHE A . n 
A 1 19  ILE 19  19  19  ILE ILE A . n 
A 1 20  HIS 20  20  20  HIS HIS A . n 
A 1 21  SER 21  21  21  SER SER A . n 
A 1 22  THR 22  22  22  THR THR A . n 
A 1 23  GLY 23  23  23  GLY GLY A . n 
A 1 24  SER 24  24  24  SER SER A . n 
A 1 25  ILE 25  25  25  ILE ILE A . n 
A 1 26  MET 26  26  26  MET MET A . n 
A 1 27  LYS 27  27  27  LYS LYS A . n 
A 1 28  ARG 28  28  28  ARG ARG A . n 
A 1 29  LYS 29  29  29  LYS LYS A . n 
A 1 30  LYS 30  30  30  LYS LYS A . n 
A 1 31  ASP 31  31  31  ASP ASP A . n 
A 1 32  ASP 32  32  32  ASP ASP A . n 
A 1 33  TRP 33  33  33  TRP TRP A . n 
A 1 34  VAL 34  34  34  VAL VAL A . n 
A 1 35  ASN 35  35  35  ASN ASN A . n 
A 1 36  ALA 36  36  36  ALA ALA A . n 
A 1 37  THR 37  37  37  THR THR A . n 
A 1 38  HIS 38  38  38  HIS HIS A . n 
A 1 39  ILE 39  39  39  ILE ILE A . n 
A 1 40  LEU 40  40  40  LEU LEU A . n 
A 1 41  LYS 41  41  41  LYS LYS A . n 
A 1 42  ALA 42  42  42  ALA ALA A . n 
A 1 43  ALA 43  43  43  ALA ALA A . n 
A 1 44  ASN 44  44  44  ASN ASN A . n 
A 1 45  PHE 45  45  45  PHE PHE A . n 
A 1 46  ALA 46  46  46  ALA ALA A . n 
A 1 47  LYS 47  47  47  LYS LYS A . n 
A 1 48  ALA 48  48  48  ALA ALA A . n 
A 1 49  LYS 49  49  49  LYS LYS A . n 
A 1 50  ARG 50  50  50  ARG ARG A . n 
A 1 51  THR 51  51  51  THR THR A . n 
A 1 52  ARG 52  52  52  ARG ARG A . n 
A 1 53  ILE 53  53  53  ILE ILE A . n 
A 1 54  LEU 54  54  54  LEU LEU A . n 
A 1 55  GLU 55  55  55  GLU GLU A . n 
A 1 56  LYS 56  56  56  LYS LYS A . n 
A 1 57  GLU 57  57  57  GLU GLU A . n 
A 1 58  VAL 58  58  58  VAL VAL A . n 
A 1 59  LEU 59  59  59  LEU LEU A . n 
A 1 60  LYS 60  60  60  LYS LYS A . n 
A 1 61  GLU 61  61  61  GLU GLU A . n 
A 1 62  THR 62  62  62  THR THR A . n 
A 1 63  HIS 63  63  63  HIS HIS A . n 
A 1 64  GLU 64  64  64  GLU GLU A . n 
A 1 65  LYS 65  65  65  LYS LYS A . n 
A 1 66  VAL 66  66  66  VAL VAL A . n 
A 1 67  GLN 67  67  67  GLN GLN A . n 
A 1 68  GLY 68  68  68  GLY GLY A . n 
A 1 69  GLY 69  69  69  GLY GLY A . n 
A 1 70  PHE 70  70  70  PHE PHE A . n 
A 1 71  GLY 71  71  71  GLY GLY A . n 
A 1 72  LYS 72  72  72  LYS LYS A . n 
A 1 73  TYR 73  73  73  TYR TYR A . n 
A 1 74  GLN 74  74  74  GLN GLN A . n 
A 1 75  GLY 75  75  75  GLY GLY A . n 
A 1 76  THR 76  76  76  THR THR A . n 
A 1 77  TRP 77  77  77  TRP TRP A . n 
A 1 78  VAL 78  78  78  VAL VAL A . n 
A 1 79  PRO 79  79  79  PRO PRO A . n 
A 1 80  LEU 80  80  80  LEU LEU A . n 
A 1 81  ASN 81  81  81  ASN ASN A . n 
A 1 82  ILE 82  82  82  ILE ILE A . n 
A 1 83  ALA 83  83  83  ALA ALA A . n 
A 1 84  LYS 84  84  84  LYS LYS A . n 
A 1 85  GLN 85  85  85  GLN GLN A . n 
A 1 86  LEU 86  86  86  LEU LEU A . n 
A 1 87  ALA 87  87  87  ALA ALA A . n 
A 1 88  GLU 88  88  88  GLU GLU A . n 
A 1 89  LYS 89  89  89  LYS LYS A . n 
A 1 90  PHE 90  90  90  PHE PHE A . n 
A 1 91  SER 91  91  91  SER SER A . n 
A 1 92  VAL 92  92  92  VAL VAL A . n 
A 1 93  TYR 93  93  93  TYR TYR A . n 
A 1 94  ASP 94  94  94  ASP ASP A . n 
A 1 95  GLN 95  95  95  GLN GLN A . n 
A 1 96  LEU 96  96  96  LEU LEU A . n 
A 1 97  LYS 97  97  97  LYS LYS A . n 
A 1 98  PRO 98  98  98  PRO PRO A . n 
A 1 99  LEU 99  99  99  LEU LEU A . n 
A 1 100 PHE 100 100 100 PHE PHE A . n 
A 1 101 ASP 101 101 ?   ?   ?   A . n 
A 1 102 PHE 102 102 ?   ?   ?   A . n 
A 1 103 THR 103 103 ?   ?   ?   A . n 
A 1 104 GLN 104 104 ?   ?   ?   A . n 
A 1 105 THR 105 105 ?   ?   ?   A . n 
A 1 106 ASP 106 106 ?   ?   ?   A . n 
A 1 107 GLY 107 107 ?   ?   ?   A . n 
A 1 108 SER 108 108 ?   ?   ?   A . n 
A 1 109 ALA 109 109 ?   ?   ?   A . n 
A 1 110 SER 110 110 ?   ?   ?   A . n 
A 1 111 PRO 111 111 ?   ?   ?   A . n 
A 1 112 PRO 112 112 ?   ?   ?   A . n 
A 1 113 PRO 113 113 ?   ?   ?   A . n 
A 1 114 ALA 114 114 ?   ?   ?   A . n 
A 1 115 PRO 115 115 ?   ?   ?   A . n 
A 1 116 LYS 116 116 ?   ?   ?   A . n 
A 1 117 HIS 117 117 ?   ?   ?   A . n 
A 1 118 HIS 118 118 ?   ?   ?   A . n 
A 1 119 HIS 119 119 ?   ?   ?   A . n 
A 1 120 ALA 120 120 ?   ?   ?   A . n 
A 1 121 SER 121 121 ?   ?   ?   A . n 
A 1 122 LYS 122 122 ?   ?   ?   A . n 
A 1 123 VAL 123 123 ?   ?   ?   A . n 
A 1 124 ASP 124 124 ?   ?   ?   A . n 
A 1 125 HIS 125 125 ?   ?   ?   A . n 
A 1 126 HIS 126 126 ?   ?   ?   A . n 
A 1 127 HIS 127 127 ?   ?   ?   A . n 
A 1 128 HIS 128 128 ?   ?   ?   A . n 
A 1 129 HIS 129 129 ?   ?   ?   A . n 
A 1 130 HIS 130 130 ?   ?   ?   A . n 
# 
loop_
_pdbx_nonpoly_scheme.asym_id 
_pdbx_nonpoly_scheme.entity_id 
_pdbx_nonpoly_scheme.mon_id 
_pdbx_nonpoly_scheme.ndb_seq_num 
_pdbx_nonpoly_scheme.pdb_seq_num 
_pdbx_nonpoly_scheme.auth_seq_num 
_pdbx_nonpoly_scheme.pdb_mon_id 
_pdbx_nonpoly_scheme.auth_mon_id 
_pdbx_nonpoly_scheme.pdb_strand_id 
_pdbx_nonpoly_scheme.pdb_ins_code 
B 2 HOH 1  131 1  HOH HOH A . 
B 2 HOH 2  132 2  HOH HOH A . 
B 2 HOH 3  133 3  HOH HOH A . 
B 2 HOH 4  134 4  HOH HOH A . 
B 2 HOH 5  135 5  HOH HOH A . 
B 2 HOH 6  136 6  HOH HOH A . 
B 2 HOH 7  137 7  HOH HOH A . 
B 2 HOH 8  138 8  HOH HOH A . 
B 2 HOH 9  139 9  HOH HOH A . 
B 2 HOH 10 140 10 HOH HOH A . 
B 2 HOH 11 141 11 HOH HOH A . 
B 2 HOH 12 142 12 HOH HOH A . 
B 2 HOH 13 143 13 HOH HOH A . 
B 2 HOH 14 144 14 HOH HOH A . 
B 2 HOH 15 145 15 HOH HOH A . 
B 2 HOH 16 146 16 HOH HOH A . 
B 2 HOH 17 147 17 HOH HOH A . 
B 2 HOH 18 148 18 HOH HOH A . 
B 2 HOH 19 149 19 HOH HOH A . 
B 2 HOH 20 150 20 HOH HOH A . 
B 2 HOH 21 151 21 HOH HOH A . 
B 2 HOH 22 152 22 HOH HOH A . 
B 2 HOH 23 153 23 HOH HOH A . 
B 2 HOH 24 154 24 HOH HOH A . 
B 2 HOH 25 155 25 HOH HOH A . 
B 2 HOH 26 156 26 HOH HOH A . 
B 2 HOH 27 157 27 HOH HOH A . 
B 2 HOH 28 158 28 HOH HOH A . 
B 2 HOH 29 159 29 HOH HOH A . 
B 2 HOH 30 160 30 HOH HOH A . 
B 2 HOH 31 161 31 HOH HOH A . 
B 2 HOH 32 162 32 HOH HOH A . 
B 2 HOH 33 163 33 HOH HOH A . 
B 2 HOH 34 164 34 HOH HOH A . 
B 2 HOH 35 165 35 HOH HOH A . 
B 2 HOH 36 166 36 HOH HOH A . 
B 2 HOH 37 167 37 HOH HOH A . 
B 2 HOH 38 168 38 HOH HOH A . 
B 2 HOH 39 169 39 HOH HOH A . 
B 2 HOH 40 170 40 HOH HOH A . 
B 2 HOH 41 171 41 HOH HOH A . 
B 2 HOH 42 172 42 HOH HOH A . 
B 2 HOH 43 173 43 HOH HOH A . 
B 2 HOH 44 174 44 HOH HOH A . 
B 2 HOH 45 175 45 HOH HOH A . 
B 2 HOH 46 176 46 HOH HOH A . 
B 2 HOH 47 177 47 HOH HOH A . 
B 2 HOH 48 178 48 HOH HOH A . 
B 2 HOH 49 179 49 HOH HOH A . 
B 2 HOH 50 180 50 HOH HOH A . 
B 2 HOH 51 181 51 HOH HOH A . 
B 2 HOH 52 182 53 HOH HOH A . 
B 2 HOH 53 183 54 HOH HOH A . 
B 2 HOH 54 184 56 HOH HOH A . 
B 2 HOH 55 185 58 HOH HOH A . 
B 2 HOH 56 186 60 HOH HOH A . 
B 2 HOH 57 187 61 HOH HOH A . 
B 2 HOH 58 188 65 HOH HOH A . 
B 2 HOH 59 189 66 HOH HOH A . 
B 2 HOH 60 190 67 HOH HOH A . 
# 
loop_
_pdbx_unobs_or_zero_occ_atoms.id 
_pdbx_unobs_or_zero_occ_atoms.PDB_model_num 
_pdbx_unobs_or_zero_occ_atoms.polymer_flag 
_pdbx_unobs_or_zero_occ_atoms.occupancy_flag 
_pdbx_unobs_or_zero_occ_atoms.auth_asym_id 
_pdbx_unobs_or_zero_occ_atoms.auth_comp_id 
_pdbx_unobs_or_zero_occ_atoms.auth_seq_id 
_pdbx_unobs_or_zero_occ_atoms.PDB_ins_code 
_pdbx_unobs_or_zero_occ_atoms.auth_atom_id 
_pdbx_unobs_or_zero_occ_atoms.label_alt_id 
_pdbx_unobs_or_zero_occ_atoms.label_asym_id 
_pdbx_unobs_or_zero_occ_atoms.label_comp_id 
_pdbx_unobs_or_zero_occ_atoms.label_seq_id 
_pdbx_unobs_or_zero_occ_atoms.label_atom_id 
1  1 Y 1 A ASN 3  ? CG  ? A ASN 3  CG  
2  1 Y 1 A ASN 3  ? OD1 ? A ASN 3  OD1 
3  1 Y 1 A ASN 3  ? ND2 ? A ASN 3  ND2 
4  1 Y 1 A GLN 67 ? CG  ? A GLN 67 CG  
5  1 Y 1 A GLN 67 ? CD  ? A GLN 67 CD  
6  1 Y 1 A GLN 67 ? OE1 ? A GLN 67 OE1 
7  1 Y 1 A GLN 67 ? NE2 ? A GLN 67 NE2 
8  1 Y 1 A LYS 97 ? CG  ? A LYS 97 CG  
9  1 Y 1 A LYS 97 ? CD  ? A LYS 97 CD  
10 1 Y 1 A LYS 97 ? CE  ? A LYS 97 CE  
11 1 Y 1 A LYS 97 ? NZ  ? A LYS 97 NZ  
# 
loop_
_software.name 
_software.classification 
_software.version 
_software.citation_id 
_software.pdbx_ordinal 
MLPHARE   phasing          . ? 1 
CCP4      refinement       . ? 2 
DENZO     'data reduction' . ? 3 
SCALEPACK 'data scaling'   . ? 4 
# 
_cell.entry_id           1MB1 
_cell.length_a           42.580 
_cell.length_b           42.580 
_cell.length_c           123.680 
_cell.angle_alpha        90.00 
_cell.angle_beta         90.00 
_cell.angle_gamma        90.00 
_cell.Z_PDB              8 
_cell.pdbx_unique_axis   ? 
# 
_symmetry.entry_id                         1MB1 
_symmetry.space_group_name_H-M             'P 41 21 2' 
_symmetry.pdbx_full_space_group_name_H-M   ? 
_symmetry.cell_setting                     ? 
_symmetry.Int_Tables_number                92 
# 
_exptl.entry_id          1MB1 
_exptl.method            'X-RAY DIFFRACTION' 
_exptl.crystals_number   1 
# 
_exptl_crystal.id                    1 
_exptl_crystal.density_meas          ? 
_exptl_crystal.density_Matthews      1.88 
_exptl_crystal.density_percent_sol   28 
_exptl_crystal.description           ? 
# 
_exptl_crystal_grow.crystal_id      1 
_exptl_crystal_grow.method          ? 
_exptl_crystal_grow.temp            ? 
_exptl_crystal_grow.temp_details    ? 
_exptl_crystal_grow.pH              6.9 
_exptl_crystal_grow.pdbx_pH_range   ? 
_exptl_crystal_grow.pdbx_details    'pH 6.9' 
# 
_diffrn.id                     1 
_diffrn.ambient_temp           100 
_diffrn.ambient_temp_details   ? 
_diffrn.crystal_id             1 
# 
_diffrn_detector.diffrn_id              1 
_diffrn_detector.detector               'IMAGE PLATE AREA DETECTOR' 
_diffrn_detector.type                   MARRESEARCH 
_diffrn_detector.pdbx_collection_date   1997-01 
_diffrn_detector.details                ? 
# 
_diffrn_radiation.diffrn_id                        1 
_diffrn_radiation.wavelength_id                    1 
_diffrn_radiation.pdbx_monochromatic_or_laue_m_l   M 
_diffrn_radiation.monochromator                    ? 
_diffrn_radiation.pdbx_diffrn_protocol             ? 
_diffrn_radiation.pdbx_scattering_type             x-ray 
# 
_diffrn_radiation_wavelength.id           1 
_diffrn_radiation_wavelength.wavelength   1.22 
_diffrn_radiation_wavelength.wt           1.0 
# 
_diffrn_source.diffrn_id                   1 
_diffrn_source.source                      SYNCHROTRON 
_diffrn_source.type                        'ELETTRA BEAMLINE 5.2R' 
_diffrn_source.pdbx_synchrotron_site       ELETTRA 
_diffrn_source.pdbx_synchrotron_beamline   5.2R 
_diffrn_source.pdbx_wavelength             1.22 
_diffrn_source.pdbx_wavelength_list        ? 
# 
_reflns.entry_id                     1MB1 
_reflns.observed_criterion_sigma_I   ? 
_reflns.observed_criterion_sigma_F   ? 
_reflns.d_resolution_low             18 
_reflns.d_resolution_high            2.1 
_reflns.number_obs                   6810 
_reflns.number_all                   ? 
_reflns.percent_possible_obs         94.4 
_reflns.pdbx_Rmerge_I_obs            0.0410000 
_reflns.pdbx_Rsym_value              ? 
_reflns.pdbx_netI_over_sigmaI        30 
_reflns.B_iso_Wilson_estimate        32. 
_reflns.pdbx_redundancy              4.7 
_reflns.pdbx_diffrn_id               1 
_reflns.pdbx_ordinal                 1 
# 
_reflns_shell.d_res_high             2.10 
_reflns_shell.d_res_low              2.16 
_reflns_shell.percent_possible_all   93.3 
_reflns_shell.Rmerge_I_obs           0.1240000 
_reflns_shell.pdbx_Rsym_value        ? 
_reflns_shell.meanI_over_sigI_obs    11 
_reflns_shell.pdbx_redundancy        ? 
_reflns_shell.pdbx_diffrn_id         ? 
_reflns_shell.pdbx_ordinal           1 
# 
_refine.entry_id                                 1MB1 
_refine.ls_number_reflns_obs                     6469 
_refine.ls_number_reflns_all                     ? 
_refine.pdbx_ls_sigma_I                          ? 
_refine.pdbx_ls_sigma_F                          ? 
_refine.pdbx_data_cutoff_high_absF               ? 
_refine.pdbx_data_cutoff_low_absF                ? 
_refine.pdbx_data_cutoff_high_rms_absF           ? 
_refine.ls_d_res_low                             7.0 
_refine.ls_d_res_high                            2.1 
_refine.ls_percent_reflns_obs                    95 
_refine.ls_R_factor_obs                          ? 
_refine.ls_R_factor_all                          ? 
_refine.ls_R_factor_R_work                       0.2150000 
_refine.ls_R_factor_R_free                       0.2900000 
_refine.ls_R_factor_R_free_error                 ? 
_refine.ls_R_factor_R_free_error_details         ? 
_refine.ls_percent_reflns_R_free                 5 
_refine.ls_number_reflns_R_free                  353 
_refine.ls_number_parameters                     ? 
_refine.ls_number_restraints                     ? 
_refine.occupancy_min                            ? 
_refine.occupancy_max                            ? 
_refine.B_iso_mean                               27. 
_refine.aniso_B[1][1]                            ? 
_refine.aniso_B[2][2]                            ? 
_refine.aniso_B[3][3]                            ? 
_refine.aniso_B[1][2]                            ? 
_refine.aniso_B[1][3]                            ? 
_refine.aniso_B[2][3]                            ? 
_refine.solvent_model_details                    ? 
_refine.solvent_model_param_ksol                 ? 
_refine.solvent_model_param_bsol                 ? 
_refine.pdbx_ls_cross_valid_method               THROUGHOUT 
_refine.details                                  ? 
_refine.pdbx_starting_model                      ? 
_refine.pdbx_method_to_determine_struct          MAD 
_refine.pdbx_isotropic_thermal_model             ? 
_refine.pdbx_stereochemistry_target_values       ? 
_refine.pdbx_stereochem_target_val_spec_case     ? 
_refine.pdbx_R_Free_selection_details            RANDOM 
_refine.pdbx_overall_ESU_R                       ? 
_refine.pdbx_overall_ESU_R_Free                  ? 
_refine.overall_SU_ML                            ? 
_refine.overall_SU_B                             ? 
_refine.pdbx_refine_id                           'X-RAY DIFFRACTION' 
_refine.pdbx_diffrn_id                           1 
_refine.pdbx_TLS_residual_ADP_flag               ? 
_refine.correlation_coeff_Fo_to_Fc               ? 
_refine.correlation_coeff_Fo_to_Fc_free          ? 
_refine.pdbx_solvent_vdw_probe_radii             ? 
_refine.pdbx_solvent_ion_probe_radii             ? 
_refine.pdbx_solvent_shrinkage_radii             ? 
_refine.pdbx_overall_phase_error                 ? 
_refine.overall_SU_R_Cruickshank_DPI             ? 
_refine.pdbx_overall_SU_R_free_Cruickshank_DPI   ? 
_refine.pdbx_overall_SU_R_Blow_DPI               ? 
_refine.pdbx_overall_SU_R_free_Blow_DPI          ? 
# 
_refine_hist.pdbx_refine_id                   'X-RAY DIFFRACTION' 
_refine_hist.cycle_id                         LAST 
_refine_hist.pdbx_number_atoms_protein        790 
_refine_hist.pdbx_number_atoms_nucleic_acid   0 
_refine_hist.pdbx_number_atoms_ligand         0 
_refine_hist.number_atoms_solvent             60 
_refine_hist.number_atoms_total               850 
_refine_hist.d_res_high                       2.1 
_refine_hist.d_res_low                        7.0 
# 
loop_
_refine_ls_restr.type 
_refine_ls_restr.dev_ideal 
_refine_ls_restr.dev_ideal_target 
_refine_ls_restr.weight 
_refine_ls_restr.number 
_refine_ls_restr.pdbx_refine_id 
_refine_ls_restr.pdbx_restraint_function 
p_bond_d            0.016 ? ? ? 'X-RAY DIFFRACTION' ? 
p_angle_d           ?     ? ? ? 'X-RAY DIFFRACTION' ? 
p_angle_deg         ?     ? ? ? 'X-RAY DIFFRACTION' ? 
p_planar_d          ?     ? ? ? 'X-RAY DIFFRACTION' ? 
p_hb_or_metal_coord ?     ? ? ? 'X-RAY DIFFRACTION' ? 
p_mcbond_it         ?     ? ? ? 'X-RAY DIFFRACTION' ? 
p_mcangle_it        ?     ? ? ? 'X-RAY DIFFRACTION' ? 
p_scbond_it         ?     ? ? ? 'X-RAY DIFFRACTION' ? 
p_scangle_it        ?     ? ? ? 'X-RAY DIFFRACTION' ? 
p_plane_restr       ?     ? ? ? 'X-RAY DIFFRACTION' ? 
p_chiral_restr      ?     ? ? ? 'X-RAY DIFFRACTION' ? 
p_singtor_nbd       ?     ? ? ? 'X-RAY DIFFRACTION' ? 
p_multtor_nbd       ?     ? ? ? 'X-RAY DIFFRACTION' ? 
p_xhyhbond_nbd      ?     ? ? ? 'X-RAY DIFFRACTION' ? 
p_xyhbond_nbd       ?     ? ? ? 'X-RAY DIFFRACTION' ? 
p_planar_tor        ?     ? ? ? 'X-RAY DIFFRACTION' ? 
p_staggered_tor     ?     ? ? ? 'X-RAY DIFFRACTION' ? 
p_orthonormal_tor   ?     ? ? ? 'X-RAY DIFFRACTION' ? 
p_transverse_tor    ?     ? ? ? 'X-RAY DIFFRACTION' ? 
p_special_tor       ?     ? ? ? 'X-RAY DIFFRACTION' ? 
# 
_struct.entry_id                  1MB1 
_struct.title                     'MBP1 FROM SACCHAROMYCES CEREVISIAE' 
_struct.pdbx_model_details        ? 
_struct.pdbx_CASP_flag            ? 
_struct.pdbx_model_type_details   ? 
# 
_struct_keywords.entry_id        1MB1 
_struct_keywords.pdbx_keywords   'TRANSCRIPTION REGULATION' 
_struct_keywords.text            'TRANSCRIPTION REGULATION, CELL-CYCLE, TRANSCRIPTION FACTOR' 
# 
loop_
_struct_asym.id 
_struct_asym.pdbx_blank_PDB_chainid_flag 
_struct_asym.pdbx_modified 
_struct_asym.entity_id 
_struct_asym.details 
A N N 1 ? 
B N N 2 ? 
# 
_struct_ref.id                         1 
_struct_ref.db_name                    UNP 
_struct_ref.db_code                    MBP1_YEAST 
_struct_ref.entity_id                  1 
_struct_ref.pdbx_db_accession          P39678 
_struct_ref.pdbx_align_begin           1 
_struct_ref.pdbx_seq_one_letter_code   
;MSNQIYSARYSGVDVYEFIHSTGSIMKRKKDDWVNATHILKAANFAKAKRTRILEKEVLKETHEKVQGGFGKYQGTWVPL
NIAKQLAEKFSVYDQLKPLFDFTQTDGSASPPPAPKHHHASKVDRKKAIRSASTSAIMETKRNNKKAEENQFQSSKILGN
PTAAPRKRGRPVGSTRGSRRKLGVNLQRSQSDMGFPRPAIPNSSISTTQLPSIRSTMGPQSPTLGILEEERHDSRQQQPQ
QNNSAQFKEIDLEDGLSSDVEPSQQLQQVFNQNTGFVPQQQSSLIQTQQTESMATSVSSSPSLPTSPGDFADSNPFEERF
PGGGTSPIISMIPRYPVTSRPQTSDINDKVNKYLSKLVDYFISNEMKSNKSLPQVLLHPPPHSAPYIDAPIDPELHTAFH
WACSMGNLPIAEALYEAGTSIRSTNSQGQTPLMRSSLFHNSYTRRTFPRIFQLLHETVFDIDSQSQTVIHHIVKRKSTTP
SAVYYLDVVLSKIKDFSPQYRIELLLNTQDKNGDTALHIASKNGDVVFFNTLVKMGALTTISNKEGLTANEIMNQQYEQM
MIQNGTNQHVNSSNTDLNIHVNTNNIETKNDVNSMVIMSPVSPSDYITYPSQIATNISRNIPNVVNSMKQMASIYNDLHE
QHDNEIKSLQKTLKSISKTKIQVSLKTLEVLKESSKDENGEAQTNDDFEILSRLQEQNTKKLRKRLIRYKRLIKQKLEYR
QTVLLNKLIEDETQATTNNTVEKDNNTLERLELAQELTMLQLQRKNKLSSLVKKFEDNAKIHKYRRIIREGTEMNIEEVD
SSLDVILQTLIANNNKNKGAEQIITISNANSHA
;
_struct_ref.pdbx_db_isoform            ? 
# 
_struct_ref_seq.align_id                      1 
_struct_ref_seq.ref_id                        1 
_struct_ref_seq.pdbx_PDB_id_code              1MB1 
_struct_ref_seq.pdbx_strand_id                A 
_struct_ref_seq.seq_align_beg                 1 
_struct_ref_seq.pdbx_seq_align_beg_ins_code   ? 
_struct_ref_seq.seq_align_end                 124 
_struct_ref_seq.pdbx_seq_align_end_ins_code   ? 
_struct_ref_seq.pdbx_db_accession             P39678 
_struct_ref_seq.db_align_beg                  1 
_struct_ref_seq.pdbx_db_align_beg_ins_code    ? 
_struct_ref_seq.db_align_end                  124 
_struct_ref_seq.pdbx_db_align_end_ins_code    ? 
_struct_ref_seq.pdbx_auth_seq_align_beg       1 
_struct_ref_seq.pdbx_auth_seq_align_end       124 
# 
_pdbx_struct_assembly.id                   1 
_pdbx_struct_assembly.details              author_defined_assembly 
_pdbx_struct_assembly.method_details       ? 
_pdbx_struct_assembly.oligomeric_details   monomeric 
_pdbx_struct_assembly.oligomeric_count     1 
# 
_pdbx_struct_assembly_gen.assembly_id       1 
_pdbx_struct_assembly_gen.oper_expression   1 
_pdbx_struct_assembly_gen.asym_id_list      A,B 
# 
_pdbx_struct_oper_list.id                   1 
_pdbx_struct_oper_list.type                 'identity operation' 
_pdbx_struct_oper_list.name                 1_555 
_pdbx_struct_oper_list.symmetry_operation   x,y,z 
_pdbx_struct_oper_list.matrix[1][1]         1.0000000000 
_pdbx_struct_oper_list.matrix[1][2]         0.0000000000 
_pdbx_struct_oper_list.matrix[1][3]         0.0000000000 
_pdbx_struct_oper_list.vector[1]            0.0000000000 
_pdbx_struct_oper_list.matrix[2][1]         0.0000000000 
_pdbx_struct_oper_list.matrix[2][2]         1.0000000000 
_pdbx_struct_oper_list.matrix[2][3]         0.0000000000 
_pdbx_struct_oper_list.vector[2]            0.0000000000 
_pdbx_struct_oper_list.matrix[3][1]         0.0000000000 
_pdbx_struct_oper_list.matrix[3][2]         0.0000000000 
_pdbx_struct_oper_list.matrix[3][3]         1.0000000000 
_pdbx_struct_oper_list.vector[3]            0.0000000000 
# 
_struct_biol.id   1 
# 
loop_
_struct_conf.conf_type_id 
_struct_conf.id 
_struct_conf.pdbx_PDB_helix_id 
_struct_conf.beg_label_comp_id 
_struct_conf.beg_label_asym_id 
_struct_conf.beg_label_seq_id 
_struct_conf.pdbx_beg_PDB_ins_code 
_struct_conf.end_label_comp_id 
_struct_conf.end_label_asym_id 
_struct_conf.end_label_seq_id 
_struct_conf.pdbx_end_PDB_ins_code 
_struct_conf.beg_auth_comp_id 
_struct_conf.beg_auth_asym_id 
_struct_conf.beg_auth_seq_id 
_struct_conf.end_auth_comp_id 
_struct_conf.end_auth_asym_id 
_struct_conf.end_auth_seq_id 
_struct_conf.pdbx_PDB_helix_class 
_struct_conf.details 
_struct_conf.pdbx_PDB_helix_length 
HELX_P HELX_P1 1 ALA A 36 ? ALA A 43 ? ALA A 36 ALA A 43 1 ? 8  
HELX_P HELX_P2 2 LYS A 47 ? GLU A 55 ? LYS A 47 GLU A 55 1 ? 9  
HELX_P HELX_P3 3 VAL A 58 ? LYS A 60 ? VAL A 58 LYS A 60 5 ? 3  
HELX_P HELX_P4 4 LEU A 80 ? LYS A 89 ? LEU A 80 LYS A 89 1 ? 10 
HELX_P HELX_P5 5 TYR A 93 ? LEU A 96 ? TYR A 93 LEU A 96 1 ? 4  
# 
_struct_conf_type.id          HELX_P 
_struct_conf_type.criteria    ? 
_struct_conf_type.reference   ? 
# 
loop_
_struct_sheet.id 
_struct_sheet.type 
_struct_sheet.number_strands 
_struct_sheet.details 
A ? 3 ? 
B ? 2 ? 
# 
loop_
_struct_sheet_order.sheet_id 
_struct_sheet_order.range_id_1 
_struct_sheet_order.range_id_2 
_struct_sheet_order.offset 
_struct_sheet_order.sense 
A 1 2 ? anti-parallel 
A 2 3 ? anti-parallel 
B 1 2 ? anti-parallel 
# 
loop_
_struct_sheet_range.sheet_id 
_struct_sheet_range.id 
_struct_sheet_range.beg_label_comp_id 
_struct_sheet_range.beg_label_asym_id 
_struct_sheet_range.beg_label_seq_id 
_struct_sheet_range.pdbx_beg_PDB_ins_code 
_struct_sheet_range.end_label_comp_id 
_struct_sheet_range.end_label_asym_id 
_struct_sheet_range.end_label_seq_id 
_struct_sheet_range.pdbx_end_PDB_ins_code 
_struct_sheet_range.beg_auth_comp_id 
_struct_sheet_range.beg_auth_asym_id 
_struct_sheet_range.beg_auth_seq_id 
_struct_sheet_range.end_auth_comp_id 
_struct_sheet_range.end_auth_asym_id 
_struct_sheet_range.end_auth_seq_id 
A 1 ILE A 5  ? TYR A 10 ? ILE A 5  TYR A 10 
A 2 VAL A 13 ? HIS A 20 ? VAL A 13 HIS A 20 
A 3 GLY A 23 ? ARG A 28 ? GLY A 23 ARG A 28 
B 1 GLU A 64 ? VAL A 66 ? GLU A 64 VAL A 66 
B 2 GLY A 75 ? TRP A 77 ? GLY A 75 TRP A 77 
# 
loop_
_pdbx_struct_sheet_hbond.sheet_id 
_pdbx_struct_sheet_hbond.range_id_1 
_pdbx_struct_sheet_hbond.range_id_2 
_pdbx_struct_sheet_hbond.range_1_label_atom_id 
_pdbx_struct_sheet_hbond.range_1_label_comp_id 
_pdbx_struct_sheet_hbond.range_1_label_asym_id 
_pdbx_struct_sheet_hbond.range_1_label_seq_id 
_pdbx_struct_sheet_hbond.range_1_PDB_ins_code 
_pdbx_struct_sheet_hbond.range_1_auth_atom_id 
_pdbx_struct_sheet_hbond.range_1_auth_comp_id 
_pdbx_struct_sheet_hbond.range_1_auth_asym_id 
_pdbx_struct_sheet_hbond.range_1_auth_seq_id 
_pdbx_struct_sheet_hbond.range_2_label_atom_id 
_pdbx_struct_sheet_hbond.range_2_label_comp_id 
_pdbx_struct_sheet_hbond.range_2_label_asym_id 
_pdbx_struct_sheet_hbond.range_2_label_seq_id 
_pdbx_struct_sheet_hbond.range_2_PDB_ins_code 
_pdbx_struct_sheet_hbond.range_2_auth_atom_id 
_pdbx_struct_sheet_hbond.range_2_auth_comp_id 
_pdbx_struct_sheet_hbond.range_2_auth_asym_id 
_pdbx_struct_sheet_hbond.range_2_auth_seq_id 
A 1 2 O TYR A 6  ? O TYR A 6  N GLU A 17 ? N GLU A 17 
A 2 3 O TYR A 16 ? O TYR A 16 N LYS A 27 ? N LYS A 27 
B 1 2 O GLU A 64 ? O GLU A 64 N TRP A 77 ? N TRP A 77 
# 
loop_
_pdbx_validate_rmsd_angle.id 
_pdbx_validate_rmsd_angle.PDB_model_num 
_pdbx_validate_rmsd_angle.auth_atom_id_1 
_pdbx_validate_rmsd_angle.auth_asym_id_1 
_pdbx_validate_rmsd_angle.auth_comp_id_1 
_pdbx_validate_rmsd_angle.auth_seq_id_1 
_pdbx_validate_rmsd_angle.PDB_ins_code_1 
_pdbx_validate_rmsd_angle.label_alt_id_1 
_pdbx_validate_rmsd_angle.auth_atom_id_2 
_pdbx_validate_rmsd_angle.auth_asym_id_2 
_pdbx_validate_rmsd_angle.auth_comp_id_2 
_pdbx_validate_rmsd_angle.auth_seq_id_2 
_pdbx_validate_rmsd_angle.PDB_ins_code_2 
_pdbx_validate_rmsd_angle.label_alt_id_2 
_pdbx_validate_rmsd_angle.auth_atom_id_3 
_pdbx_validate_rmsd_angle.auth_asym_id_3 
_pdbx_validate_rmsd_angle.auth_comp_id_3 
_pdbx_validate_rmsd_angle.auth_seq_id_3 
_pdbx_validate_rmsd_angle.PDB_ins_code_3 
_pdbx_validate_rmsd_angle.label_alt_id_3 
_pdbx_validate_rmsd_angle.angle_value 
_pdbx_validate_rmsd_angle.angle_target_value 
_pdbx_validate_rmsd_angle.angle_deviation 
_pdbx_validate_rmsd_angle.angle_standard_deviation 
_pdbx_validate_rmsd_angle.linker_flag 
1 1 N   A GLU 17 ? ? CA A GLU 17 ? ? CB  A GLU 17 ? ? 121.62 110.60 11.02  1.80 N 
2 1 CA  A GLU 17 ? ? CB A GLU 17 ? ? CG  A GLU 17 ? ? 128.96 113.40 15.56  2.20 N 
3 1 OD1 A ASP 31 ? ? CG A ASP 31 ? ? OD2 A ASP 31 ? ? 108.54 123.30 -14.76 1.90 N 
4 1 CB  A ASP 31 ? ? CG A ASP 31 ? ? OD1 A ASP 31 ? ? 125.34 118.30 7.04   0.90 N 
5 1 CB  A ASP 31 ? ? CG A ASP 31 ? ? OD2 A ASP 31 ? ? 126.12 118.30 7.82   0.90 N 
6 1 CA  A ARG 52 ? ? CB A ARG 52 ? ? CG  A ARG 52 ? ? 126.94 113.40 13.54  2.20 N 
7 1 N   A GLY 68 ? ? CA A GLY 68 ? ? C   A GLY 68 ? ? 128.84 113.10 15.74  2.50 N 
8 1 CB  A TYR 73 ? ? CG A TYR 73 ? ? CD1 A TYR 73 ? ? 125.06 121.00 4.06   0.60 N 
9 1 CB  A VAL 92 ? ? CA A VAL 92 ? ? C   A VAL 92 ? ? 124.73 111.40 13.33  1.90 N 
# 
loop_
_pdbx_validate_torsion.id 
_pdbx_validate_torsion.PDB_model_num 
_pdbx_validate_torsion.auth_comp_id 
_pdbx_validate_torsion.auth_asym_id 
_pdbx_validate_torsion.auth_seq_id 
_pdbx_validate_torsion.PDB_ins_code 
_pdbx_validate_torsion.label_alt_id 
_pdbx_validate_torsion.phi 
_pdbx_validate_torsion.psi 
1 1 ASP A 31 ? ? -140.27 -0.08   
2 1 LYS A 56 ? ? -108.06 -89.77  
3 1 GLU A 57 ? ? -34.72  -90.49  
4 1 GLU A 61 ? ? -116.88 -169.65 
5 1 SER A 91 ? ? 27.56   68.38   
# 
loop_
_pdbx_validate_main_chain_plane.id 
_pdbx_validate_main_chain_plane.PDB_model_num 
_pdbx_validate_main_chain_plane.auth_comp_id 
_pdbx_validate_main_chain_plane.auth_asym_id 
_pdbx_validate_main_chain_plane.auth_seq_id 
_pdbx_validate_main_chain_plane.PDB_ins_code 
_pdbx_validate_main_chain_plane.label_alt_id 
_pdbx_validate_main_chain_plane.improper_torsion_angle 
1 1 TYR A 6  ? ? -13.89 
2 1 ASP A 32 ? ? -12.13 
3 1 LYS A 49 ? ? 11.01  
4 1 SER A 91 ? ? -11.17 
# 
loop_
_pdbx_unobs_or_zero_occ_residues.id 
_pdbx_unobs_or_zero_occ_residues.PDB_model_num 
_pdbx_unobs_or_zero_occ_residues.polymer_flag 
_pdbx_unobs_or_zero_occ_residues.occupancy_flag 
_pdbx_unobs_or_zero_occ_residues.auth_asym_id 
_pdbx_unobs_or_zero_occ_residues.auth_comp_id 
_pdbx_unobs_or_zero_occ_residues.auth_seq_id 
_pdbx_unobs_or_zero_occ_residues.PDB_ins_code 
_pdbx_unobs_or_zero_occ_residues.label_asym_id 
_pdbx_unobs_or_zero_occ_residues.label_comp_id 
_pdbx_unobs_or_zero_occ_residues.label_seq_id 
1  1 Y 1 A MET 1   ? A MET 1   
2  1 Y 1 A SER 2   ? A SER 2   
3  1 Y 1 A ASP 101 ? A ASP 101 
4  1 Y 1 A PHE 102 ? A PHE 102 
5  1 Y 1 A THR 103 ? A THR 103 
6  1 Y 1 A GLN 104 ? A GLN 104 
7  1 Y 1 A THR 105 ? A THR 105 
8  1 Y 1 A ASP 106 ? A ASP 106 
9  1 Y 1 A GLY 107 ? A GLY 107 
10 1 Y 1 A SER 108 ? A SER 108 
11 1 Y 1 A ALA 109 ? A ALA 109 
12 1 Y 1 A SER 110 ? A SER 110 
13 1 Y 1 A PRO 111 ? A PRO 111 
14 1 Y 1 A PRO 112 ? A PRO 112 
15 1 Y 1 A PRO 113 ? A PRO 113 
16 1 Y 1 A ALA 114 ? A ALA 114 
17 1 Y 1 A PRO 115 ? A PRO 115 
18 1 Y 1 A LYS 116 ? A LYS 116 
19 1 Y 1 A HIS 117 ? A HIS 117 
20 1 Y 1 A HIS 118 ? A HIS 118 
21 1 Y 1 A HIS 119 ? A HIS 119 
22 1 Y 1 A ALA 120 ? A ALA 120 
23 1 Y 1 A SER 121 ? A SER 121 
24 1 Y 1 A LYS 122 ? A LYS 122 
25 1 Y 1 A VAL 123 ? A VAL 123 
26 1 Y 1 A ASP 124 ? A ASP 124 
27 1 Y 1 A HIS 125 ? A HIS 125 
28 1 Y 1 A HIS 126 ? A HIS 126 
29 1 Y 1 A HIS 127 ? A HIS 127 
30 1 Y 1 A HIS 128 ? A HIS 128 
31 1 Y 1 A HIS 129 ? A HIS 129 
32 1 Y 1 A HIS 130 ? A HIS 130 
# 
loop_
_chem_comp_atom.comp_id 
_chem_comp_atom.atom_id 
_chem_comp_atom.type_symbol 
_chem_comp_atom.pdbx_aromatic_flag 
_chem_comp_atom.pdbx_stereo_config 
_chem_comp_atom.pdbx_ordinal 
ALA N    N N N 1   
ALA CA   C N S 2   
ALA C    C N N 3   
ALA O    O N N 4   
ALA CB   C N N 5   
ALA OXT  O N N 6   
ALA H    H N N 7   
ALA H2   H N N 8   
ALA HA   H N N 9   
ALA HB1  H N N 10  
ALA HB2  H N N 11  
ALA HB3  H N N 12  
ALA HXT  H N N 13  
ARG N    N N N 14  
ARG CA   C N S 15  
ARG C    C N N 16  
ARG O    O N N 17  
ARG CB   C N N 18  
ARG CG   C N N 19  
ARG CD   C N N 20  
ARG NE   N N N 21  
ARG CZ   C N N 22  
ARG NH1  N N N 23  
ARG NH2  N N N 24  
ARG OXT  O N N 25  
ARG H    H N N 26  
ARG H2   H N N 27  
ARG HA   H N N 28  
ARG HB2  H N N 29  
ARG HB3  H N N 30  
ARG HG2  H N N 31  
ARG HG3  H N N 32  
ARG HD2  H N N 33  
ARG HD3  H N N 34  
ARG HE   H N N 35  
ARG HH11 H N N 36  
ARG HH12 H N N 37  
ARG HH21 H N N 38  
ARG HH22 H N N 39  
ARG HXT  H N N 40  
ASN N    N N N 41  
ASN CA   C N S 42  
ASN C    C N N 43  
ASN O    O N N 44  
ASN CB   C N N 45  
ASN CG   C N N 46  
ASN OD1  O N N 47  
ASN ND2  N N N 48  
ASN OXT  O N N 49  
ASN H    H N N 50  
ASN H2   H N N 51  
ASN HA   H N N 52  
ASN HB2  H N N 53  
ASN HB3  H N N 54  
ASN HD21 H N N 55  
ASN HD22 H N N 56  
ASN HXT  H N N 57  
ASP N    N N N 58  
ASP CA   C N S 59  
ASP C    C N N 60  
ASP O    O N N 61  
ASP CB   C N N 62  
ASP CG   C N N 63  
ASP OD1  O N N 64  
ASP OD2  O N N 65  
ASP OXT  O N N 66  
ASP H    H N N 67  
ASP H2   H N N 68  
ASP HA   H N N 69  
ASP HB2  H N N 70  
ASP HB3  H N N 71  
ASP HD2  H N N 72  
ASP HXT  H N N 73  
GLN N    N N N 74  
GLN CA   C N S 75  
GLN C    C N N 76  
GLN O    O N N 77  
GLN CB   C N N 78  
GLN CG   C N N 79  
GLN CD   C N N 80  
GLN OE1  O N N 81  
GLN NE2  N N N 82  
GLN OXT  O N N 83  
GLN H    H N N 84  
GLN H2   H N N 85  
GLN HA   H N N 86  
GLN HB2  H N N 87  
GLN HB3  H N N 88  
GLN HG2  H N N 89  
GLN HG3  H N N 90  
GLN HE21 H N N 91  
GLN HE22 H N N 92  
GLN HXT  H N N 93  
GLU N    N N N 94  
GLU CA   C N S 95  
GLU C    C N N 96  
GLU O    O N N 97  
GLU CB   C N N 98  
GLU CG   C N N 99  
GLU CD   C N N 100 
GLU OE1  O N N 101 
GLU OE2  O N N 102 
GLU OXT  O N N 103 
GLU H    H N N 104 
GLU H2   H N N 105 
GLU HA   H N N 106 
GLU HB2  H N N 107 
GLU HB3  H N N 108 
GLU HG2  H N N 109 
GLU HG3  H N N 110 
GLU HE2  H N N 111 
GLU HXT  H N N 112 
GLY N    N N N 113 
GLY CA   C N N 114 
GLY C    C N N 115 
GLY O    O N N 116 
GLY OXT  O N N 117 
GLY H    H N N 118 
GLY H2   H N N 119 
GLY HA2  H N N 120 
GLY HA3  H N N 121 
GLY HXT  H N N 122 
HIS N    N N N 123 
HIS CA   C N S 124 
HIS C    C N N 125 
HIS O    O N N 126 
HIS CB   C N N 127 
HIS CG   C Y N 128 
HIS ND1  N Y N 129 
HIS CD2  C Y N 130 
HIS CE1  C Y N 131 
HIS NE2  N Y N 132 
HIS OXT  O N N 133 
HIS H    H N N 134 
HIS H2   H N N 135 
HIS HA   H N N 136 
HIS HB2  H N N 137 
HIS HB3  H N N 138 
HIS HD1  H N N 139 
HIS HD2  H N N 140 
HIS HE1  H N N 141 
HIS HE2  H N N 142 
HIS HXT  H N N 143 
HOH O    O N N 144 
HOH H1   H N N 145 
HOH H2   H N N 146 
ILE N    N N N 147 
ILE CA   C N S 148 
ILE C    C N N 149 
ILE O    O N N 150 
ILE CB   C N S 151 
ILE CG1  C N N 152 
ILE CG2  C N N 153 
ILE CD1  C N N 154 
ILE OXT  O N N 155 
ILE H    H N N 156 
ILE H2   H N N 157 
ILE HA   H N N 158 
ILE HB   H N N 159 
ILE HG12 H N N 160 
ILE HG13 H N N 161 
ILE HG21 H N N 162 
ILE HG22 H N N 163 
ILE HG23 H N N 164 
ILE HD11 H N N 165 
ILE HD12 H N N 166 
ILE HD13 H N N 167 
ILE HXT  H N N 168 
LEU N    N N N 169 
LEU CA   C N S 170 
LEU C    C N N 171 
LEU O    O N N 172 
LEU CB   C N N 173 
LEU CG   C N N 174 
LEU CD1  C N N 175 
LEU CD2  C N N 176 
LEU OXT  O N N 177 
LEU H    H N N 178 
LEU H2   H N N 179 
LEU HA   H N N 180 
LEU HB2  H N N 181 
LEU HB3  H N N 182 
LEU HG   H N N 183 
LEU HD11 H N N 184 
LEU HD12 H N N 185 
LEU HD13 H N N 186 
LEU HD21 H N N 187 
LEU HD22 H N N 188 
LEU HD23 H N N 189 
LEU HXT  H N N 190 
LYS N    N N N 191 
LYS CA   C N S 192 
LYS C    C N N 193 
LYS O    O N N 194 
LYS CB   C N N 195 
LYS CG   C N N 196 
LYS CD   C N N 197 
LYS CE   C N N 198 
LYS NZ   N N N 199 
LYS OXT  O N N 200 
LYS H    H N N 201 
LYS H2   H N N 202 
LYS HA   H N N 203 
LYS HB2  H N N 204 
LYS HB3  H N N 205 
LYS HG2  H N N 206 
LYS HG3  H N N 207 
LYS HD2  H N N 208 
LYS HD3  H N N 209 
LYS HE2  H N N 210 
LYS HE3  H N N 211 
LYS HZ1  H N N 212 
LYS HZ2  H N N 213 
LYS HZ3  H N N 214 
LYS HXT  H N N 215 
MET N    N N N 216 
MET CA   C N S 217 
MET C    C N N 218 
MET O    O N N 219 
MET CB   C N N 220 
MET CG   C N N 221 
MET SD   S N N 222 
MET CE   C N N 223 
MET OXT  O N N 224 
MET H    H N N 225 
MET H2   H N N 226 
MET HA   H N N 227 
MET HB2  H N N 228 
MET HB3  H N N 229 
MET HG2  H N N 230 
MET HG3  H N N 231 
MET HE1  H N N 232 
MET HE2  H N N 233 
MET HE3  H N N 234 
MET HXT  H N N 235 
PHE N    N N N 236 
PHE CA   C N S 237 
PHE C    C N N 238 
PHE O    O N N 239 
PHE CB   C N N 240 
PHE CG   C Y N 241 
PHE CD1  C Y N 242 
PHE CD2  C Y N 243 
PHE CE1  C Y N 244 
PHE CE2  C Y N 245 
PHE CZ   C Y N 246 
PHE OXT  O N N 247 
PHE H    H N N 248 
PHE H2   H N N 249 
PHE HA   H N N 250 
PHE HB2  H N N 251 
PHE HB3  H N N 252 
PHE HD1  H N N 253 
PHE HD2  H N N 254 
PHE HE1  H N N 255 
PHE HE2  H N N 256 
PHE HZ   H N N 257 
PHE HXT  H N N 258 
PRO N    N N N 259 
PRO CA   C N S 260 
PRO C    C N N 261 
PRO O    O N N 262 
PRO CB   C N N 263 
PRO CG   C N N 264 
PRO CD   C N N 265 
PRO OXT  O N N 266 
PRO H    H N N 267 
PRO HA   H N N 268 
PRO HB2  H N N 269 
PRO HB3  H N N 270 
PRO HG2  H N N 271 
PRO HG3  H N N 272 
PRO HD2  H N N 273 
PRO HD3  H N N 274 
PRO HXT  H N N 275 
SER N    N N N 276 
SER CA   C N S 277 
SER C    C N N 278 
SER O    O N N 279 
SER CB   C N N 280 
SER OG   O N N 281 
SER OXT  O N N 282 
SER H    H N N 283 
SER H2   H N N 284 
SER HA   H N N 285 
SER HB2  H N N 286 
SER HB3  H N N 287 
SER HG   H N N 288 
SER HXT  H N N 289 
THR N    N N N 290 
THR CA   C N S 291 
THR C    C N N 292 
THR O    O N N 293 
THR CB   C N R 294 
THR OG1  O N N 295 
THR CG2  C N N 296 
THR OXT  O N N 297 
THR H    H N N 298 
THR H2   H N N 299 
THR HA   H N N 300 
THR HB   H N N 301 
THR HG1  H N N 302 
THR HG21 H N N 303 
THR HG22 H N N 304 
THR HG23 H N N 305 
THR HXT  H N N 306 
TRP N    N N N 307 
TRP CA   C N S 308 
TRP C    C N N 309 
TRP O    O N N 310 
TRP CB   C N N 311 
TRP CG   C Y N 312 
TRP CD1  C Y N 313 
TRP CD2  C Y N 314 
TRP NE1  N Y N 315 
TRP CE2  C Y N 316 
TRP CE3  C Y N 317 
TRP CZ2  C Y N 318 
TRP CZ3  C Y N 319 
TRP CH2  C Y N 320 
TRP OXT  O N N 321 
TRP H    H N N 322 
TRP H2   H N N 323 
TRP HA   H N N 324 
TRP HB2  H N N 325 
TRP HB3  H N N 326 
TRP HD1  H N N 327 
TRP HE1  H N N 328 
TRP HE3  H N N 329 
TRP HZ2  H N N 330 
TRP HZ3  H N N 331 
TRP HH2  H N N 332 
TRP HXT  H N N 333 
TYR N    N N N 334 
TYR CA   C N S 335 
TYR C    C N N 336 
TYR O    O N N 337 
TYR CB   C N N 338 
TYR CG   C Y N 339 
TYR CD1  C Y N 340 
TYR CD2  C Y N 341 
TYR CE1  C Y N 342 
TYR CE2  C Y N 343 
TYR CZ   C Y N 344 
TYR OH   O N N 345 
TYR OXT  O N N 346 
TYR H    H N N 347 
TYR H2   H N N 348 
TYR HA   H N N 349 
TYR HB2  H N N 350 
TYR HB3  H N N 351 
TYR HD1  H N N 352 
TYR HD2  H N N 353 
TYR HE1  H N N 354 
TYR HE2  H N N 355 
TYR HH   H N N 356 
TYR HXT  H N N 357 
VAL N    N N N 358 
VAL CA   C N S 359 
VAL C    C N N 360 
VAL O    O N N 361 
VAL CB   C N N 362 
VAL CG1  C N N 363 
VAL CG2  C N N 364 
VAL OXT  O N N 365 
VAL H    H N N 366 
VAL H2   H N N 367 
VAL HA   H N N 368 
VAL HB   H N N 369 
VAL HG11 H N N 370 
VAL HG12 H N N 371 
VAL HG13 H N N 372 
VAL HG21 H N N 373 
VAL HG22 H N N 374 
VAL HG23 H N N 375 
VAL HXT  H N N 376 
# 
loop_
_chem_comp_bond.comp_id 
_chem_comp_bond.atom_id_1 
_chem_comp_bond.atom_id_2 
_chem_comp_bond.value_order 
_chem_comp_bond.pdbx_aromatic_flag 
_chem_comp_bond.pdbx_stereo_config 
_chem_comp_bond.pdbx_ordinal 
ALA N   CA   sing N N 1   
ALA N   H    sing N N 2   
ALA N   H2   sing N N 3   
ALA CA  C    sing N N 4   
ALA CA  CB   sing N N 5   
ALA CA  HA   sing N N 6   
ALA C   O    doub N N 7   
ALA C   OXT  sing N N 8   
ALA CB  HB1  sing N N 9   
ALA CB  HB2  sing N N 10  
ALA CB  HB3  sing N N 11  
ALA OXT HXT  sing N N 12  
ARG N   CA   sing N N 13  
ARG N   H    sing N N 14  
ARG N   H2   sing N N 15  
ARG CA  C    sing N N 16  
ARG CA  CB   sing N N 17  
ARG CA  HA   sing N N 18  
ARG C   O    doub N N 19  
ARG C   OXT  sing N N 20  
ARG CB  CG   sing N N 21  
ARG CB  HB2  sing N N 22  
ARG CB  HB3  sing N N 23  
ARG CG  CD   sing N N 24  
ARG CG  HG2  sing N N 25  
ARG CG  HG3  sing N N 26  
ARG CD  NE   sing N N 27  
ARG CD  HD2  sing N N 28  
ARG CD  HD3  sing N N 29  
ARG NE  CZ   sing N N 30  
ARG NE  HE   sing N N 31  
ARG CZ  NH1  sing N N 32  
ARG CZ  NH2  doub N N 33  
ARG NH1 HH11 sing N N 34  
ARG NH1 HH12 sing N N 35  
ARG NH2 HH21 sing N N 36  
ARG NH2 HH22 sing N N 37  
ARG OXT HXT  sing N N 38  
ASN N   CA   sing N N 39  
ASN N   H    sing N N 40  
ASN N   H2   sing N N 41  
ASN CA  C    sing N N 42  
ASN CA  CB   sing N N 43  
ASN CA  HA   sing N N 44  
ASN C   O    doub N N 45  
ASN C   OXT  sing N N 46  
ASN CB  CG   sing N N 47  
ASN CB  HB2  sing N N 48  
ASN CB  HB3  sing N N 49  
ASN CG  OD1  doub N N 50  
ASN CG  ND2  sing N N 51  
ASN ND2 HD21 sing N N 52  
ASN ND2 HD22 sing N N 53  
ASN OXT HXT  sing N N 54  
ASP N   CA   sing N N 55  
ASP N   H    sing N N 56  
ASP N   H2   sing N N 57  
ASP CA  C    sing N N 58  
ASP CA  CB   sing N N 59  
ASP CA  HA   sing N N 60  
ASP C   O    doub N N 61  
ASP C   OXT  sing N N 62  
ASP CB  CG   sing N N 63  
ASP CB  HB2  sing N N 64  
ASP CB  HB3  sing N N 65  
ASP CG  OD1  doub N N 66  
ASP CG  OD2  sing N N 67  
ASP OD2 HD2  sing N N 68  
ASP OXT HXT  sing N N 69  
GLN N   CA   sing N N 70  
GLN N   H    sing N N 71  
GLN N   H2   sing N N 72  
GLN CA  C    sing N N 73  
GLN CA  CB   sing N N 74  
GLN CA  HA   sing N N 75  
GLN C   O    doub N N 76  
GLN C   OXT  sing N N 77  
GLN CB  CG   sing N N 78  
GLN CB  HB2  sing N N 79  
GLN CB  HB3  sing N N 80  
GLN CG  CD   sing N N 81  
GLN CG  HG2  sing N N 82  
GLN CG  HG3  sing N N 83  
GLN CD  OE1  doub N N 84  
GLN CD  NE2  sing N N 85  
GLN NE2 HE21 sing N N 86  
GLN NE2 HE22 sing N N 87  
GLN OXT HXT  sing N N 88  
GLU N   CA   sing N N 89  
GLU N   H    sing N N 90  
GLU N   H2   sing N N 91  
GLU CA  C    sing N N 92  
GLU CA  CB   sing N N 93  
GLU CA  HA   sing N N 94  
GLU C   O    doub N N 95  
GLU C   OXT  sing N N 96  
GLU CB  CG   sing N N 97  
GLU CB  HB2  sing N N 98  
GLU CB  HB3  sing N N 99  
GLU CG  CD   sing N N 100 
GLU CG  HG2  sing N N 101 
GLU CG  HG3  sing N N 102 
GLU CD  OE1  doub N N 103 
GLU CD  OE2  sing N N 104 
GLU OE2 HE2  sing N N 105 
GLU OXT HXT  sing N N 106 
GLY N   CA   sing N N 107 
GLY N   H    sing N N 108 
GLY N   H2   sing N N 109 
GLY CA  C    sing N N 110 
GLY CA  HA2  sing N N 111 
GLY CA  HA3  sing N N 112 
GLY C   O    doub N N 113 
GLY C   OXT  sing N N 114 
GLY OXT HXT  sing N N 115 
HIS N   CA   sing N N 116 
HIS N   H    sing N N 117 
HIS N   H2   sing N N 118 
HIS CA  C    sing N N 119 
HIS CA  CB   sing N N 120 
HIS CA  HA   sing N N 121 
HIS C   O    doub N N 122 
HIS C   OXT  sing N N 123 
HIS CB  CG   sing N N 124 
HIS CB  HB2  sing N N 125 
HIS CB  HB3  sing N N 126 
HIS CG  ND1  sing Y N 127 
HIS CG  CD2  doub Y N 128 
HIS ND1 CE1  doub Y N 129 
HIS ND1 HD1  sing N N 130 
HIS CD2 NE2  sing Y N 131 
HIS CD2 HD2  sing N N 132 
HIS CE1 NE2  sing Y N 133 
HIS CE1 HE1  sing N N 134 
HIS NE2 HE2  sing N N 135 
HIS OXT HXT  sing N N 136 
HOH O   H1   sing N N 137 
HOH O   H2   sing N N 138 
ILE N   CA   sing N N 139 
ILE N   H    sing N N 140 
ILE N   H2   sing N N 141 
ILE CA  C    sing N N 142 
ILE CA  CB   sing N N 143 
ILE CA  HA   sing N N 144 
ILE C   O    doub N N 145 
ILE C   OXT  sing N N 146 
ILE CB  CG1  sing N N 147 
ILE CB  CG2  sing N N 148 
ILE CB  HB   sing N N 149 
ILE CG1 CD1  sing N N 150 
ILE CG1 HG12 sing N N 151 
ILE CG1 HG13 sing N N 152 
ILE CG2 HG21 sing N N 153 
ILE CG2 HG22 sing N N 154 
ILE CG2 HG23 sing N N 155 
ILE CD1 HD11 sing N N 156 
ILE CD1 HD12 sing N N 157 
ILE CD1 HD13 sing N N 158 
ILE OXT HXT  sing N N 159 
LEU N   CA   sing N N 160 
LEU N   H    sing N N 161 
LEU N   H2   sing N N 162 
LEU CA  C    sing N N 163 
LEU CA  CB   sing N N 164 
LEU CA  HA   sing N N 165 
LEU C   O    doub N N 166 
LEU C   OXT  sing N N 167 
LEU CB  CG   sing N N 168 
LEU CB  HB2  sing N N 169 
LEU CB  HB3  sing N N 170 
LEU CG  CD1  sing N N 171 
LEU CG  CD2  sing N N 172 
LEU CG  HG   sing N N 173 
LEU CD1 HD11 sing N N 174 
LEU CD1 HD12 sing N N 175 
LEU CD1 HD13 sing N N 176 
LEU CD2 HD21 sing N N 177 
LEU CD2 HD22 sing N N 178 
LEU CD2 HD23 sing N N 179 
LEU OXT HXT  sing N N 180 
LYS N   CA   sing N N 181 
LYS N   H    sing N N 182 
LYS N   H2   sing N N 183 
LYS CA  C    sing N N 184 
LYS CA  CB   sing N N 185 
LYS CA  HA   sing N N 186 
LYS C   O    doub N N 187 
LYS C   OXT  sing N N 188 
LYS CB  CG   sing N N 189 
LYS CB  HB2  sing N N 190 
LYS CB  HB3  sing N N 191 
LYS CG  CD   sing N N 192 
LYS CG  HG2  sing N N 193 
LYS CG  HG3  sing N N 194 
LYS CD  CE   sing N N 195 
LYS CD  HD2  sing N N 196 
LYS CD  HD3  sing N N 197 
LYS CE  NZ   sing N N 198 
LYS CE  HE2  sing N N 199 
LYS CE  HE3  sing N N 200 
LYS NZ  HZ1  sing N N 201 
LYS NZ  HZ2  sing N N 202 
LYS NZ  HZ3  sing N N 203 
LYS OXT HXT  sing N N 204 
MET N   CA   sing N N 205 
MET N   H    sing N N 206 
MET N   H2   sing N N 207 
MET CA  C    sing N N 208 
MET CA  CB   sing N N 209 
MET CA  HA   sing N N 210 
MET C   O    doub N N 211 
MET C   OXT  sing N N 212 
MET CB  CG   sing N N 213 
MET CB  HB2  sing N N 214 
MET CB  HB3  sing N N 215 
MET CG  SD   sing N N 216 
MET CG  HG2  sing N N 217 
MET CG  HG3  sing N N 218 
MET SD  CE   sing N N 219 
MET CE  HE1  sing N N 220 
MET CE  HE2  sing N N 221 
MET CE  HE3  sing N N 222 
MET OXT HXT  sing N N 223 
PHE N   CA   sing N N 224 
PHE N   H    sing N N 225 
PHE N   H2   sing N N 226 
PHE CA  C    sing N N 227 
PHE CA  CB   sing N N 228 
PHE CA  HA   sing N N 229 
PHE C   O    doub N N 230 
PHE C   OXT  sing N N 231 
PHE CB  CG   sing N N 232 
PHE CB  HB2  sing N N 233 
PHE CB  HB3  sing N N 234 
PHE CG  CD1  doub Y N 235 
PHE CG  CD2  sing Y N 236 
PHE CD1 CE1  sing Y N 237 
PHE CD1 HD1  sing N N 238 
PHE CD2 CE2  doub Y N 239 
PHE CD2 HD2  sing N N 240 
PHE CE1 CZ   doub Y N 241 
PHE CE1 HE1  sing N N 242 
PHE CE2 CZ   sing Y N 243 
PHE CE2 HE2  sing N N 244 
PHE CZ  HZ   sing N N 245 
PHE OXT HXT  sing N N 246 
PRO N   CA   sing N N 247 
PRO N   CD   sing N N 248 
PRO N   H    sing N N 249 
PRO CA  C    sing N N 250 
PRO CA  CB   sing N N 251 
PRO CA  HA   sing N N 252 
PRO C   O    doub N N 253 
PRO C   OXT  sing N N 254 
PRO CB  CG   sing N N 255 
PRO CB  HB2  sing N N 256 
PRO CB  HB3  sing N N 257 
PRO CG  CD   sing N N 258 
PRO CG  HG2  sing N N 259 
PRO CG  HG3  sing N N 260 
PRO CD  HD2  sing N N 261 
PRO CD  HD3  sing N N 262 
PRO OXT HXT  sing N N 263 
SER N   CA   sing N N 264 
SER N   H    sing N N 265 
SER N   H2   sing N N 266 
SER CA  C    sing N N 267 
SER CA  CB   sing N N 268 
SER CA  HA   sing N N 269 
SER C   O    doub N N 270 
SER C   OXT  sing N N 271 
SER CB  OG   sing N N 272 
SER CB  HB2  sing N N 273 
SER CB  HB3  sing N N 274 
SER OG  HG   sing N N 275 
SER OXT HXT  sing N N 276 
THR N   CA   sing N N 277 
THR N   H    sing N N 278 
THR N   H2   sing N N 279 
THR CA  C    sing N N 280 
THR CA  CB   sing N N 281 
THR CA  HA   sing N N 282 
THR C   O    doub N N 283 
THR C   OXT  sing N N 284 
THR CB  OG1  sing N N 285 
THR CB  CG2  sing N N 286 
THR CB  HB   sing N N 287 
THR OG1 HG1  sing N N 288 
THR CG2 HG21 sing N N 289 
THR CG2 HG22 sing N N 290 
THR CG2 HG23 sing N N 291 
THR OXT HXT  sing N N 292 
TRP N   CA   sing N N 293 
TRP N   H    sing N N 294 
TRP N   H2   sing N N 295 
TRP CA  C    sing N N 296 
TRP CA  CB   sing N N 297 
TRP CA  HA   sing N N 298 
TRP C   O    doub N N 299 
TRP C   OXT  sing N N 300 
TRP CB  CG   sing N N 301 
TRP CB  HB2  sing N N 302 
TRP CB  HB3  sing N N 303 
TRP CG  CD1  doub Y N 304 
TRP CG  CD2  sing Y N 305 
TRP CD1 NE1  sing Y N 306 
TRP CD1 HD1  sing N N 307 
TRP CD2 CE2  doub Y N 308 
TRP CD2 CE3  sing Y N 309 
TRP NE1 CE2  sing Y N 310 
TRP NE1 HE1  sing N N 311 
TRP CE2 CZ2  sing Y N 312 
TRP CE3 CZ3  doub Y N 313 
TRP CE3 HE3  sing N N 314 
TRP CZ2 CH2  doub Y N 315 
TRP CZ2 HZ2  sing N N 316 
TRP CZ3 CH2  sing Y N 317 
TRP CZ3 HZ3  sing N N 318 
TRP CH2 HH2  sing N N 319 
TRP OXT HXT  sing N N 320 
TYR N   CA   sing N N 321 
TYR N   H    sing N N 322 
TYR N   H2   sing N N 323 
TYR CA  C    sing N N 324 
TYR CA  CB   sing N N 325 
TYR CA  HA   sing N N 326 
TYR C   O    doub N N 327 
TYR C   OXT  sing N N 328 
TYR CB  CG   sing N N 329 
TYR CB  HB2  sing N N 330 
TYR CB  HB3  sing N N 331 
TYR CG  CD1  doub Y N 332 
TYR CG  CD2  sing Y N 333 
TYR CD1 CE1  sing Y N 334 
TYR CD1 HD1  sing N N 335 
TYR CD2 CE2  doub Y N 336 
TYR CD2 HD2  sing N N 337 
TYR CE1 CZ   doub Y N 338 
TYR CE1 HE1  sing N N 339 
TYR CE2 CZ   sing Y N 340 
TYR CE2 HE2  sing N N 341 
TYR CZ  OH   sing N N 342 
TYR OH  HH   sing N N 343 
TYR OXT HXT  sing N N 344 
VAL N   CA   sing N N 345 
VAL N   H    sing N N 346 
VAL N   H2   sing N N 347 
VAL CA  C    sing N N 348 
VAL CA  CB   sing N N 349 
VAL CA  HA   sing N N 350 
VAL C   O    doub N N 351 
VAL C   OXT  sing N N 352 
VAL CB  CG1  sing N N 353 
VAL CB  CG2  sing N N 354 
VAL CB  HB   sing N N 355 
VAL CG1 HG11 sing N N 356 
VAL CG1 HG12 sing N N 357 
VAL CG1 HG13 sing N N 358 
VAL CG2 HG21 sing N N 359 
VAL CG2 HG22 sing N N 360 
VAL CG2 HG23 sing N N 361 
VAL OXT HXT  sing N N 362 
# 
_atom_sites.entry_id                    1MB1 
_atom_sites.fract_transf_matrix[1][1]   -0.00429710 
_atom_sites.fract_transf_matrix[1][2]   -0.02283773 
_atom_sites.fract_transf_matrix[1][3]   -0.00339389 
_atom_sites.fract_transf_matrix[2][1]   -0.01196370 
_atom_sites.fract_transf_matrix[2][2]   0.00515500 
_atom_sites.fract_transf_matrix[2][3]   -0.01954075 
_atom_sites.fract_transf_matrix[3][1]   0.00679820 
_atom_sites.fract_transf_matrix[3][2]   -0.00063568 
_atom_sites.fract_transf_matrix[3][3]   -0.00432985 
_atom_sites.fract_transf_vector[1]      1.092081 
_atom_sites.fract_transf_vector[2]      0.562498 
_atom_sites.fract_transf_vector[3]      0.673552 
# 
loop_
_atom_type.symbol 
C 
N 
O 
S 
# 
loop_
_atom_site.group_PDB 
_atom_site.id 
_atom_site.type_symbol 
_atom_site.label_atom_id 
_atom_site.label_alt_id 
_atom_site.label_comp_id 
_atom_site.label_asym_id 
_atom_site.label_entity_id 
_atom_site.label_seq_id 
_atom_site.pdbx_PDB_ins_code 
_atom_site.Cartn_x 
_atom_site.Cartn_y 
_atom_site.Cartn_z 
_atom_site.occupancy 
_atom_site.B_iso_or_equiv 
_atom_site.pdbx_formal_charge 
_atom_site.auth_seq_id 
_atom_site.auth_comp_id 
_atom_site.auth_asym_id 
_atom_site.auth_atom_id 
_atom_site.pdbx_PDB_model_num 
ATOM   1   N N   . ASN A 1 3   ? -10.984 11.430  -8.857  1.00 49.40 ? 3   ASN A N   1 
ATOM   2   C CA  . ASN A 1 3   ? -10.142 10.848  -7.753  1.00 57.40 ? 3   ASN A CA  1 
ATOM   3   C C   . ASN A 1 3   ? -10.900 9.695   -7.072  1.00 55.41 ? 3   ASN A C   1 
ATOM   4   O O   . ASN A 1 3   ? -11.322 9.822   -5.926  1.00 53.80 ? 3   ASN A O   1 
ATOM   5   C CB  . ASN A 1 3   ? -9.718  11.898  -6.725  1.00 58.61 ? 3   ASN A CB  1 
ATOM   6   N N   . GLN A 1 4   ? -11.163 8.650   -7.855  1.00 52.91 ? 4   GLN A N   1 
ATOM   7   C CA  . GLN A 1 4   ? -12.069 7.595   -7.470  1.00 50.94 ? 4   GLN A CA  1 
ATOM   8   C C   . GLN A 1 4   ? -11.596 6.627   -6.390  1.00 45.55 ? 4   GLN A C   1 
ATOM   9   O O   . GLN A 1 4   ? -10.725 5.798   -6.617  1.00 46.17 ? 4   GLN A O   1 
ATOM   10  C CB  . GLN A 1 4   ? -12.538 6.798   -8.691  1.00 61.55 ? 4   GLN A CB  1 
ATOM   11  C CG  . GLN A 1 4   ? -13.971 7.032   -9.102  1.00 82.01 ? 4   GLN A CG  1 
ATOM   12  C CD  . GLN A 1 4   ? -14.842 7.939   -8.268  1.00 89.80 ? 4   GLN A CD  1 
ATOM   13  O OE1 . GLN A 1 4   ? -14.560 9.127   -8.067  1.00 96.83 ? 4   GLN A OE1 1 
ATOM   14  N NE2 . GLN A 1 4   ? -15.953 7.428   -7.743  1.00 95.16 ? 4   GLN A NE2 1 
ATOM   15  N N   . ILE A 1 5   ? -12.349 6.650   -5.286  1.00 40.29 ? 5   ILE A N   1 
ATOM   16  C CA  . ILE A 1 5   ? -12.110 5.823   -4.130  1.00 37.36 ? 5   ILE A CA  1 
ATOM   17  C C   . ILE A 1 5   ? -13.325 4.948   -3.884  1.00 37.39 ? 5   ILE A C   1 
ATOM   18  O O   . ILE A 1 5   ? -14.368 5.458   -3.497  1.00 41.87 ? 5   ILE A O   1 
ATOM   19  C CB  . ILE A 1 5   ? -11.814 6.619   -2.849  1.00 29.90 ? 5   ILE A CB  1 
ATOM   20  C CG1 . ILE A 1 5   ? -10.570 7.474   -3.010  1.00 17.22 ? 5   ILE A CG1 1 
ATOM   21  C CG2 . ILE A 1 5   ? -11.660 5.677   -1.660  1.00 18.24 ? 5   ILE A CG2 1 
ATOM   22  C CD1 . ILE A 1 5   ? -10.003 7.995   -1.719  1.00 29.68 ? 5   ILE A CD1 1 
ATOM   23  N N   . TYR A 1 6   ? -13.206 3.643   -4.070  1.00 34.38 ? 6   TYR A N   1 
ATOM   24  C CA  . TYR A 1 6   ? -14.375 2.780   -3.869  1.00 32.07 ? 6   TYR A CA  1 
ATOM   25  C C   . TYR A 1 6   ? -14.274 1.967   -2.582  1.00 24.64 ? 6   TYR A C   1 
ATOM   26  O O   . TYR A 1 6   ? -13.201 1.503   -2.189  1.00 23.06 ? 6   TYR A O   1 
ATOM   27  C CB  . TYR A 1 6   ? -14.360 1.843   -5.088  1.00 34.57 ? 6   TYR A CB  1 
ATOM   28  C CG  . TYR A 1 6   ? -14.586 2.484   -6.426  1.00 43.43 ? 6   TYR A CG  1 
ATOM   29  C CD1 . TYR A 1 6   ? -15.236 3.700   -6.611  1.00 46.16 ? 6   TYR A CD1 1 
ATOM   30  C CD2 . TYR A 1 6   ? -14.149 1.839   -7.577  1.00 45.18 ? 6   TYR A CD2 1 
ATOM   31  C CE1 . TYR A 1 6   ? -15.423 4.268   -7.860  1.00 44.77 ? 6   TYR A CE1 1 
ATOM   32  C CE2 . TYR A 1 6   ? -14.341 2.361   -8.846  1.00 48.04 ? 6   TYR A CE2 1 
ATOM   33  C CZ  . TYR A 1 6   ? -14.975 3.588   -8.971  1.00 50.86 ? 6   TYR A CZ  1 
ATOM   34  O OH  . TYR A 1 6   ? -15.175 4.120   -10.229 1.00 55.43 ? 6   TYR A OH  1 
ATOM   35  N N   . SER A 1 7   ? -15.323 1.339   -2.171  1.00 14.61 ? 7   SER A N   1 
ATOM   36  C CA  . SER A 1 7   ? -15.405 0.374   -1.089  1.00 18.53 ? 7   SER A CA  1 
ATOM   37  C C   . SER A 1 7   ? -15.375 -1.016  -1.728  1.00 22.01 ? 7   SER A C   1 
ATOM   38  O O   . SER A 1 7   ? -16.028 -1.200  -2.740  1.00 21.50 ? 7   SER A O   1 
ATOM   39  C CB  . SER A 1 7   ? -16.623 0.752   -0.298  1.00 22.72 ? 7   SER A CB  1 
ATOM   40  O OG  . SER A 1 7   ? -17.038 0.009   0.747   1.00 29.57 ? 7   SER A OG  1 
ATOM   41  N N   . ALA A 1 8   ? -14.499 -1.926  -1.236  1.00 16.04 ? 8   ALA A N   1 
ATOM   42  C CA  . ALA A 1 8   ? -14.340 -3.216  -1.801  1.00 12.16 ? 8   ALA A CA  1 
ATOM   43  C C   . ALA A 1 8   ? -14.038 -4.255  -0.723  1.00 12.64 ? 8   ALA A C   1 
ATOM   44  O O   . ALA A 1 8   ? -13.803 -3.921  0.418   1.00 13.61 ? 8   ALA A O   1 
ATOM   45  C CB  . ALA A 1 8   ? -13.232 -3.255  -2.854  1.00 10.15 ? 8   ALA A CB  1 
ATOM   46  N N   . ARG A 1 9   ? -13.961 -5.506  -1.135  1.00 12.28 ? 9   ARG A N   1 
ATOM   47  C CA  . ARG A 1 9   ? -13.582 -6.482  -0.135  1.00 14.01 ? 9   ARG A CA  1 
ATOM   48  C C   . ARG A 1 9   ? -12.824 -7.570  -0.843  1.00 8.65  ? 9   ARG A C   1 
ATOM   49  O O   . ARG A 1 9   ? -13.181 -7.994  -1.941  1.00 11.10 ? 9   ARG A O   1 
ATOM   50  C CB  . ARG A 1 9   ? -14.847 -6.933  0.619   1.00 20.00 ? 9   ARG A CB  1 
ATOM   51  C CG  . ARG A 1 9   ? -14.681 -8.189  1.466   1.00 22.07 ? 9   ARG A CG  1 
ATOM   52  C CD  . ARG A 1 9   ? -15.996 -8.512  2.244   1.00 27.33 ? 9   ARG A CD  1 
ATOM   53  N NE  . ARG A 1 9   ? -15.673 -9.534  3.212   1.00 38.14 ? 9   ARG A NE  1 
ATOM   54  C CZ  . ARG A 1 9   ? -15.977 -9.493  4.506   1.00 43.49 ? 9   ARG A CZ  1 
ATOM   55  N NH1 . ARG A 1 9   ? -16.653 -8.451  4.951   1.00 36.30 ? 9   ARG A NH1 1 
ATOM   56  N NH2 . ARG A 1 9   ? -15.592 -10.508 5.271   1.00 43.67 ? 9   ARG A NH2 1 
ATOM   57  N N   . TYR A 1 10  ? -11.740 -8.013  -0.239  1.00 12.20 ? 10  TYR A N   1 
ATOM   58  C CA  . TYR A 1 10  ? -10.937 -9.106  -0.779  1.00 16.20 ? 10  TYR A CA  1 
ATOM   59  C C   . TYR A 1 10  ? -10.504 -10.029 0.374   1.00 19.98 ? 10  TYR A C   1 
ATOM   60  O O   . TYR A 1 10  ? -9.957  -9.655  1.430   1.00 18.97 ? 10  TYR A O   1 
ATOM   61  C CB  . TYR A 1 10  ? -9.639  -8.586  -1.455  1.00 14.09 ? 10  TYR A CB  1 
ATOM   62  C CG  . TYR A 1 10  ? -9.918  -7.641  -2.611  1.00 14.37 ? 10  TYR A CG  1 
ATOM   63  C CD1 . TYR A 1 10  ? -10.033 -6.284  -2.365  1.00 15.51 ? 10  TYR A CD1 1 
ATOM   64  C CD2 . TYR A 1 10  ? -10.065 -8.114  -3.917  1.00 14.59 ? 10  TYR A CD2 1 
ATOM   65  C CE1 . TYR A 1 10  ? -10.317 -5.398  -3.384  1.00 17.60 ? 10  TYR A CE1 1 
ATOM   66  C CE2 . TYR A 1 10  ? -10.350 -7.225  -4.966  1.00 14.96 ? 10  TYR A CE2 1 
ATOM   67  C CZ  . TYR A 1 10  ? -10.461 -5.890  -4.673  1.00 15.73 ? 10  TYR A CZ  1 
ATOM   68  O OH  . TYR A 1 10  ? -10.690 -5.031  -5.697  1.00 11.51 ? 10  TYR A OH  1 
ATOM   69  N N   . SER A 1 11  ? -10.613 -11.297 0.160   1.00 28.99 ? 11  SER A N   1 
ATOM   70  C CA  . SER A 1 11  ? -10.305 -12.392 1.087   1.00 32.25 ? 11  SER A CA  1 
ATOM   71  C C   . SER A 1 11  ? -10.735 -12.146 2.513   1.00 29.29 ? 11  SER A C   1 
ATOM   72  O O   . SER A 1 11  ? -9.920  -12.243 3.437   1.00 34.09 ? 11  SER A O   1 
ATOM   73  C CB  . SER A 1 11  ? -8.831  -12.730 1.087   1.00 43.09 ? 11  SER A CB  1 
ATOM   74  O OG  . SER A 1 11  ? -7.938  -11.662 1.339   1.00 44.71 ? 11  SER A OG  1 
ATOM   75  N N   . GLY A 1 12  ? -11.957 -11.794 2.771   1.00 28.88 ? 12  GLY A N   1 
ATOM   76  C CA  . GLY A 1 12  ? -12.469 -11.398 4.051   1.00 28.06 ? 12  GLY A CA  1 
ATOM   77  C C   . GLY A 1 12  ? -12.116 -10.010 4.523   1.00 27.22 ? 12  GLY A C   1 
ATOM   78  O O   . GLY A 1 12  ? -12.623 -9.613  5.586   1.00 28.50 ? 12  GLY A O   1 
ATOM   79  N N   . VAL A 1 13  ? -11.331 -9.211  3.762   1.00 19.62 ? 13  VAL A N   1 
ATOM   80  C CA  . VAL A 1 13  ? -10.969 -7.891  4.316   1.00 14.59 ? 13  VAL A CA  1 
ATOM   81  C C   . VAL A 1 13  ? -11.647 -6.769  3.542   1.00 14.32 ? 13  VAL A C   1 
ATOM   82  O O   . VAL A 1 13  ? -11.532 -6.727  2.301   1.00 18.04 ? 13  VAL A O   1 
ATOM   83  C CB  . VAL A 1 13  ? -9.404  -7.706  4.262   1.00 16.81 ? 13  VAL A CB  1 
ATOM   84  C CG1 . VAL A 1 13  ? -9.088  -6.369  4.922   1.00 12.53 ? 13  VAL A CG1 1 
ATOM   85  C CG2 . VAL A 1 13  ? -8.760  -8.921  4.934   1.00 18.67 ? 13  VAL A CG2 1 
ATOM   86  N N   . ASP A 1 14  ? -12.305 -5.871  4.262   1.00 16.31 ? 14  ASP A N   1 
ATOM   87  C CA  . ASP A 1 14  ? -12.949 -4.712  3.659   1.00 14.47 ? 14  ASP A CA  1 
ATOM   88  C C   . ASP A 1 14  ? -11.906 -3.654  3.447   1.00 11.58 ? 14  ASP A C   1 
ATOM   89  O O   . ASP A 1 14  ? -11.107 -3.472  4.408   1.00 9.59  ? 14  ASP A O   1 
ATOM   90  C CB  . ASP A 1 14  ? -13.995 -4.125  4.683   1.00 12.56 ? 14  ASP A CB  1 
ATOM   91  C CG  . ASP A 1 14  ? -15.245 -4.975  4.639   1.00 14.39 ? 14  ASP A CG  1 
ATOM   92  O OD1 . ASP A 1 14  ? -15.561 -5.701  3.659   1.00 18.37 ? 14  ASP A OD1 1 
ATOM   93  O OD2 . ASP A 1 14  ? -15.940 -4.899  5.642   1.00 37.89 ? 14  ASP A OD2 1 
ATOM   94  N N   . VAL A 1 15  ? -11.926 -2.960  2.339   1.00 8.28  ? 15  VAL A N   1 
ATOM   95  C CA  . VAL A 1 15  ? -10.914 -1.942  2.097   1.00 13.06 ? 15  VAL A CA  1 
ATOM   96  C C   . VAL A 1 15  ? -11.559 -0.720  1.484   1.00 12.58 ? 15  VAL A C   1 
ATOM   97  O O   . VAL A 1 15  ? -12.617 -0.897  0.871   1.00 17.38 ? 15  VAL A O   1 
ATOM   98  C CB  . VAL A 1 15  ? -9.765  -2.449  1.179   1.00 13.36 ? 15  VAL A CB  1 
ATOM   99  C CG1 . VAL A 1 15  ? -8.956  -3.568  1.852   1.00 6.79  ? 15  VAL A CG1 1 
ATOM   100 C CG2 . VAL A 1 15  ? -10.253 -2.950  -0.163  1.00 11.44 ? 15  VAL A CG2 1 
ATOM   101 N N   . TYR A 1 16  ? -10.856 0.368   1.414   1.00 12.08 ? 16  TYR A N   1 
ATOM   102 C CA  . TYR A 1 16  ? -11.005 1.487   0.516   1.00 11.91 ? 16  TYR A CA  1 
ATOM   103 C C   . TYR A 1 16  ? -9.963  1.387   -0.629  1.00 16.87 ? 16  TYR A C   1 
ATOM   104 O O   . TYR A 1 16  ? -8.762  1.118   -0.343  1.00 11.91 ? 16  TYR A O   1 
ATOM   105 C CB  . TYR A 1 16  ? -10.825 2.807   1.247   1.00 12.74 ? 16  TYR A CB  1 
ATOM   106 C CG  . TYR A 1 16  ? -12.081 2.971   2.155   1.00 26.62 ? 16  TYR A CG  1 
ATOM   107 C CD1 . TYR A 1 16  ? -13.337 3.078   1.552   1.00 19.80 ? 16  TYR A CD1 1 
ATOM   108 C CD2 . TYR A 1 16  ? -11.962 3.030   3.534   1.00 20.67 ? 16  TYR A CD2 1 
ATOM   109 C CE1 . TYR A 1 16  ? -14.455 3.280   2.323   1.00 27.91 ? 16  TYR A CE1 1 
ATOM   110 C CE2 . TYR A 1 16  ? -13.104 3.215   4.311   1.00 23.69 ? 16  TYR A CE2 1 
ATOM   111 C CZ  . TYR A 1 16  ? -14.313 3.340   3.703   1.00 31.57 ? 16  TYR A CZ  1 
ATOM   112 O OH  . TYR A 1 16  ? -15.452 3.500   4.463   1.00 39.33 ? 16  TYR A OH  1 
ATOM   113 N N   . GLU A 1 17  ? -10.429 1.441   -1.872  1.00 12.12 ? 17  GLU A N   1 
ATOM   114 C CA  . GLU A 1 17  ? -9.484  1.277   -2.989  1.00 22.37 ? 17  GLU A CA  1 
ATOM   115 C C   . GLU A 1 17  ? -9.417  2.569   -3.838  1.00 23.13 ? 17  GLU A C   1 
ATOM   116 O O   . GLU A 1 17  ? -10.429 2.999   -4.397  1.00 25.20 ? 17  GLU A O   1 
ATOM   117 C CB  . GLU A 1 17  ? -9.687  0.235   -4.041  1.00 16.74 ? 17  GLU A CB  1 
ATOM   118 C CG  . GLU A 1 17  ? -10.351 -1.056  -3.934  1.00 30.68 ? 17  GLU A CG  1 
ATOM   119 C CD  . GLU A 1 17  ? -10.192 -1.847  -5.221  1.00 32.80 ? 17  GLU A CD  1 
ATOM   120 O OE1 . GLU A 1 17  ? -9.460  -1.536  -6.183  1.00 30.04 ? 17  GLU A OE1 1 
ATOM   121 O OE2 . GLU A 1 17  ? -10.905 -2.886  -5.206  1.00 34.09 ? 17  GLU A OE2 1 
ATOM   122 N N   . PHE A 1 18  ? -8.214  3.091   -3.899  1.00 28.39 ? 18  PHE A N   1 
ATOM   123 C CA  . PHE A 1 18  ? -7.960  4.342   -4.643  1.00 23.52 ? 18  PHE A CA  1 
ATOM   124 C C   . PHE A 1 18  ? -7.477  3.966   -6.030  1.00 27.58 ? 18  PHE A C   1 
ATOM   125 O O   . PHE A 1 18  ? -6.559  3.127   -6.108  1.00 25.66 ? 18  PHE A O   1 
ATOM   126 C CB  . PHE A 1 18  ? -7.065  5.275   -3.857  1.00 28.89 ? 18  PHE A CB  1 
ATOM   127 C CG  . PHE A 1 18  ? -6.613  6.464   -4.679  1.00 41.54 ? 18  PHE A CG  1 
ATOM   128 C CD1 . PHE A 1 18  ? -7.502  7.166   -5.496  1.00 44.31 ? 18  PHE A CD1 1 
ATOM   129 C CD2 . PHE A 1 18  ? -5.296  6.869   -4.661  1.00 38.76 ? 18  PHE A CD2 1 
ATOM   130 C CE1 . PHE A 1 18  ? -7.082  8.237   -6.268  1.00 37.69 ? 18  PHE A CE1 1 
ATOM   131 C CE2 . PHE A 1 18  ? -4.859  7.943   -5.414  1.00 36.71 ? 18  PHE A CE2 1 
ATOM   132 C CZ  . PHE A 1 18  ? -5.753  8.619   -6.202  1.00 43.95 ? 18  PHE A CZ  1 
ATOM   133 N N   . ILE A 1 19  ? -8.262  4.263   -7.068  1.00 25.42 ? 19  ILE A N   1 
ATOM   134 C CA  . ILE A 1 19  ? -7.839  3.894   -8.427  1.00 29.06 ? 19  ILE A CA  1 
ATOM   135 C C   . ILE A 1 19  ? -6.731  4.844   -8.910  1.00 28.17 ? 19  ILE A C   1 
ATOM   136 O O   . ILE A 1 19  ? -6.999  5.993   -9.208  1.00 29.13 ? 19  ILE A O   1 
ATOM   137 C CB  . ILE A 1 19  ? -8.950  3.959   -9.490  1.00 35.73 ? 19  ILE A CB  1 
ATOM   138 C CG1 . ILE A 1 19  ? -10.068 2.963   -9.090  1.00 42.60 ? 19  ILE A CG1 1 
ATOM   139 C CG2 . ILE A 1 19  ? -8.390  3.563   -10.849 1.00 39.55 ? 19  ILE A CG2 1 
ATOM   140 C CD1 . ILE A 1 19  ? -11.412 3.479   -9.552  1.00 49.44 ? 19  ILE A CD1 1 
ATOM   141 N N   . HIS A 1 20  ? -5.465  4.406   -8.851  1.00 30.88 ? 20  HIS A N   1 
ATOM   142 C CA  . HIS A 1 20  ? -4.433  5.430   -9.198  1.00 31.03 ? 20  HIS A CA  1 
ATOM   143 C C   . HIS A 1 20  ? -4.091  5.066   -10.626 1.00 25.73 ? 20  HIS A C   1 
ATOM   144 O O   . HIS A 1 20  ? -4.209  3.910   -11.063 1.00 25.52 ? 20  HIS A O   1 
ATOM   145 C CB  . HIS A 1 20  ? -3.268  5.376   -8.207  1.00 29.44 ? 20  HIS A CB  1 
ATOM   146 C CG  . HIS A 1 20  ? -2.145  6.357   -8.286  1.00 36.29 ? 20  HIS A CG  1 
ATOM   147 N ND1 . HIS A 1 20  ? -0.888  6.057   -8.802  1.00 23.41 ? 20  HIS A ND1 1 
ATOM   148 C CD2 . HIS A 1 20  ? -2.075  7.673   -7.914  1.00 36.32 ? 20  HIS A CD2 1 
ATOM   149 C CE1 . HIS A 1 20  ? -0.135  7.132   -8.709  1.00 26.33 ? 20  HIS A CE1 1 
ATOM   150 N NE2 . HIS A 1 20  ? -0.821  8.136   -8.190  1.00 28.74 ? 20  HIS A NE2 1 
ATOM   151 N N   . SER A 1 21  ? -3.409  5.968   -11.281 1.00 29.01 ? 21  SER A N   1 
ATOM   152 C CA  . SER A 1 21  ? -2.738  5.744   -12.572 1.00 28.06 ? 21  SER A CA  1 
ATOM   153 C C   . SER A 1 21  ? -1.932  4.464   -12.502 1.00 26.02 ? 21  SER A C   1 
ATOM   154 O O   . SER A 1 21  ? -2.057  3.674   -13.449 1.00 24.39 ? 21  SER A O   1 
ATOM   155 C CB  . SER A 1 21  ? -1.882  7.014   -12.835 1.00 27.15 ? 21  SER A CB  1 
ATOM   156 O OG  . SER A 1 21  ? -0.524  6.711   -13.142 1.00 44.00 ? 21  SER A OG  1 
ATOM   157 N N   . THR A 1 22  ? -1.167  4.149   -11.448 1.00 21.72 ? 22  THR A N   1 
ATOM   158 C CA  . THR A 1 22  ? -0.295  2.953   -11.546 1.00 27.44 ? 22  THR A CA  1 
ATOM   159 C C   . THR A 1 22  ? -0.929  1.646   -11.089 1.00 28.21 ? 22  THR A C   1 
ATOM   160 O O   . THR A 1 22  ? -0.317  0.571   -11.078 1.00 29.52 ? 22  THR A O   1 
ATOM   161 C CB  . THR A 1 22  ? 0.980   3.129   -10.677 1.00 42.09 ? 22  THR A CB  1 
ATOM   162 O OG1 . THR A 1 22  ? 0.622   3.488   -9.320  1.00 23.95 ? 22  THR A OG1 1 
ATOM   163 C CG2 . THR A 1 22  ? 1.883   4.199   -11.278 1.00 24.56 ? 22  THR A CG2 1 
ATOM   164 N N   . GLY A 1 23  ? -2.175  1.737   -10.626 1.00 27.00 ? 23  GLY A N   1 
ATOM   165 C CA  . GLY A 1 23  ? -2.859  0.514   -10.119 1.00 27.73 ? 23  GLY A CA  1 
ATOM   166 C C   . GLY A 1 23  ? -3.731  0.941   -8.936  1.00 22.44 ? 23  GLY A C   1 
ATOM   167 O O   . GLY A 1 23  ? -3.794  2.101   -8.476  1.00 24.33 ? 23  GLY A O   1 
ATOM   168 N N   . SER A 1 24  ? -4.431  -0.051  -8.441  1.00 21.70 ? 24  SER A N   1 
ATOM   169 C CA  . SER A 1 24  ? -5.255  0.211   -7.235  1.00 19.52 ? 24  SER A CA  1 
ATOM   170 C C   . SER A 1 24  ? -4.377  0.322   -5.993  1.00 12.13 ? 24  SER A C   1 
ATOM   171 O O   . SER A 1 24  ? -3.569  -0.591  -5.768  1.00 10.87 ? 24  SER A O   1 
ATOM   172 C CB  . SER A 1 24  ? -6.205  -0.992  -7.075  1.00 20.22 ? 24  SER A CB  1 
ATOM   173 O OG  . SER A 1 24  ? -7.361  -0.665  -7.818  1.00 22.85 ? 24  SER A OG  1 
ATOM   174 N N   . ILE A 1 25  ? -4.607  1.334   -5.207  1.00 14.14 ? 25  ILE A N   1 
ATOM   175 C CA  . ILE A 1 25  ? -4.055  1.383   -3.848  1.00 14.71 ? 25  ILE A CA  1 
ATOM   176 C C   . ILE A 1 25  ? -5.124  1.312   -2.743  1.00 17.18 ? 25  ILE A C   1 
ATOM   177 O O   . ILE A 1 25  ? -6.118  2.027   -2.719  1.00 16.10 ? 25  ILE A O   1 
ATOM   178 C CB  . ILE A 1 25  ? -3.288  2.684   -3.656  1.00 13.39 ? 25  ILE A CB  1 
ATOM   179 C CG1 . ILE A 1 25  ? -2.629  2.845   -2.317  1.00 9.40  ? 25  ILE A CG1 1 
ATOM   180 C CG2 . ILE A 1 25  ? -4.174  3.847   -4.055  1.00 40.75 ? 25  ILE A CG2 1 
ATOM   181 C CD1 . ILE A 1 25  ? -2.149  4.239   -2.009  1.00 39.73 ? 25  ILE A CD1 1 
ATOM   182 N N   . MET A 1 26  ? -4.852  0.440   -1.759  1.00 9.71  ? 26  MET A N   1 
ATOM   183 C CA  . MET A 1 26  ? -5.768  -0.041  -0.766  1.00 10.37 ? 26  MET A CA  1 
ATOM   184 C C   . MET A 1 26  ? -5.470  0.466   0.649   1.00 15.13 ? 26  MET A C   1 
ATOM   185 O O   . MET A 1 26  ? -4.309  0.533   1.109   1.00 9.85  ? 26  MET A O   1 
ATOM   186 C CB  . MET A 1 26  ? -5.772  -1.539  -0.762  1.00 10.34 ? 26  MET A CB  1 
ATOM   187 C CG  . MET A 1 26  ? -6.561  -2.062  -1.995  1.00 9.29  ? 26  MET A CG  1 
ATOM   188 S SD  . MET A 1 26  ? -6.723  -3.789  -2.011  1.00 12.39 ? 26  MET A SD  1 
ATOM   189 C CE  . MET A 1 26  ? -7.343  -4.125  -3.664  1.00 13.58 ? 26  MET A CE  1 
ATOM   190 N N   . LYS A 1 27  ? -6.571  0.829   1.299   1.00 16.13 ? 27  LYS A N   1 
ATOM   191 C CA  . LYS A 1 27  ? -6.533  1.099   2.752   1.00 11.56 ? 27  LYS A CA  1 
ATOM   192 C C   . LYS A 1 27  ? -7.575  0.208   3.407   1.00 11.24 ? 27  LYS A C   1 
ATOM   193 O O   . LYS A 1 27  ? -8.708  0.095   2.979   1.00 13.55 ? 27  LYS A O   1 
ATOM   194 C CB  . LYS A 1 27  ? -6.712  2.606   3.011   1.00 6.42  ? 27  LYS A CB  1 
ATOM   195 C CG  . LYS A 1 27  ? -6.840  2.818   4.546   1.00 24.42 ? 27  LYS A CG  1 
ATOM   196 C CD  . LYS A 1 27  ? -6.910  4.289   4.924   1.00 23.65 ? 27  LYS A CD  1 
ATOM   197 C CE  . LYS A 1 27  ? -8.370  4.742   4.868   1.00 31.21 ? 27  LYS A CE  1 
ATOM   198 N NZ  . LYS A 1 27  ? -8.506  6.231   4.762   1.00 32.99 ? 27  LYS A NZ  1 
ATOM   199 N N   . ARG A 1 28  ? -7.249  -0.486  4.487   1.00 8.69  ? 28  ARG A N   1 
ATOM   200 C CA  . ARG A 1 28  ? -8.074  -1.457  5.162   1.00 15.65 ? 28  ARG A CA  1 
ATOM   201 C C   . ARG A 1 28  ? -9.005  -0.660  6.151   1.00 16.31 ? 28  ARG A C   1 
ATOM   202 O O   . ARG A 1 28  ? -8.498  0.310   6.768   1.00 15.60 ? 28  ARG A O   1 
ATOM   203 C CB  . ARG A 1 28  ? -7.318  -2.412  6.007   1.00 6.87  ? 28  ARG A CB  1 
ATOM   204 C CG  . ARG A 1 28  ? -6.902  -3.745  5.546   1.00 31.10 ? 28  ARG A CG  1 
ATOM   205 C CD  . ARG A 1 28  ? -6.423  -4.719  6.575   1.00 19.29 ? 28  ARG A CD  1 
ATOM   206 N NE  . ARG A 1 28  ? -5.501  -4.305  7.637   1.00 20.59 ? 28  ARG A NE  1 
ATOM   207 C CZ  . ARG A 1 28  ? -4.446  -5.131  7.867   1.00 19.72 ? 28  ARG A CZ  1 
ATOM   208 N NH1 . ARG A 1 28  ? -4.273  -6.179  7.071   1.00 13.03 ? 28  ARG A NH1 1 
ATOM   209 N NH2 . ARG A 1 28  ? -3.605  -4.865  8.842   1.00 10.05 ? 28  ARG A NH2 1 
ATOM   210 N N   . LYS A 1 29  ? -10.289 -0.995  6.043   1.00 13.95 ? 29  LYS A N   1 
ATOM   211 C CA  . LYS A 1 29  ? -11.230 -0.271  6.921   1.00 18.57 ? 29  LYS A CA  1 
ATOM   212 C C   . LYS A 1 29  ? -11.116 -0.610  8.406   1.00 18.24 ? 29  LYS A C   1 
ATOM   213 O O   . LYS A 1 29  ? -11.309 0.326   9.191   1.00 15.18 ? 29  LYS A O   1 
ATOM   214 C CB  . LYS A 1 29  ? -12.686 -0.520  6.401   1.00 19.73 ? 29  LYS A CB  1 
ATOM   215 C CG  . LYS A 1 29  ? -12.716 0.008   4.963   1.00 20.02 ? 29  LYS A CG  1 
ATOM   216 C CD  . LYS A 1 29  ? -13.894 -0.208  4.063   1.00 32.46 ? 29  LYS A CD  1 
ATOM   217 C CE  . LYS A 1 29  ? -15.244 0.333   4.434   1.00 38.45 ? 29  LYS A CE  1 
ATOM   218 N NZ  . LYS A 1 29  ? -16.306 -0.058  3.415   1.00 32.42 ? 29  LYS A NZ  1 
ATOM   219 N N   . LYS A 1 30  ? -10.739 -1.845  8.795   1.00 14.48 ? 30  LYS A N   1 
ATOM   220 C CA  . LYS A 1 30  ? -10.642 -2.178  10.198  1.00 20.54 ? 30  LYS A CA  1 
ATOM   221 C C   . LYS A 1 30  ? -9.604  -1.403  11.007  1.00 24.30 ? 30  LYS A C   1 
ATOM   222 O O   . LYS A 1 30  ? -9.923  -1.166  12.195  1.00 14.94 ? 30  LYS A O   1 
ATOM   223 C CB  . LYS A 1 30  ? -10.495 -3.645  10.518  1.00 25.58 ? 30  LYS A CB  1 
ATOM   224 C CG  . LYS A 1 30  ? -9.284  -4.466  10.138  1.00 26.40 ? 30  LYS A CG  1 
ATOM   225 C CD  . LYS A 1 30  ? -9.311  -5.750  10.966  1.00 40.61 ? 30  LYS A CD  1 
ATOM   226 C CE  . LYS A 1 30  ? -9.816  -6.934  10.152  1.00 63.62 ? 30  LYS A CE  1 
ATOM   227 N NZ  . LYS A 1 30  ? -9.980  -8.215  10.935  1.00 61.31 ? 30  LYS A NZ  1 
ATOM   228 N N   . ASP A 1 31  ? -8.462  -1.073  10.385  1.00 16.88 ? 31  ASP A N   1 
ATOM   229 C CA  . ASP A 1 31  ? -7.377  -0.516  11.129  1.00 16.51 ? 31  ASP A CA  1 
ATOM   230 C C   . ASP A 1 31  ? -6.655  0.604   10.392  1.00 20.53 ? 31  ASP A C   1 
ATOM   231 O O   . ASP A 1 31  ? -5.725  1.164   10.997  1.00 17.92 ? 31  ASP A O   1 
ATOM   232 C CB  . ASP A 1 31  ? -6.487  -1.661  11.640  1.00 10.29 ? 31  ASP A CB  1 
ATOM   233 C CG  . ASP A 1 31  ? -5.897  -2.411  10.414  1.00 25.56 ? 31  ASP A CG  1 
ATOM   234 O OD1 . ASP A 1 31  ? -6.066  -2.092  9.225   1.00 11.15 ? 31  ASP A OD1 1 
ATOM   235 O OD2 . ASP A 1 31  ? -5.167  -3.413  10.453  1.00 12.53 ? 31  ASP A OD2 1 
ATOM   236 N N   . ASP A 1 32  ? -7.023  1.004   9.166   1.00 15.11 ? 32  ASP A N   1 
ATOM   237 C CA  . ASP A 1 32  ? -6.329  2.040   8.430   1.00 14.98 ? 32  ASP A CA  1 
ATOM   238 C C   . ASP A 1 32  ? -4.876  1.625   8.065   1.00 8.05  ? 32  ASP A C   1 
ATOM   239 O O   . ASP A 1 32  ? -4.274  2.519   7.452   1.00 13.55 ? 32  ASP A O   1 
ATOM   240 C CB  . ASP A 1 32  ? -6.248  3.436   9.081   1.00 8.81  ? 32  ASP A CB  1 
ATOM   241 C CG  . ASP A 1 32  ? -7.676  3.951   9.409   1.00 30.89 ? 32  ASP A CG  1 
ATOM   242 O OD1 . ASP A 1 32  ? -8.622  3.771   8.633   1.00 26.34 ? 32  ASP A OD1 1 
ATOM   243 O OD2 . ASP A 1 32  ? -7.983  4.510   10.505  1.00 30.11 ? 32  ASP A OD2 1 
ATOM   244 N N   . TRP A 1 33  ? -4.598  0.352   8.040   1.00 6.68  ? 33  TRP A N   1 
ATOM   245 C CA  . TRP A 1 33  ? -3.242  0.003   7.467   1.00 8.72  ? 33  TRP A CA  1 
ATOM   246 C C   . TRP A 1 33  ? -3.316  0.256   5.962   1.00 9.03  ? 33  TRP A C   1 
ATOM   247 O O   . TRP A 1 33  ? -4.414  0.075   5.394   1.00 12.20 ? 33  TRP A O   1 
ATOM   248 C CB  . TRP A 1 33  ? -2.867  -1.411  7.851   1.00 2.76  ? 33  TRP A CB  1 
ATOM   249 C CG  . TRP A 1 33  ? -2.363  -1.573  9.271   1.00 8.20  ? 33  TRP A CG  1 
ATOM   250 C CD1 . TRP A 1 33  ? -2.795  -0.890  10.406  1.00 15.33 ? 33  TRP A CD1 1 
ATOM   251 C CD2 . TRP A 1 33  ? -1.366  -2.507  9.723   1.00 13.82 ? 33  TRP A CD2 1 
ATOM   252 N NE1 . TRP A 1 33  ? -2.108  -1.331  11.508  1.00 13.08 ? 33  TRP A NE1 1 
ATOM   253 C CE2 . TRP A 1 33  ? -1.215  -2.331  11.100  1.00 17.20 ? 33  TRP A CE2 1 
ATOM   254 C CE3 . TRP A 1 33  ? -0.556  -3.451  9.068   1.00 10.72 ? 33  TRP A CE3 1 
ATOM   255 C CZ2 . TRP A 1 33  ? -0.290  -3.056  11.829  1.00 9.71  ? 33  TRP A CZ2 1 
ATOM   256 C CZ3 . TRP A 1 33  ? 0.375   -4.174  9.786   1.00 16.84 ? 33  TRP A CZ3 1 
ATOM   257 C CH2 . TRP A 1 33  ? 0.476   -3.986  11.214  1.00 13.28 ? 33  TRP A CH2 1 
ATOM   258 N N   . VAL A 1 34  ? -2.184  0.447   5.324   1.00 12.78 ? 34  VAL A N   1 
ATOM   259 C CA  . VAL A 1 34  ? -2.118  0.748   3.891   1.00 13.25 ? 34  VAL A CA  1 
ATOM   260 C C   . VAL A 1 34  ? -1.068  -0.214  3.291   1.00 13.53 ? 34  VAL A C   1 
ATOM   261 O O   . VAL A 1 34  ? -0.042  -0.607  3.874   1.00 10.20 ? 34  VAL A O   1 
ATOM   262 C CB  . VAL A 1 34  ? -1.828  2.242   3.598   1.00 15.60 ? 34  VAL A CB  1 
ATOM   263 C CG1 . VAL A 1 34  ? -1.588  2.477   2.088   1.00 7.91  ? 34  VAL A CG1 1 
ATOM   264 C CG2 . VAL A 1 34  ? -2.916  3.258   4.012   1.00 5.10  ? 34  VAL A CG2 1 
ATOM   265 N N   . ASN A 1 35  ? -1.364  -0.753  2.103   1.00 10.44 ? 35  ASN A N   1 
ATOM   266 C CA  . ASN A 1 35  ? -0.503  -1.672  1.386   1.00 10.25 ? 35  ASN A CA  1 
ATOM   267 C C   . ASN A 1 35  ? 0.743   -0.944  0.854   1.00 9.14  ? 35  ASN A C   1 
ATOM   268 O O   . ASN A 1 35  ? 0.645   -0.027  0.007   1.00 11.22 ? 35  ASN A O   1 
ATOM   269 C CB  . ASN A 1 35  ? -1.418  -2.289  0.258   1.00 15.26 ? 35  ASN A CB  1 
ATOM   270 C CG  . ASN A 1 35  ? -0.719  -3.493  -0.386  1.00 16.65 ? 35  ASN A CG  1 
ATOM   271 O OD1 . ASN A 1 35  ? -1.351  -4.514  -0.666  1.00 15.35 ? 35  ASN A OD1 1 
ATOM   272 N ND2 . ASN A 1 35  ? 0.625   -3.461  -0.608  1.00 7.71  ? 35  ASN A ND2 1 
ATOM   273 N N   . ALA A 1 36  ? 1.857   -1.040  1.536   1.00 5.39  ? 36  ALA A N   1 
ATOM   274 C CA  . ALA A 1 36  ? 3.150   -0.501  1.184   1.00 15.26 ? 36  ALA A CA  1 
ATOM   275 C C   . ALA A 1 36  ? 3.676   -0.980  -0.204  1.00 14.36 ? 36  ALA A C   1 
ATOM   276 O O   . ALA A 1 36  ? 4.267   -0.141  -0.926  1.00 11.56 ? 36  ALA A O   1 
ATOM   277 C CB  . ALA A 1 36  ? 4.196   -0.658  2.301   1.00 4.94  ? 36  ALA A CB  1 
ATOM   278 N N   . THR A 1 37  ? 3.336   -2.180  -0.634  1.00 12.49 ? 37  THR A N   1 
ATOM   279 C CA  . THR A 1 37  ? 3.646   -2.577  -2.026  1.00 9.05  ? 37  THR A CA  1 
ATOM   280 C C   . THR A 1 37  ? 2.927   -1.663  -3.030  1.00 14.11 ? 37  THR A C   1 
ATOM   281 O O   . THR A 1 37  ? 3.520   -1.153  -4.009  1.00 13.36 ? 37  THR A O   1 
ATOM   282 C CB  . THR A 1 37  ? 3.211   -4.027  -2.210  1.00 10.51 ? 37  THR A CB  1 
ATOM   283 O OG1 . THR A 1 37  ? 3.843   -4.820  -1.207  1.00 14.06 ? 37  THR A OG1 1 
ATOM   284 C CG2 . THR A 1 37  ? 3.597   -4.611  -3.612  1.00 19.30 ? 37  THR A CG2 1 
ATOM   285 N N   . HIS A 1 38  ? 1.624   -1.279  -2.779  1.00 11.63 ? 38  HIS A N   1 
ATOM   286 C CA  . HIS A 1 38  ? 0.949   -0.348  -3.620  1.00 14.38 ? 38  HIS A CA  1 
ATOM   287 C C   . HIS A 1 38  ? 1.656   1.012   -3.596  1.00 13.51 ? 38  HIS A C   1 
ATOM   288 O O   . HIS A 1 38  ? 1.626   1.733   -4.597  1.00 13.87 ? 38  HIS A O   1 
ATOM   289 C CB  . HIS A 1 38  ? -0.558  -0.125  -3.338  1.00 12.37 ? 38  HIS A CB  1 
ATOM   290 C CG  . HIS A 1 38  ? -1.400  -1.375  -3.308  1.00 18.53 ? 38  HIS A CG  1 
ATOM   291 N ND1 . HIS A 1 38  ? -1.074  -2.614  -3.833  1.00 13.56 ? 38  HIS A ND1 1 
ATOM   292 C CD2 . HIS A 1 38  ? -2.650  -1.509  -2.762  1.00 13.50 ? 38  HIS A CD2 1 
ATOM   293 C CE1 . HIS A 1 38  ? -2.057  -3.434  -3.634  1.00 13.89 ? 38  HIS A CE1 1 
ATOM   294 N NE2 . HIS A 1 38  ? -3.037  -2.805  -2.939  1.00 18.58 ? 38  HIS A NE2 1 
ATOM   295 N N   . ILE A 1 39  ? 2.005   1.591   -2.449  1.00 11.26 ? 39  ILE A N   1 
ATOM   296 C CA  . ILE A 1 39  ? 2.703   2.863   -2.432  1.00 16.91 ? 39  ILE A CA  1 
ATOM   297 C C   . ILE A 1 39  ? 3.964   2.822   -3.363  1.00 15.46 ? 39  ILE A C   1 
ATOM   298 O O   . ILE A 1 39  ? 4.253   3.734   -4.098  1.00 14.63 ? 39  ILE A O   1 
ATOM   299 C CB  . ILE A 1 39  ? 3.234   3.165   -1.005  1.00 21.49 ? 39  ILE A CB  1 
ATOM   300 C CG1 . ILE A 1 39  ? 2.143   3.233   0.082   1.00 21.94 ? 39  ILE A CG1 1 
ATOM   301 C CG2 . ILE A 1 39  ? 4.039   4.467   -1.029  1.00 7.61  ? 39  ILE A CG2 1 
ATOM   302 C CD1 . ILE A 1 39  ? 0.755   3.538   -0.475  1.00 44.61 ? 39  ILE A CD1 1 
ATOM   303 N N   . LEU A 1 40  ? 4.773   1.788   -3.205  1.00 14.86 ? 40  LEU A N   1 
ATOM   304 C CA  . LEU A 1 40  ? 5.977   1.566   -4.010  1.00 21.15 ? 40  LEU A CA  1 
ATOM   305 C C   . LEU A 1 40  ? 5.659   1.412   -5.504  1.00 21.87 ? 40  LEU A C   1 
ATOM   306 O O   . LEU A 1 40  ? 6.384   2.093   -6.287  1.00 19.19 ? 40  LEU A O   1 
ATOM   307 C CB  . LEU A 1 40  ? 6.832   0.423   -3.536  1.00 13.52 ? 40  LEU A CB  1 
ATOM   308 C CG  . LEU A 1 40  ? 7.469   0.561   -2.149  1.00 20.95 ? 40  LEU A CG  1 
ATOM   309 C CD1 . LEU A 1 40  ? 8.410   -0.599  -1.914  1.00 17.13 ? 40  LEU A CD1 1 
ATOM   310 C CD2 . LEU A 1 40  ? 8.166   1.869   -1.892  1.00 25.71 ? 40  LEU A CD2 1 
ATOM   311 N N   . LYS A 1 41  ? 4.499   0.826   -5.852  1.00 21.70 ? 41  LYS A N   1 
ATOM   312 C CA  . LYS A 1 41  ? 4.179   0.766   -7.268  1.00 24.35 ? 41  LYS A CA  1 
ATOM   313 C C   . LYS A 1 41  ? 3.823   2.183   -7.714  1.00 26.35 ? 41  LYS A C   1 
ATOM   314 O O   . LYS A 1 41  ? 4.277   2.505   -8.796  1.00 23.18 ? 41  LYS A O   1 
ATOM   315 C CB  . LYS A 1 41  ? 3.156   -0.239  -7.800  1.00 15.02 ? 41  LYS A CB  1 
ATOM   316 C CG  . LYS A 1 41  ? 3.570   -1.658  -7.374  1.00 23.94 ? 41  LYS A CG  1 
ATOM   317 C CD  . LYS A 1 41  ? 2.405   -2.639  -7.285  1.00 30.32 ? 41  LYS A CD  1 
ATOM   318 C CE  . LYS A 1 41  ? 1.449   -2.680  -8.460  1.00 39.38 ? 41  LYS A CE  1 
ATOM   319 N NZ  . LYS A 1 41  ? 0.063   -3.146  -8.060  1.00 40.76 ? 41  LYS A NZ  1 
ATOM   320 N N   . ALA A 1 42  ? 3.180   2.974   -6.864  1.00 23.71 ? 42  ALA A N   1 
ATOM   321 C CA  . ALA A 1 42  ? 2.874   4.340   -7.169  1.00 19.75 ? 42  ALA A CA  1 
ATOM   322 C C   . ALA A 1 42  ? 4.102   5.222   -7.331  1.00 25.03 ? 42  ALA A C   1 
ATOM   323 O O   . ALA A 1 42  ? 4.026   6.256   -8.009  1.00 26.57 ? 42  ALA A O   1 
ATOM   324 C CB  . ALA A 1 42  ? 1.881   4.891   -6.145  1.00 18.33 ? 42  ALA A CB  1 
ATOM   325 N N   . ALA A 1 43  ? 5.278   4.898   -6.841  1.00 21.83 ? 43  ALA A N   1 
ATOM   326 C CA  . ALA A 1 43  ? 6.480   5.675   -7.093  1.00 26.94 ? 43  ALA A CA  1 
ATOM   327 C C   . ALA A 1 43  ? 7.170   5.166   -8.370  1.00 29.67 ? 43  ALA A C   1 
ATOM   328 O O   . ALA A 1 43  ? 8.317   5.529   -8.632  1.00 35.14 ? 43  ALA A O   1 
ATOM   329 C CB  . ALA A 1 43  ? 7.427   5.466   -5.924  1.00 24.94 ? 43  ALA A CB  1 
ATOM   330 N N   . ASN A 1 44  ? 6.556   4.325   -9.162  1.00 21.55 ? 44  ASN A N   1 
ATOM   331 C CA  . ASN A 1 44  ? 7.014   3.698   -10.353 1.00 29.43 ? 44  ASN A CA  1 
ATOM   332 C C   . ASN A 1 44  ? 8.222   2.785   -10.135 1.00 29.56 ? 44  ASN A C   1 
ATOM   333 O O   . ASN A 1 44  ? 8.948   2.546   -11.118 1.00 30.09 ? 44  ASN A O   1 
ATOM   334 C CB  . ASN A 1 44  ? 7.245   4.747   -11.485 1.00 28.83 ? 44  ASN A CB  1 
ATOM   335 C CG  . ASN A 1 44  ? 5.892   5.398   -11.829 1.00 35.53 ? 44  ASN A CG  1 
ATOM   336 O OD1 . ASN A 1 44  ? 5.029   4.838   -12.523 1.00 39.80 ? 44  ASN A OD1 1 
ATOM   337 N ND2 . ASN A 1 44  ? 5.590   6.610   -11.395 1.00 35.20 ? 44  ASN A ND2 1 
ATOM   338 N N   . PHE A 1 45  ? 8.354   2.117   -8.983  1.00 20.68 ? 45  PHE A N   1 
ATOM   339 C CA  . PHE A 1 45  ? 9.429   1.181   -8.786  1.00 18.99 ? 45  PHE A CA  1 
ATOM   340 C C   . PHE A 1 45  ? 9.111   -0.202  -9.330  1.00 26.35 ? 45  PHE A C   1 
ATOM   341 O O   . PHE A 1 45  ? 8.055   -0.784  -9.032  1.00 24.18 ? 45  PHE A O   1 
ATOM   342 C CB  . PHE A 1 45  ? 9.987   1.028   -7.364  1.00 13.06 ? 45  PHE A CB  1 
ATOM   343 C CG  . PHE A 1 45  ? 10.494  2.308   -6.778  1.00 22.16 ? 45  PHE A CG  1 
ATOM   344 C CD1 . PHE A 1 45  ? 11.178  3.238   -7.572  1.00 16.75 ? 45  PHE A CD1 1 
ATOM   345 C CD2 . PHE A 1 45  ? 10.315  2.588   -5.435  1.00 15.71 ? 45  PHE A CD2 1 
ATOM   346 C CE1 . PHE A 1 45  ? 11.628  4.407   -6.988  1.00 27.26 ? 45  PHE A CE1 1 
ATOM   347 C CE2 . PHE A 1 45  ? 10.794  3.748   -4.870  1.00 21.81 ? 45  PHE A CE2 1 
ATOM   348 C CZ  . PHE A 1 45  ? 11.450  4.679   -5.655  1.00 24.90 ? 45  PHE A CZ  1 
ATOM   349 N N   . ALA A 1 46  ? 10.106  -0.757  -10.028 1.00 20.57 ? 46  ALA A N   1 
ATOM   350 C CA  . ALA A 1 46  ? 9.973   -2.102  -10.541 1.00 19.74 ? 46  ALA A CA  1 
ATOM   351 C C   . ALA A 1 46  ? 10.095  -3.112  -9.405  1.00 22.81 ? 46  ALA A C   1 
ATOM   352 O O   . ALA A 1 46  ? 10.672  -2.871  -8.302  1.00 24.57 ? 46  ALA A O   1 
ATOM   353 C CB  . ALA A 1 46  ? 11.073  -2.295  -11.583 1.00 23.58 ? 46  ALA A CB  1 
ATOM   354 N N   . LYS A 1 47  ? 9.685   -4.347  -9.681  1.00 23.17 ? 47  LYS A N   1 
ATOM   355 C CA  . LYS A 1 47  ? 9.531   -5.426  -8.727  1.00 26.60 ? 47  LYS A CA  1 
ATOM   356 C C   . LYS A 1 47  ? 10.740  -5.741  -7.869  1.00 26.53 ? 47  LYS A C   1 
ATOM   357 O O   . LYS A 1 47  ? 10.653  -5.627  -6.635  1.00 26.32 ? 47  LYS A O   1 
ATOM   358 C CB  . LYS A 1 47  ? 9.052   -6.742  -9.410  1.00 30.45 ? 47  LYS A CB  1 
ATOM   359 C CG  . LYS A 1 47  ? 9.190   -7.953  -8.507  1.00 31.71 ? 47  LYS A CG  1 
ATOM   360 C CD  . LYS A 1 47  ? 8.030   -8.923  -8.618  1.00 43.57 ? 47  LYS A CD  1 
ATOM   361 C CE  . LYS A 1 47  ? 8.130   -10.092 -7.660  1.00 40.86 ? 47  LYS A CE  1 
ATOM   362 N NZ  . LYS A 1 47  ? 7.383   -11.284 -8.172  1.00 41.33 ? 47  LYS A NZ  1 
ATOM   363 N N   . ALA A 1 48  ? 11.913  -5.990  -8.479  1.00 21.25 ? 48  ALA A N   1 
ATOM   364 C CA  . ALA A 1 48  ? 13.094  -6.227  -7.648  1.00 23.78 ? 48  ALA A CA  1 
ATOM   365 C C   . ALA A 1 48  ? 13.437  -4.988  -6.800  1.00 18.88 ? 48  ALA A C   1 
ATOM   366 O O   . ALA A 1 48  ? 14.002  -5.086  -5.674  1.00 16.80 ? 48  ALA A O   1 
ATOM   367 C CB  . ALA A 1 48  ? 14.281  -6.672  -8.499  1.00 25.41 ? 48  ALA A CB  1 
ATOM   368 N N   . LYS A 1 49  ? 13.249  -3.791  -7.419  1.00 14.10 ? 49  LYS A N   1 
ATOM   369 C CA  . LYS A 1 49  ? 13.559  -2.644  -6.510  1.00 15.70 ? 49  LYS A CA  1 
ATOM   370 C C   . LYS A 1 49  ? 12.542  -2.674  -5.322  1.00 12.32 ? 49  LYS A C   1 
ATOM   371 O O   . LYS A 1 49  ? 12.923  -2.220  -4.273  1.00 11.18 ? 49  LYS A O   1 
ATOM   372 C CB  . LYS A 1 49  ? 13.434  -1.323  -7.232  1.00 11.77 ? 49  LYS A CB  1 
ATOM   373 C CG  . LYS A 1 49  ? 13.888  -0.161  -6.384  1.00 18.20 ? 49  LYS A CG  1 
ATOM   374 C CD  . LYS A 1 49  ? 14.199  1.057   -7.233  1.00 14.78 ? 49  LYS A CD  1 
ATOM   375 C CE  . LYS A 1 49  ? 14.337  2.341   -6.413  1.00 23.53 ? 49  LYS A CE  1 
ATOM   376 N NZ  . LYS A 1 49  ? 14.846  3.446   -7.316  1.00 19.56 ? 49  LYS A NZ  1 
ATOM   377 N N   . ARG A 1 50  ? 11.228  -2.802  -5.599  1.00 16.77 ? 50  ARG A N   1 
ATOM   378 C CA  . ARG A 1 50  ? 10.225  -2.868  -4.514  1.00 18.33 ? 50  ARG A CA  1 
ATOM   379 C C   . ARG A 1 50  ? 10.562  -3.834  -3.400  1.00 17.29 ? 50  ARG A C   1 
ATOM   380 O O   . ARG A 1 50  ? 10.811  -3.418  -2.255  1.00 23.02 ? 50  ARG A O   1 
ATOM   381 C CB  . ARG A 1 50  ? 8.808   -3.224  -5.020  1.00 12.10 ? 50  ARG A CB  1 
ATOM   382 C CG  . ARG A 1 50  ? 8.084   -2.014  -5.530  1.00 26.58 ? 50  ARG A CG  1 
ATOM   383 C CD  . ARG A 1 50  ? 6.658   -2.229  -6.070  1.00 18.66 ? 50  ARG A CD  1 
ATOM   384 N NE  . ARG A 1 50  ? 6.504   -3.626  -6.534  1.00 24.30 ? 50  ARG A NE  1 
ATOM   385 C CZ  . ARG A 1 50  ? 6.300   -3.875  -7.844  1.00 20.58 ? 50  ARG A CZ  1 
ATOM   386 N NH1 . ARG A 1 50  ? 6.246   -2.877  -8.707  1.00 17.99 ? 50  ARG A NH1 1 
ATOM   387 N NH2 . ARG A 1 50  ? 6.095   -5.108  -8.292  1.00 20.22 ? 50  ARG A NH2 1 
ATOM   388 N N   . THR A 1 51  ? 10.916  -5.057  -3.706  1.00 22.91 ? 51  THR A N   1 
ATOM   389 C CA  . THR A 1 51  ? 11.469  -6.025  -2.770  1.00 22.77 ? 51  THR A CA  1 
ATOM   390 C C   . THR A 1 51  ? 12.675  -5.567  -2.003  1.00 27.13 ? 51  THR A C   1 
ATOM   391 O O   . THR A 1 51  ? 12.673  -5.712  -0.772  1.00 22.62 ? 51  THR A O   1 
ATOM   392 C CB  . THR A 1 51  ? 11.773  -7.299  -3.598  1.00 40.07 ? 51  THR A CB  1 
ATOM   393 O OG1 . THR A 1 51  ? 10.569  -7.599  -4.328  1.00 32.28 ? 51  THR A OG1 1 
ATOM   394 C CG2 . THR A 1 51  ? 12.230  -8.482  -2.785  1.00 36.33 ? 51  THR A CG2 1 
ATOM   395 N N   . ARG A 1 52  ? 13.710  -4.939  -2.632  1.00 20.01 ? 52  ARG A N   1 
ATOM   396 C CA  . ARG A 1 52  ? 14.793  -4.418  -1.820  1.00 18.18 ? 52  ARG A CA  1 
ATOM   397 C C   . ARG A 1 52  ? 14.330  -3.347  -0.830  1.00 18.66 ? 52  ARG A C   1 
ATOM   398 O O   . ARG A 1 52  ? 14.851  -3.396  0.277   1.00 19.60 ? 52  ARG A O   1 
ATOM   399 C CB  . ARG A 1 52  ? 15.873  -3.864  -2.724  1.00 19.71 ? 52  ARG A CB  1 
ATOM   400 C CG  . ARG A 1 52  ? 17.185  -3.269  -2.302  1.00 48.99 ? 52  ARG A CG  1 
ATOM   401 C CD  . ARG A 1 52  ? 17.970  -3.078  -3.632  1.00 58.97 ? 52  ARG A CD  1 
ATOM   402 N NE  . ARG A 1 52  ? 17.940  -4.382  -4.297  1.00 74.63 ? 52  ARG A NE  1 
ATOM   403 C CZ  . ARG A 1 52  ? 18.833  -4.886  -5.126  1.00 85.51 ? 52  ARG A CZ  1 
ATOM   404 N NH1 . ARG A 1 52  ? 19.896  -4.146  -5.440  1.00 94.43 ? 52  ARG A NH1 1 
ATOM   405 N NH2 . ARG A 1 52  ? 18.639  -6.102  -5.620  1.00 90.11 ? 52  ARG A NH2 1 
ATOM   406 N N   . ILE A 1 53  ? 13.502  -2.365  -1.184  1.00 16.57 ? 53  ILE A N   1 
ATOM   407 C CA  . ILE A 1 53  ? 13.082  -1.300  -0.296  1.00 19.24 ? 53  ILE A CA  1 
ATOM   408 C C   . ILE A 1 53  ? 12.193  -1.905  0.817   1.00 25.85 ? 53  ILE A C   1 
ATOM   409 O O   . ILE A 1 53  ? 12.298  -1.657  2.006   1.00 26.43 ? 53  ILE A O   1 
ATOM   410 C CB  . ILE A 1 53  ? 12.331  -0.251  -1.113  1.00 26.45 ? 53  ILE A CB  1 
ATOM   411 C CG1 . ILE A 1 53  ? 13.248  0.435   -2.150  1.00 23.23 ? 53  ILE A CG1 1 
ATOM   412 C CG2 . ILE A 1 53  ? 11.622  0.784   -0.229  1.00 17.01 ? 53  ILE A CG2 1 
ATOM   413 C CD1 . ILE A 1 53  ? 12.497  1.360   -3.114  1.00 19.68 ? 53  ILE A CD1 1 
ATOM   414 N N   . LEU A 1 54  ? 11.402  -2.917  0.450   1.00 27.02 ? 54  LEU A N   1 
ATOM   415 C CA  . LEU A 1 54  ? 10.577  -3.633  1.395   1.00 33.93 ? 54  LEU A CA  1 
ATOM   416 C C   . LEU A 1 54  ? 11.536  -4.225  2.431   1.00 36.54 ? 54  LEU A C   1 
ATOM   417 O O   . LEU A 1 54  ? 11.603  -3.848  3.601   1.00 30.69 ? 54  LEU A O   1 
ATOM   418 C CB  . LEU A 1 54  ? 9.793   -4.764  0.703   1.00 18.54 ? 54  LEU A CB  1 
ATOM   419 C CG  . LEU A 1 54  ? 8.524   -4.229  0.003   1.00 23.71 ? 54  LEU A CG  1 
ATOM   420 C CD1 . LEU A 1 54  ? 7.505   -5.303  -0.264  1.00 29.53 ? 54  LEU A CD1 1 
ATOM   421 C CD2 . LEU A 1 54  ? 7.857   -3.074  0.711   1.00 18.75 ? 54  LEU A CD2 1 
ATOM   422 N N   . GLU A 1 55  ? 12.365  -5.095  1.848   1.00 39.53 ? 55  GLU A N   1 
ATOM   423 C CA  . GLU A 1 55  ? 13.312  -5.915  2.545   1.00 44.79 ? 55  GLU A CA  1 
ATOM   424 C C   . GLU A 1 55  ? 14.394  -5.180  3.295   1.00 49.90 ? 55  GLU A C   1 
ATOM   425 O O   . GLU A 1 55  ? 15.178  -5.911  3.917   1.00 56.74 ? 55  GLU A O   1 
ATOM   426 C CB  . GLU A 1 55  ? 13.969  -6.886  1.570   1.00 53.29 ? 55  GLU A CB  1 
ATOM   427 C CG  . GLU A 1 55  ? 14.307  -8.249  2.150   1.00 57.32 ? 55  GLU A CG  1 
ATOM   428 C CD  . GLU A 1 55  ? 14.257  -9.265  1.016   1.00 63.08 ? 55  GLU A CD  1 
ATOM   429 O OE1 . GLU A 1 55  ? 15.285  -9.355  0.299   1.00 65.33 ? 55  GLU A OE1 1 
ATOM   430 O OE2 . GLU A 1 55  ? 13.193  -9.904  0.895   1.00 57.06 ? 55  GLU A OE2 1 
ATOM   431 N N   . LYS A 1 56  ? 14.535  -3.868  3.200   1.00 52.48 ? 56  LYS A N   1 
ATOM   432 C CA  . LYS A 1 56  ? 15.528  -3.200  4.037   1.00 54.38 ? 56  LYS A CA  1 
ATOM   433 C C   . LYS A 1 56  ? 14.678  -2.459  5.058   1.00 56.57 ? 56  LYS A C   1 
ATOM   434 O O   . LYS A 1 56  ? 14.140  -3.121  5.959   1.00 58.93 ? 56  LYS A O   1 
ATOM   435 C CB  . LYS A 1 56  ? 16.456  -2.281  3.262   1.00 58.72 ? 56  LYS A CB  1 
ATOM   436 C CG  . LYS A 1 56  ? 17.895  -2.808  3.307   1.00 59.90 ? 56  LYS A CG  1 
ATOM   437 C CD  . LYS A 1 56  ? 18.007  -4.137  2.564   1.00 62.59 ? 56  LYS A CD  1 
ATOM   438 C CE  . LYS A 1 56  ? 17.768  -3.939  1.074   1.00 63.56 ? 56  LYS A CE  1 
ATOM   439 N NZ  . LYS A 1 56  ? 18.116  -2.555  0.631   1.00 66.13 ? 56  LYS A NZ  1 
ATOM   440 N N   . GLU A 1 57  ? 14.340  -1.233  4.682   1.00 52.45 ? 57  GLU A N   1 
ATOM   441 C CA  . GLU A 1 57  ? 13.387  -0.440  5.406   1.00 49.15 ? 57  GLU A CA  1 
ATOM   442 C C   . GLU A 1 57  ? 12.228  -1.189  6.050   1.00 47.25 ? 57  GLU A C   1 
ATOM   443 O O   . GLU A 1 57  ? 12.300  -1.563  7.218   1.00 50.67 ? 57  GLU A O   1 
ATOM   444 C CB  . GLU A 1 57  ? 12.798  0.553   4.376   1.00 46.67 ? 57  GLU A CB  1 
ATOM   445 C CG  . GLU A 1 57  ? 13.835  1.557   3.909   1.00 60.84 ? 57  GLU A CG  1 
ATOM   446 C CD  . GLU A 1 57  ? 13.245  2.937   3.718   1.00 57.78 ? 57  GLU A CD  1 
ATOM   447 O OE1 . GLU A 1 57  ? 12.407  3.354   4.534   1.00 60.08 ? 57  GLU A OE1 1 
ATOM   448 O OE2 . GLU A 1 57  ? 13.648  3.570   2.729   1.00 61.41 ? 57  GLU A OE2 1 
ATOM   449 N N   . VAL A 1 58  ? 11.111  -1.365  5.362   1.00 42.58 ? 58  VAL A N   1 
ATOM   450 C CA  . VAL A 1 58  ? 9.807   -1.729  5.904   1.00 37.56 ? 58  VAL A CA  1 
ATOM   451 C C   . VAL A 1 58  ? 9.771   -2.935  6.802   1.00 34.04 ? 58  VAL A C   1 
ATOM   452 O O   . VAL A 1 58  ? 9.197   -2.857  7.888   1.00 34.10 ? 58  VAL A O   1 
ATOM   453 C CB  . VAL A 1 58  ? 8.764   -1.925  4.768   1.00 41.57 ? 58  VAL A CB  1 
ATOM   454 C CG1 . VAL A 1 58  ? 7.356   -2.081  5.336   1.00 35.59 ? 58  VAL A CG1 1 
ATOM   455 C CG2 . VAL A 1 58  ? 8.889   -0.780  3.791   1.00 32.76 ? 58  VAL A CG2 1 
ATOM   456 N N   . LEU A 1 59  ? 10.370  -4.061  6.440   1.00 35.11 ? 59  LEU A N   1 
ATOM   457 C CA  . LEU A 1 59  ? 10.315  -5.302  7.177   1.00 37.53 ? 59  LEU A CA  1 
ATOM   458 C C   . LEU A 1 59  ? 10.993  -5.231  8.539   1.00 35.52 ? 59  LEU A C   1 
ATOM   459 O O   . LEU A 1 59  ? 10.855  -6.188  9.311   1.00 38.06 ? 59  LEU A O   1 
ATOM   460 C CB  . LEU A 1 59  ? 10.904  -6.508  6.390   1.00 42.32 ? 59  LEU A CB  1 
ATOM   461 C CG  . LEU A 1 59  ? 9.997   -7.136  5.325   1.00 47.75 ? 59  LEU A CG  1 
ATOM   462 C CD1 . LEU A 1 59  ? 10.740  -7.676  4.112   1.00 41.19 ? 59  LEU A CD1 1 
ATOM   463 C CD2 . LEU A 1 59  ? 9.135   -8.248  5.896   1.00 43.85 ? 59  LEU A CD2 1 
ATOM   464 N N   . LYS A 1 60  ? 11.657  -4.161  8.886   1.00 33.82 ? 60  LYS A N   1 
ATOM   465 C CA  . LYS A 1 60  ? 12.259  -3.966  10.190  1.00 36.06 ? 60  LYS A CA  1 
ATOM   466 C C   . LYS A 1 60  ? 11.287  -3.202  11.090  1.00 32.56 ? 60  LYS A C   1 
ATOM   467 O O   . LYS A 1 60  ? 11.557  -3.100  12.278  1.00 34.62 ? 60  LYS A O   1 
ATOM   468 C CB  . LYS A 1 60  ? 13.560  -3.174  10.081  1.00 45.82 ? 60  LYS A CB  1 
ATOM   469 C CG  . LYS A 1 60  ? 14.360  -3.557  8.817   1.00 45.12 ? 60  LYS A CG  1 
ATOM   470 C CD  . LYS A 1 60  ? 15.334  -4.671  9.186   1.00 41.87 ? 60  LYS A CD  1 
ATOM   471 C CE  . LYS A 1 60  ? 16.554  -3.988  9.816   1.00 59.28 ? 60  LYS A CE  1 
ATOM   472 N NZ  . LYS A 1 60  ? 17.110  -2.910  8.934   1.00 54.27 ? 60  LYS A NZ  1 
ATOM   473 N N   . GLU A 1 61  ? 10.178  -2.694  10.559  1.00 28.39 ? 61  GLU A N   1 
ATOM   474 C CA  . GLU A 1 61  ? 9.217   -2.025  11.461  1.00 28.16 ? 61  GLU A CA  1 
ATOM   475 C C   . GLU A 1 61  ? 7.904   -2.822  11.425  1.00 21.73 ? 61  GLU A C   1 
ATOM   476 O O   . GLU A 1 61  ? 7.842   -3.890  10.775  1.00 24.02 ? 61  GLU A O   1 
ATOM   477 C CB  . GLU A 1 61  ? 8.940   -0.560  11.135  1.00 40.40 ? 61  GLU A CB  1 
ATOM   478 C CG  . GLU A 1 61  ? 9.403   0.516   12.105  1.00 58.75 ? 61  GLU A CG  1 
ATOM   479 C CD  . GLU A 1 61  ? 9.685   0.152   13.549  1.00 61.37 ? 61  GLU A CD  1 
ATOM   480 O OE1 . GLU A 1 61  ? 9.085   -0.782  14.132  1.00 62.47 ? 61  GLU A OE1 1 
ATOM   481 O OE2 . GLU A 1 61  ? 10.527  0.792   14.216  1.00 64.17 ? 61  GLU A OE2 1 
ATOM   482 N N   . THR A 1 62  ? 6.893   -2.222  12.015  1.00 17.35 ? 62  THR A N   1 
ATOM   483 C CA  . THR A 1 62  ? 5.629   -3.008  12.112  1.00 17.70 ? 62  THR A CA  1 
ATOM   484 C C   . THR A 1 62  ? 4.982   -3.180  10.739  1.00 14.89 ? 62  THR A C   1 
ATOM   485 O O   . THR A 1 62  ? 4.920   -2.209  9.963   1.00 13.47 ? 62  THR A O   1 
ATOM   486 C CB  . THR A 1 62  ? 4.671   -2.166  12.946  1.00 12.26 ? 62  THR A CB  1 
ATOM   487 O OG1 . THR A 1 62  ? 5.382   -2.030  14.199  1.00 22.06 ? 62  THR A OG1 1 
ATOM   488 C CG2 . THR A 1 62  ? 3.333   -2.826  13.222  1.00 9.19  ? 62  THR A CG2 1 
ATOM   489 N N   . HIS A 1 63  ? 4.462   -4.376  10.510  1.00 12.78 ? 63  HIS A N   1 
ATOM   490 C CA  . HIS A 1 63  ? 3.885   -4.637  9.195   1.00 17.78 ? 63  HIS A CA  1 
ATOM   491 C C   . HIS A 1 63  ? 3.329   -6.050  9.229   1.00 17.17 ? 63  HIS A C   1 
ATOM   492 O O   . HIS A 1 63  ? 3.644   -6.755  10.192  1.00 13.04 ? 63  HIS A O   1 
ATOM   493 C CB  . HIS A 1 63  ? 5.070   -4.605  8.143   1.00 9.68  ? 63  HIS A CB  1 
ATOM   494 C CG  . HIS A 1 63  ? 5.861   -5.850  8.216   1.00 8.46  ? 63  HIS A CG  1 
ATOM   495 N ND1 . HIS A 1 63  ? 7.048   -5.871  8.947   1.00 11.39 ? 63  HIS A ND1 1 
ATOM   496 C CD2 . HIS A 1 63  ? 5.753   -7.069  7.654   1.00 7.52  ? 63  HIS A CD2 1 
ATOM   497 C CE1 . HIS A 1 63  ? 7.607   -7.060  8.823   1.00 6.28  ? 63  HIS A CE1 1 
ATOM   498 N NE2 . HIS A 1 63  ? 6.815   -7.855  8.061   1.00 13.29 ? 63  HIS A NE2 1 
ATOM   499 N N   . GLU A 1 64  ? 2.696   -6.425  8.123   1.00 11.29 ? 64  GLU A N   1 
ATOM   500 C CA  . GLU A 1 64  ? 2.172   -7.741  7.922   1.00 11.86 ? 64  GLU A CA  1 
ATOM   501 C C   . GLU A 1 64  ? 2.453   -8.050  6.420   1.00 13.63 ? 64  GLU A C   1 
ATOM   502 O O   . GLU A 1 64  ? 1.979   -7.333  5.575   1.00 16.25 ? 64  GLU A O   1 
ATOM   503 C CB  . GLU A 1 64  ? 0.653   -7.733  8.077   1.00 14.55 ? 64  GLU A CB  1 
ATOM   504 C CG  . GLU A 1 64  ? -0.071  -9.032  7.871   1.00 30.55 ? 64  GLU A CG  1 
ATOM   505 C CD  . GLU A 1 64  ? -1.601  -8.910  7.997   1.00 40.81 ? 64  GLU A CD  1 
ATOM   506 O OE1 . GLU A 1 64  ? -2.225  -7.882  8.376   1.00 29.48 ? 64  GLU A OE1 1 
ATOM   507 O OE2 . GLU A 1 64  ? -2.142  -9.999  7.682   1.00 42.26 ? 64  GLU A OE2 1 
ATOM   508 N N   . LYS A 1 65  ? 2.956   -9.204  6.148   1.00 10.50 ? 65  LYS A N   1 
ATOM   509 C CA  . LYS A 1 65  ? 3.390   -9.572  4.795   1.00 16.15 ? 65  LYS A CA  1 
ATOM   510 C C   . LYS A 1 65  ? 2.307   -10.450 4.222   1.00 12.87 ? 65  LYS A C   1 
ATOM   511 O O   . LYS A 1 65  ? 2.222   -11.608 4.611   1.00 17.63 ? 65  LYS A O   1 
ATOM   512 C CB  . LYS A 1 65  ? 4.806   -10.216 4.782   1.00 17.56 ? 65  LYS A CB  1 
ATOM   513 C CG  . LYS A 1 65  ? 5.189   -10.487 3.310   1.00 27.23 ? 65  LYS A CG  1 
ATOM   514 C CD  . LYS A 1 65  ? 6.704   -10.447 3.132   1.00 35.81 ? 65  LYS A CD  1 
ATOM   515 C CE  . LYS A 1 65  ? 7.147   -10.887 1.737   1.00 42.76 ? 65  LYS A CE  1 
ATOM   516 N NZ  . LYS A 1 65  ? 8.440   -11.619 1.851   1.00 56.91 ? 65  LYS A NZ  1 
ATOM   517 N N   . VAL A 1 66  ? 1.393   -9.840  3.485   1.00 15.03 ? 66  VAL A N   1 
ATOM   518 C CA  . VAL A 1 66  ? 0.249   -10.684 3.052   1.00 21.76 ? 66  VAL A CA  1 
ATOM   519 C C   . VAL A 1 66  ? 0.697   -11.493 1.835   1.00 25.70 ? 66  VAL A C   1 
ATOM   520 O O   . VAL A 1 66  ? 0.816   -10.928 0.751   1.00 21.82 ? 66  VAL A O   1 
ATOM   521 C CB  . VAL A 1 66  ? -1.039  -9.898  2.793   1.00 22.58 ? 66  VAL A CB  1 
ATOM   522 C CG1 . VAL A 1 66  ? -2.140  -10.746 2.118   1.00 23.60 ? 66  VAL A CG1 1 
ATOM   523 C CG2 . VAL A 1 66  ? -1.565  -9.393  4.146   1.00 14.42 ? 66  VAL A CG2 1 
ATOM   524 N N   . GLN A 1 67  ? 0.823   -12.804 2.009   1.00 29.31 ? 67  GLN A N   1 
ATOM   525 C CA  . GLN A 1 67  ? 1.179   -13.636 0.849   1.00 42.46 ? 67  GLN A CA  1 
ATOM   526 C C   . GLN A 1 67  ? 0.131   -14.746 0.665   1.00 51.25 ? 67  GLN A C   1 
ATOM   527 O O   . GLN A 1 67  ? -0.208  -15.424 1.657   1.00 53.07 ? 67  GLN A O   1 
ATOM   528 C CB  . GLN A 1 67  ? 2.574   -14.186 1.067   1.00 23.64 ? 67  GLN A CB  1 
ATOM   529 N N   . GLY A 1 68  ? -0.436  -14.890 -0.542  1.00 54.16 ? 68  GLY A N   1 
ATOM   530 C CA  . GLY A 1 68  ? -1.283  -16.008 -0.859  1.00 56.71 ? 68  GLY A CA  1 
ATOM   531 C C   . GLY A 1 68  ? -2.633  -16.010 -1.516  1.00 56.63 ? 68  GLY A C   1 
ATOM   532 O O   . GLY A 1 68  ? -3.233  -17.107 -1.700  1.00 60.88 ? 68  GLY A O   1 
ATOM   533 N N   . GLY A 1 69  ? -3.237  -14.869 -1.824  1.00 52.25 ? 69  GLY A N   1 
ATOM   534 C CA  . GLY A 1 69  ? -4.586  -14.768 -2.338  1.00 46.64 ? 69  GLY A CA  1 
ATOM   535 C C   . GLY A 1 69  ? -4.798  -13.789 -3.481  1.00 42.23 ? 69  GLY A C   1 
ATOM   536 O O   . GLY A 1 69  ? -4.057  -13.739 -4.475  1.00 39.30 ? 69  GLY A O   1 
ATOM   537 N N   . PHE A 1 70  ? -5.850  -12.980 -3.383  1.00 39.27 ? 70  PHE A N   1 
ATOM   538 C CA  . PHE A 1 70  ? -6.134  -12.041 -4.448  1.00 38.49 ? 70  PHE A CA  1 
ATOM   539 C C   . PHE A 1 70  ? -4.911  -11.177 -4.739  1.00 43.23 ? 70  PHE A C   1 
ATOM   540 O O   . PHE A 1 70  ? -4.492  -10.274 -3.965  1.00 42.95 ? 70  PHE A O   1 
ATOM   541 C CB  . PHE A 1 70  ? -7.380  -11.148 -4.205  1.00 51.17 ? 70  PHE A CB  1 
ATOM   542 C CG  . PHE A 1 70  ? -8.300  -11.277 -5.405  1.00 50.31 ? 70  PHE A CG  1 
ATOM   543 C CD1 . PHE A 1 70  ? -8.141  -10.483 -6.521  1.00 61.79 ? 70  PHE A CD1 1 
ATOM   544 C CD2 . PHE A 1 70  ? -9.298  -12.219 -5.430  1.00 53.78 ? 70  PHE A CD2 1 
ATOM   545 C CE1 . PHE A 1 70  ? -8.977  -10.627 -7.611  1.00 65.46 ? 70  PHE A CE1 1 
ATOM   546 C CE2 . PHE A 1 70  ? -10.160 -12.397 -6.488  1.00 43.28 ? 70  PHE A CE2 1 
ATOM   547 C CZ  . PHE A 1 70  ? -9.971  -11.586 -7.584  1.00 63.79 ? 70  PHE A CZ  1 
ATOM   548 N N   . GLY A 1 71  ? -4.497  -11.261 -6.010  1.00 32.87 ? 71  GLY A N   1 
ATOM   549 C CA  . GLY A 1 71  ? -3.417  -10.534 -6.562  1.00 28.16 ? 71  GLY A CA  1 
ATOM   550 C C   . GLY A 1 71  ? -3.252  -9.097  -6.180  1.00 29.74 ? 71  GLY A C   1 
ATOM   551 O O   . GLY A 1 71  ? -2.154  -8.654  -5.740  1.00 29.93 ? 71  GLY A O   1 
ATOM   552 N N   . LYS A 1 72  ? -4.407  -8.383  -6.173  1.00 26.94 ? 72  LYS A N   1 
ATOM   553 C CA  . LYS A 1 72  ? -4.257  -6.944  -5.882  1.00 25.07 ? 72  LYS A CA  1 
ATOM   554 C C   . LYS A 1 72  ? -4.445  -6.571  -4.426  1.00 20.13 ? 72  LYS A C   1 
ATOM   555 O O   . LYS A 1 72  ? -4.360  -5.374  -4.084  1.00 25.01 ? 72  LYS A O   1 
ATOM   556 C CB  . LYS A 1 72  ? -5.086  -6.172  -6.854  1.00 36.42 ? 72  LYS A CB  1 
ATOM   557 C CG  . LYS A 1 72  ? -6.547  -6.459  -7.050  1.00 32.11 ? 72  LYS A CG  1 
ATOM   558 C CD  . LYS A 1 72  ? -7.109  -5.138  -7.597  1.00 39.83 ? 72  LYS A CD  1 
ATOM   559 C CE  . LYS A 1 72  ? -8.531  -5.341  -8.044  1.00 30.30 ? 72  LYS A CE  1 
ATOM   560 N NZ  . LYS A 1 72  ? -9.100  -3.944  -8.270  1.00 27.97 ? 72  LYS A NZ  1 
ATOM   561 N N   . TYR A 1 73  ? -4.636  -7.561  -3.583  1.00 19.45 ? 73  TYR A N   1 
ATOM   562 C CA  . TYR A 1 73  ? -4.717  -7.362  -2.145  1.00 19.98 ? 73  TYR A CA  1 
ATOM   563 C C   . TYR A 1 73  ? -3.318  -7.621  -1.542  1.00 16.75 ? 73  TYR A C   1 
ATOM   564 O O   . TYR A 1 73  ? -2.946  -7.202  -0.450  1.00 9.48  ? 73  TYR A O   1 
ATOM   565 C CB  . TYR A 1 73  ? -5.782  -8.219  -1.478  1.00 14.00 ? 73  TYR A CB  1 
ATOM   566 C CG  . TYR A 1 73  ? -5.844  -8.015  0.023   1.00 19.92 ? 73  TYR A CG  1 
ATOM   567 C CD1 . TYR A 1 73  ? -6.493  -6.978  0.654   1.00 21.41 ? 73  TYR A CD1 1 
ATOM   568 C CD2 . TYR A 1 73  ? -5.224  -8.942  0.845   1.00 26.58 ? 73  TYR A CD2 1 
ATOM   569 C CE1 . TYR A 1 73  ? -6.528  -6.822  2.032   1.00 24.23 ? 73  TYR A CE1 1 
ATOM   570 C CE2 . TYR A 1 73  ? -5.233  -8.840  2.221   1.00 31.57 ? 73  TYR A CE2 1 
ATOM   571 C CZ  . TYR A 1 73  ? -5.892  -7.774  2.819   1.00 30.69 ? 73  TYR A CZ  1 
ATOM   572 O OH  . TYR A 1 73  ? -5.845  -7.707  4.203   1.00 28.99 ? 73  TYR A OH  1 
ATOM   573 N N   . GLN A 1 74  ? -2.623  -8.596  -2.135  1.00 13.50 ? 74  GLN A N   1 
ATOM   574 C CA  . GLN A 1 74  ? -1.342  -9.083  -1.655  1.00 13.89 ? 74  GLN A CA  1 
ATOM   575 C C   . GLN A 1 74  ? -0.308  -7.988  -1.429  1.00 6.11  ? 74  GLN A C   1 
ATOM   576 O O   . GLN A 1 74  ? -0.371  -7.026  -2.155  1.00 7.69  ? 74  GLN A O   1 
ATOM   577 C CB  . GLN A 1 74  ? -0.621  -9.947  -2.742  1.00 28.26 ? 74  GLN A CB  1 
ATOM   578 C CG  . GLN A 1 74  ? -1.070  -11.375 -2.517  1.00 48.60 ? 74  GLN A CG  1 
ATOM   579 C CD  . GLN A 1 74  ? -0.624  -12.392 -3.544  1.00 60.46 ? 74  GLN A CD  1 
ATOM   580 O OE1 . GLN A 1 74  ? 0.356   -12.173 -4.256  1.00 59.49 ? 74  GLN A OE1 1 
ATOM   581 N NE2 . GLN A 1 74  ? -1.378  -13.491 -3.576  1.00 63.58 ? 74  GLN A NE2 1 
ATOM   582 N N   . GLY A 1 75  ? 0.706   -8.304  -0.615  1.00 12.18 ? 75  GLY A N   1 
ATOM   583 C CA  . GLY A 1 75  ? 1.783   -7.350  -0.407  1.00 13.85 ? 75  GLY A CA  1 
ATOM   584 C C   . GLY A 1 75  ? 1.971   -7.070  1.116   1.00 13.43 ? 75  GLY A C   1 
ATOM   585 O O   . GLY A 1 75  ? 1.557   -7.875  1.976   1.00 5.69  ? 75  GLY A O   1 
ATOM   586 N N   . THR A 1 76  ? 2.889   -6.125  1.302   1.00 8.05  ? 76  THR A N   1 
ATOM   587 C CA  . THR A 1 76  ? 3.253   -5.725  2.670   1.00 15.85 ? 76  THR A CA  1 
ATOM   588 C C   . THR A 1 76  ? 2.418   -4.591  3.208   1.00 13.25 ? 76  THR A C   1 
ATOM   589 O O   . THR A 1 76  ? 2.370   -3.513  2.644   1.00 12.98 ? 76  THR A O   1 
ATOM   590 C CB  . THR A 1 76  ? 4.757   -5.400  2.760   1.00 15.92 ? 76  THR A CB  1 
ATOM   591 O OG1 . THR A 1 76  ? 5.382   -6.689  2.532   1.00 12.21 ? 76  THR A OG1 1 
ATOM   592 C CG2 . THR A 1 76  ? 5.193   -5.029  4.169   1.00 9.82  ? 76  THR A CG2 1 
ATOM   593 N N   . TRP A 1 77  ? 1.678   -4.815  4.279   1.00 12.07 ? 77  TRP A N   1 
ATOM   594 C CA  . TRP A 1 77  ? 0.786   -3.769  4.822   1.00 6.65  ? 77  TRP A CA  1 
ATOM   595 C C   . TRP A 1 77  ? 1.348   -3.170  6.087   1.00 7.94  ? 77  TRP A C   1 
ATOM   596 O O   . TRP A 1 77  ? 2.015   -3.835  6.851   1.00 6.54  ? 77  TRP A O   1 
ATOM   597 C CB  . TRP A 1 77  ? -0.500  -4.517  5.192   1.00 7.81  ? 77  TRP A CB  1 
ATOM   598 C CG  . TRP A 1 77  ? -1.339  -4.940  4.021   1.00 5.33  ? 77  TRP A CG  1 
ATOM   599 C CD1 . TRP A 1 77  ? -1.146  -6.088  3.276   1.00 8.83  ? 77  TRP A CD1 1 
ATOM   600 C CD2 . TRP A 1 77  ? -2.400  -4.243  3.419   1.00 3.53  ? 77  TRP A CD2 1 
ATOM   601 N NE1 . TRP A 1 77  ? -2.102  -6.176  2.280   1.00 7.41  ? 77  TRP A NE1 1 
ATOM   602 C CE2 . TRP A 1 77  ? -2.878  -5.040  2.350   1.00 9.08  ? 77  TRP A CE2 1 
ATOM   603 C CE3 . TRP A 1 77  ? -3.070  -3.041  3.725   1.00 5.31  ? 77  TRP A CE3 1 
ATOM   604 C CZ2 . TRP A 1 77  ? -3.981  -4.678  1.578   1.00 12.07 ? 77  TRP A CZ2 1 
ATOM   605 C CZ3 . TRP A 1 77  ? -4.158  -2.655  2.910   1.00 7.48  ? 77  TRP A CZ3 1 
ATOM   606 C CH2 . TRP A 1 77  ? -4.584  -3.477  1.862   1.00 2.76  ? 77  TRP A CH2 1 
ATOM   607 N N   . VAL A 1 78  ? 1.225   -1.896  6.354   1.00 11.34 ? 78  VAL A N   1 
ATOM   608 C CA  . VAL A 1 78  ? 1.807   -1.198  7.473   1.00 11.01 ? 78  VAL A CA  1 
ATOM   609 C C   . VAL A 1 78  ? 0.819   -0.198  8.033   1.00 8.60  ? 78  VAL A C   1 
ATOM   610 O O   . VAL A 1 78  ? -0.091  0.277   7.315   1.00 8.69  ? 78  VAL A O   1 
ATOM   611 C CB  . VAL A 1 78  ? 3.127   -0.432  7.109   1.00 11.85 ? 78  VAL A CB  1 
ATOM   612 C CG1 . VAL A 1 78  ? 4.196   -1.374  6.569   1.00 9.90  ? 78  VAL A CG1 1 
ATOM   613 C CG2 . VAL A 1 78  ? 2.824   0.637   6.110   1.00 11.25 ? 78  VAL A CG2 1 
ATOM   614 N N   . PRO A 1 79  ? 0.975   0.142   9.301   1.00 12.02 ? 79  PRO A N   1 
ATOM   615 C CA  . PRO A 1 79  ? 0.157   1.209   9.894   1.00 13.83 ? 79  PRO A CA  1 
ATOM   616 C C   . PRO A 1 79  ? 0.041   2.485   9.091   1.00 16.84 ? 79  PRO A C   1 
ATOM   617 O O   . PRO A 1 79  ? 1.025   2.837   8.408   1.00 18.42 ? 79  PRO A O   1 
ATOM   618 C CB  . PRO A 1 79  ? 0.890   1.466   11.242  1.00 14.76 ? 79  PRO A CB  1 
ATOM   619 C CG  . PRO A 1 79  ? 1.560   0.195   11.562  1.00 15.30 ? 79  PRO A CG  1 
ATOM   620 C CD  . PRO A 1 79  ? 2.073   -0.312  10.185  1.00 11.35 ? 79  PRO A CD  1 
ATOM   621 N N   . LEU A 1 80  ? -1.054  3.248   9.146   1.00 20.05 ? 80  LEU A N   1 
ATOM   622 C CA  . LEU A 1 80  ? -1.190  4.506   8.449   1.00 20.13 ? 80  LEU A CA  1 
ATOM   623 C C   . LEU A 1 80  ? -0.071  5.526   8.558   1.00 21.67 ? 80  LEU A C   1 
ATOM   624 O O   . LEU A 1 80  ? 0.391   6.075   7.559   1.00 19.16 ? 80  LEU A O   1 
ATOM   625 C CB  . LEU A 1 80  ? -2.409  5.294   8.924   1.00 25.57 ? 80  LEU A CB  1 
ATOM   626 C CG  . LEU A 1 80  ? -2.940  6.492   8.196   1.00 25.87 ? 80  LEU A CG  1 
ATOM   627 C CD1 . LEU A 1 80  ? -3.028  6.319   6.683   1.00 24.37 ? 80  LEU A CD1 1 
ATOM   628 C CD2 . LEU A 1 80  ? -4.330  6.869   8.744   1.00 20.80 ? 80  LEU A CD2 1 
ATOM   629 N N   . ASN A 1 81  ? 0.476   5.733   9.737   1.00 24.73 ? 81  ASN A N   1 
ATOM   630 C CA  . ASN A 1 81  ? 1.582   6.670   9.957   1.00 25.43 ? 81  ASN A CA  1 
ATOM   631 C C   . ASN A 1 81  ? 2.856   6.163   9.288   1.00 21.24 ? 81  ASN A C   1 
ATOM   632 O O   . ASN A 1 81  ? 3.529   6.951   8.620   1.00 25.00 ? 81  ASN A O   1 
ATOM   633 C CB  . ASN A 1 81  ? 1.813   6.909   11.448  1.00 33.90 ? 81  ASN A CB  1 
ATOM   634 C CG  . ASN A 1 81  ? 2.407   5.785   12.245  1.00 36.79 ? 81  ASN A CG  1 
ATOM   635 O OD1 . ASN A 1 81  ? 2.050   4.611   12.305  1.00 37.50 ? 81  ASN A OD1 1 
ATOM   636 N ND2 . ASN A 1 81  ? 3.458   6.107   13.004  1.00 46.54 ? 81  ASN A ND2 1 
ATOM   637 N N   . ILE A 1 82  ? 3.106   4.869   9.241   1.00 19.11 ? 82  ILE A N   1 
ATOM   638 C CA  . ILE A 1 82  ? 4.293   4.418   8.491   1.00 21.54 ? 82  ILE A CA  1 
ATOM   639 C C   . ILE A 1 82  ? 4.053   4.471   6.977   1.00 23.72 ? 82  ILE A C   1 
ATOM   640 O O   . ILE A 1 82  ? 4.987   4.793   6.235   1.00 26.45 ? 82  ILE A O   1 
ATOM   641 C CB  . ILE A 1 82  ? 4.646   3.015   8.927   1.00 21.36 ? 82  ILE A CB  1 
ATOM   642 C CG1 . ILE A 1 82  ? 5.121   3.101   10.401  1.00 25.92 ? 82  ILE A CG1 1 
ATOM   643 C CG2 . ILE A 1 82  ? 5.587   2.405   7.927   1.00 17.74 ? 82  ILE A CG2 1 
ATOM   644 C CD1 . ILE A 1 82  ? 5.199   1.699   10.937  1.00 28.57 ? 82  ILE A CD1 1 
ATOM   645 N N   . ALA A 1 83  ? 2.794   4.378   6.543   1.00 17.71 ? 83  ALA A N   1 
ATOM   646 C CA  . ALA A 1 83  ? 2.556   4.450   5.092   1.00 17.17 ? 83  ALA A CA  1 
ATOM   647 C C   . ALA A 1 83  ? 2.794   5.881   4.615   1.00 18.94 ? 83  ALA A C   1 
ATOM   648 O O   . ALA A 1 83  ? 3.298   6.115   3.526   1.00 15.33 ? 83  ALA A O   1 
ATOM   649 C CB  . ALA A 1 83  ? 1.148   4.007   4.724   1.00 9.62  ? 83  ALA A CB  1 
ATOM   650 N N   . LYS A 1 84  ? 2.249   6.863   5.376   1.00 20.05 ? 84  LYS A N   1 
ATOM   651 C CA  . LYS A 1 84  ? 2.470   8.280   5.115   1.00 24.91 ? 84  LYS A CA  1 
ATOM   652 C C   . LYS A 1 84  ? 3.955   8.637   5.070   1.00 22.64 ? 84  LYS A C   1 
ATOM   653 O O   . LYS A 1 84  ? 4.427   9.201   4.093   1.00 28.78 ? 84  LYS A O   1 
ATOM   654 C CB  . LYS A 1 84  ? 1.799   9.125   6.206   1.00 21.81 ? 84  LYS A CB  1 
ATOM   655 C CG  . LYS A 1 84  ? 0.295   9.202   6.122   1.00 38.48 ? 84  LYS A CG  1 
ATOM   656 C CD  . LYS A 1 84  ? -0.316  9.660   7.463   1.00 39.10 ? 84  LYS A CD  1 
ATOM   657 C CE  . LYS A 1 84  ? -1.633  10.374  7.162   1.00 46.98 ? 84  LYS A CE  1 
ATOM   658 N NZ  . LYS A 1 84  ? -2.791  9.837   7.937   1.00 57.93 ? 84  LYS A NZ  1 
ATOM   659 N N   . GLN A 1 85  ? 4.758   8.163   5.997   1.00 24.48 ? 85  GLN A N   1 
ATOM   660 C CA  . GLN A 1 85  ? 6.213   8.320   5.949   1.00 30.57 ? 85  GLN A CA  1 
ATOM   661 C C   . GLN A 1 85  ? 6.803   7.797   4.642   1.00 27.59 ? 85  GLN A C   1 
ATOM   662 O O   . GLN A 1 85  ? 7.540   8.535   4.008   1.00 31.72 ? 85  GLN A O   1 
ATOM   663 C CB  . GLN A 1 85  ? 6.867   7.520   7.062   1.00 43.42 ? 85  GLN A CB  1 
ATOM   664 C CG  . GLN A 1 85  ? 8.086   8.072   7.768   1.00 60.80 ? 85  GLN A CG  1 
ATOM   665 C CD  . GLN A 1 85  ? 8.092   7.513   9.197   1.00 71.41 ? 85  GLN A CD  1 
ATOM   666 O OE1 . GLN A 1 85  ? 8.517   6.372   9.410   1.00 76.00 ? 85  GLN A OE1 1 
ATOM   667 N NE2 . GLN A 1 85  ? 7.600   8.324   10.131  1.00 72.02 ? 85  GLN A NE2 1 
ATOM   668 N N   . LEU A 1 86  ? 6.579   6.544   4.275   1.00 22.62 ? 86  LEU A N   1 
ATOM   669 C CA  . LEU A 1 86  ? 7.055   5.985   3.030   1.00 19.77 ? 86  LEU A CA  1 
ATOM   670 C C   . LEU A 1 86  ? 6.637   6.864   1.867   1.00 20.41 ? 86  LEU A C   1 
ATOM   671 O O   . LEU A 1 86  ? 7.438   7.117   0.983   1.00 25.17 ? 86  LEU A O   1 
ATOM   672 C CB  . LEU A 1 86  ? 6.494   4.623   2.724   1.00 16.29 ? 86  LEU A CB  1 
ATOM   673 C CG  . LEU A 1 86  ? 7.181   3.547   1.917   1.00 24.54 ? 86  LEU A CG  1 
ATOM   674 C CD1 . LEU A 1 86  ? 8.561   3.167   2.452   1.00 14.32 ? 86  LEU A CD1 1 
ATOM   675 C CD2 . LEU A 1 86  ? 6.189   2.365   1.876   1.00 12.72 ? 86  LEU A CD2 1 
ATOM   676 N N   . ALA A 1 87  ? 5.347   7.219   1.812   1.00 24.35 ? 87  ALA A N   1 
ATOM   677 C CA  . ALA A 1 87  ? 4.893   7.929   0.631   1.00 28.05 ? 87  ALA A CA  1 
ATOM   678 C C   . ALA A 1 87  ? 5.690   9.230   0.490   1.00 31.22 ? 87  ALA A C   1 
ATOM   679 O O   . ALA A 1 87  ? 5.914   9.650   -0.636  1.00 28.01 ? 87  ALA A O   1 
ATOM   680 C CB  . ALA A 1 87  ? 3.421   8.171   0.641   1.00 20.06 ? 87  ALA A CB  1 
ATOM   681 N N   . GLU A 1 88  ? 5.828   9.944   1.603   1.00 33.07 ? 88  GLU A N   1 
ATOM   682 C CA  . GLU A 1 88  ? 6.601   11.189  1.658   1.00 35.32 ? 88  GLU A CA  1 
ATOM   683 C C   . GLU A 1 88  ? 8.069   10.894  1.339   1.00 33.43 ? 88  GLU A C   1 
ATOM   684 O O   . GLU A 1 88  ? 8.675   11.550  0.486   1.00 30.47 ? 88  GLU A O   1 
ATOM   685 C CB  . GLU A 1 88  ? 6.480   11.799  3.046   1.00 40.62 ? 88  GLU A CB  1 
ATOM   686 C CG  . GLU A 1 88  ? 6.760   13.252  3.272   1.00 54.57 ? 88  GLU A CG  1 
ATOM   687 C CD  . GLU A 1 88  ? 5.541   14.158  3.159   1.00 61.42 ? 88  GLU A CD  1 
ATOM   688 O OE1 . GLU A 1 88  ? 4.976   14.222  2.041   1.00 64.86 ? 88  GLU A OE1 1 
ATOM   689 O OE2 . GLU A 1 88  ? 5.157   14.797  4.166   1.00 58.22 ? 88  GLU A OE2 1 
ATOM   690 N N   . LYS A 1 89  ? 8.579   9.740   1.822   1.00 28.82 ? 89  LYS A N   1 
ATOM   691 C CA  . LYS A 1 89  ? 9.945   9.439   1.462   1.00 31.65 ? 89  LYS A CA  1 
ATOM   692 C C   . LYS A 1 89  ? 10.180  9.293   -0.056  1.00 33.16 ? 89  LYS A C   1 
ATOM   693 O O   . LYS A 1 89  ? 11.312  9.600   -0.492  1.00 29.92 ? 89  LYS A O   1 
ATOM   694 C CB  . LYS A 1 89  ? 10.559  8.227   2.171   1.00 31.81 ? 89  LYS A CB  1 
ATOM   695 C CG  . LYS A 1 89  ? 12.085  8.375   1.980   1.00 35.72 ? 89  LYS A CG  1 
ATOM   696 C CD  . LYS A 1 89  ? 12.738  7.037   1.789   1.00 38.30 ? 89  LYS A CD  1 
ATOM   697 C CE  . LYS A 1 89  ? 12.846  6.383   3.158   1.00 41.16 ? 89  LYS A CE  1 
ATOM   698 N NZ  . LYS A 1 89  ? 14.210  5.818   3.296   1.00 51.75 ? 89  LYS A NZ  1 
ATOM   699 N N   . PHE A 1 90  ? 9.218   8.717   -0.780  1.00 24.15 ? 90  PHE A N   1 
ATOM   700 C CA  . PHE A 1 90  ? 9.395   8.554   -2.216  1.00 30.07 ? 90  PHE A CA  1 
ATOM   701 C C   . PHE A 1 90  ? 8.509   9.492   -3.006  1.00 27.41 ? 90  PHE A C   1 
ATOM   702 O O   . PHE A 1 90  ? 8.118   9.251   -4.136  1.00 27.80 ? 90  PHE A O   1 
ATOM   703 C CB  . PHE A 1 90  ? 9.175   7.069   -2.605  1.00 30.04 ? 90  PHE A CB  1 
ATOM   704 C CG  . PHE A 1 90  ? 10.212  6.195   -1.949  1.00 27.73 ? 90  PHE A CG  1 
ATOM   705 C CD1 . PHE A 1 90  ? 11.543  6.341   -2.258  1.00 28.03 ? 90  PHE A CD1 1 
ATOM   706 C CD2 . PHE A 1 90  ? 9.877   5.274   -0.984  1.00 35.89 ? 90  PHE A CD2 1 
ATOM   707 C CE1 . PHE A 1 90  ? 12.506  5.564   -1.674  1.00 24.86 ? 90  PHE A CE1 1 
ATOM   708 C CE2 . PHE A 1 90  ? 10.827  4.480   -0.367  1.00 25.19 ? 90  PHE A CE2 1 
ATOM   709 C CZ  . PHE A 1 90  ? 12.157  4.625   -0.730  1.00 36.26 ? 90  PHE A CZ  1 
ATOM   710 N N   . SER A 1 91  ? 8.176   10.626  -2.421  1.00 27.52 ? 91  SER A N   1 
ATOM   711 C CA  . SER A 1 91  ? 7.308   11.690  -2.817  1.00 27.32 ? 91  SER A CA  1 
ATOM   712 C C   . SER A 1 91  ? 6.172   11.301  -3.740  1.00 28.67 ? 91  SER A C   1 
ATOM   713 O O   . SER A 1 91  ? 5.786   11.882  -4.749  1.00 29.22 ? 91  SER A O   1 
ATOM   714 C CB  . SER A 1 91  ? 8.086   12.902  -3.366  1.00 45.65 ? 91  SER A CB  1 
ATOM   715 O OG  . SER A 1 91  ? 8.962   12.553  -4.403  1.00 36.95 ? 91  SER A OG  1 
ATOM   716 N N   . VAL A 1 92  ? 5.300   10.535  -3.083  1.00 28.78 ? 92  VAL A N   1 
ATOM   717 C CA  . VAL A 1 92  ? 4.064   10.013  -3.701  1.00 30.25 ? 92  VAL A CA  1 
ATOM   718 C C   . VAL A 1 92  ? 2.983   10.357  -2.714  1.00 27.90 ? 92  VAL A C   1 
ATOM   719 O O   . VAL A 1 92  ? 1.773   10.111  -2.819  1.00 31.10 ? 92  VAL A O   1 
ATOM   720 C CB  . VAL A 1 92  ? 4.500   8.584   -4.060  1.00 33.60 ? 92  VAL A CB  1 
ATOM   721 C CG1 . VAL A 1 92  ? 3.574   7.515   -3.573  1.00 19.36 ? 92  VAL A CG1 1 
ATOM   722 C CG2 . VAL A 1 92  ? 4.729   8.507   -5.567  1.00 27.36 ? 92  VAL A CG2 1 
ATOM   723 N N   . TYR A 1 93  ? 3.400   11.201  -1.734  1.00 32.44 ? 93  TYR A N   1 
ATOM   724 C CA  . TYR A 1 93  ? 2.533   11.575  -0.612  1.00 32.52 ? 93  TYR A CA  1 
ATOM   725 C C   . TYR A 1 93  ? 1.326   12.384  -1.070  1.00 34.17 ? 93  TYR A C   1 
ATOM   726 O O   . TYR A 1 93  ? 0.190   12.142  -0.609  1.00 26.45 ? 93  TYR A O   1 
ATOM   727 C CB  . TYR A 1 93  ? 3.212   12.278  0.574   1.00 36.90 ? 93  TYR A CB  1 
ATOM   728 C CG  . TYR A 1 93  ? 2.129   12.658  1.579   1.00 40.76 ? 93  TYR A CG  1 
ATOM   729 C CD1 . TYR A 1 93  ? 1.704   11.820  2.581   1.00 44.57 ? 93  TYR A CD1 1 
ATOM   730 C CD2 . TYR A 1 93  ? 1.512   13.896  1.473   1.00 41.58 ? 93  TYR A CD2 1 
ATOM   731 C CE1 . TYR A 1 93  ? 0.695   12.203  3.462   1.00 43.59 ? 93  TYR A CE1 1 
ATOM   732 C CE2 . TYR A 1 93  ? 0.510   14.282  2.321   1.00 42.33 ? 93  TYR A CE2 1 
ATOM   733 C CZ  . TYR A 1 93  ? 0.106   13.427  3.319   1.00 43.63 ? 93  TYR A CZ  1 
ATOM   734 O OH  . TYR A 1 93  ? -0.899  13.863  4.135   1.00 46.64 ? 93  TYR A OH  1 
ATOM   735 N N   . ASP A 1 94  ? 1.612   13.326  -1.976  1.00 34.32 ? 94  ASP A N   1 
ATOM   736 C CA  . ASP A 1 94  ? 0.535   14.185  -2.472  1.00 39.75 ? 94  ASP A CA  1 
ATOM   737 C C   . ASP A 1 94  ? -0.440  13.467  -3.383  1.00 37.67 ? 94  ASP A C   1 
ATOM   738 O O   . ASP A 1 94  ? -1.642  13.704  -3.265  1.00 37.14 ? 94  ASP A O   1 
ATOM   739 C CB  . ASP A 1 94  ? 1.127   15.433  -3.165  1.00 52.27 ? 94  ASP A CB  1 
ATOM   740 C CG  . ASP A 1 94  ? 1.808   16.318  -2.120  1.00 58.59 ? 94  ASP A CG  1 
ATOM   741 O OD1 . ASP A 1 94  ? 1.392   16.318  -0.936  1.00 57.37 ? 94  ASP A OD1 1 
ATOM   742 O OD2 . ASP A 1 94  ? 2.778   17.027  -2.459  1.00 65.07 ? 94  ASP A OD2 1 
ATOM   743 N N   . GLN A 1 95  ? 0.001   12.450  -4.129  1.00 36.10 ? 95  GLN A N   1 
ATOM   744 C CA  . GLN A 1 95  ? -0.966  11.753  -4.963  1.00 39.13 ? 95  GLN A CA  1 
ATOM   745 C C   . GLN A 1 95  ? -1.863  10.840  -4.117  1.00 38.85 ? 95  GLN A C   1 
ATOM   746 O O   . GLN A 1 95  ? -3.019  10.704  -4.502  1.00 39.92 ? 95  GLN A O   1 
ATOM   747 C CB  . GLN A 1 95  ? -0.285  11.001  -6.094  1.00 50.66 ? 95  GLN A CB  1 
ATOM   748 C CG  . GLN A 1 95  ? 0.563   11.813  -7.059  1.00 60.14 ? 95  GLN A CG  1 
ATOM   749 C CD  . GLN A 1 95  ? 1.392   10.899  -7.934  1.00 64.66 ? 95  GLN A CD  1 
ATOM   750 O OE1 . GLN A 1 95  ? 0.999   9.772   -8.223  1.00 68.21 ? 95  GLN A OE1 1 
ATOM   751 N NE2 . GLN A 1 95  ? 2.555   11.331  -8.388  1.00 71.33 ? 95  GLN A NE2 1 
ATOM   752 N N   . LEU A 1 96  ? -1.422  10.293  -2.990  1.00 34.00 ? 96  LEU A N   1 
ATOM   753 C CA  . LEU A 1 96  ? -2.134  9.294   -2.234  1.00 31.45 ? 96  LEU A CA  1 
ATOM   754 C C   . LEU A 1 96  ? -2.858  9.834   -1.004  1.00 32.26 ? 96  LEU A C   1 
ATOM   755 O O   . LEU A 1 96  ? -3.755  9.235   -0.373  1.00 33.77 ? 96  LEU A O   1 
ATOM   756 C CB  . LEU A 1 96  ? -1.241  8.137   -1.780  1.00 31.66 ? 96  LEU A CB  1 
ATOM   757 C CG  . LEU A 1 96  ? -0.209  7.554   -2.765  1.00 38.80 ? 96  LEU A CG  1 
ATOM   758 C CD1 . LEU A 1 96  ? 0.574   6.447   -2.097  1.00 22.27 ? 96  LEU A CD1 1 
ATOM   759 C CD2 . LEU A 1 96  ? -0.844  7.062   -4.051  1.00 32.59 ? 96  LEU A CD2 1 
ATOM   760 N N   . LYS A 1 97  ? -2.709  11.125  -0.807  1.00 34.52 ? 97  LYS A N   1 
ATOM   761 C CA  . LYS A 1 97  ? -3.436  11.990  0.095   1.00 31.74 ? 97  LYS A CA  1 
ATOM   762 C C   . LYS A 1 97  ? -4.903  11.687  0.064   1.00 31.38 ? 97  LYS A C   1 
ATOM   763 O O   . LYS A 1 97  ? -5.530  11.412  1.083   1.00 37.27 ? 97  LYS A O   1 
ATOM   764 C CB  . LYS A 1 97  ? -3.164  13.460  -0.249  1.00 31.74 ? 97  LYS A CB  1 
ATOM   765 N N   . PRO A 1 98  ? -5.535  11.684  -1.098  1.00 32.36 ? 98  PRO A N   1 
ATOM   766 C CA  . PRO A 1 98  ? -6.977  11.352  -1.129  1.00 35.06 ? 98  PRO A CA  1 
ATOM   767 C C   . PRO A 1 98  ? -7.258  10.040  -0.410  1.00 37.25 ? 98  PRO A C   1 
ATOM   768 O O   . PRO A 1 98  ? -8.279  9.962   0.306   1.00 36.75 ? 98  PRO A O   1 
ATOM   769 C CB  . PRO A 1 98  ? -7.315  11.307  -2.601  1.00 35.16 ? 98  PRO A CB  1 
ATOM   770 C CG  . PRO A 1 98  ? -6.015  11.429  -3.331  1.00 34.62 ? 98  PRO A CG  1 
ATOM   771 C CD  . PRO A 1 98  ? -5.043  12.087  -2.401  1.00 27.64 ? 98  PRO A CD  1 
ATOM   772 N N   . LEU A 1 99  ? -6.454  8.980   -0.656  1.00 29.13 ? 99  LEU A N   1 
ATOM   773 C CA  . LEU A 1 99  ? -6.647  7.734   0.060   1.00 24.78 ? 99  LEU A CA  1 
ATOM   774 C C   . LEU A 1 99  ? -6.265  7.923   1.517   1.00 25.80 ? 99  LEU A C   1 
ATOM   775 O O   . LEU A 1 99  ? -6.954  7.461   2.411   1.00 23.69 ? 99  LEU A O   1 
ATOM   776 C CB  . LEU A 1 99  ? -5.801  6.594   -0.566  1.00 21.81 ? 99  LEU A CB  1 
ATOM   777 C CG  . LEU A 1 99  ? -5.932  5.258   0.154   1.00 21.27 ? 99  LEU A CG  1 
ATOM   778 C CD1 . LEU A 1 99  ? -7.384  4.730   0.022   1.00 13.65 ? 99  LEU A CD1 1 
ATOM   779 C CD2 . LEU A 1 99  ? -4.900  4.280   -0.346  1.00 23.55 ? 99  LEU A CD2 1 
ATOM   780 N N   . PHE A 1 100 ? -5.134  8.574   1.837   1.00 29.56 ? 100 PHE A N   1 
ATOM   781 C CA  . PHE A 1 100 ? -4.869  8.808   3.255   1.00 32.02 ? 100 PHE A CA  1 
ATOM   782 C C   . PHE A 1 100 ? -5.914  9.814   3.815   1.00 35.57 ? 100 PHE A C   1 
ATOM   783 O O   . PHE A 1 100 ? -6.540  9.409   4.831   1.00 39.60 ? 100 PHE A O   1 
ATOM   784 C CB  . PHE A 1 100 ? -3.493  9.262   3.598   1.00 25.85 ? 100 PHE A CB  1 
ATOM   785 C CG  . PHE A 1 100 ? -2.333  8.429   3.157   1.00 36.52 ? 100 PHE A CG  1 
ATOM   786 C CD1 . PHE A 1 100 ? -2.460  7.092   2.828   1.00 41.77 ? 100 PHE A CD1 1 
ATOM   787 C CD2 . PHE A 1 100 ? -1.084  9.012   3.066   1.00 42.61 ? 100 PHE A CD2 1 
ATOM   788 C CE1 . PHE A 1 100 ? -1.366  6.355   2.416   1.00 39.83 ? 100 PHE A CE1 1 
ATOM   789 C CE2 . PHE A 1 100 ? 0.015   8.268   2.642   1.00 50.25 ? 100 PHE A CE2 1 
ATOM   790 C CZ  . PHE A 1 100 ? -0.129  6.930   2.326   1.00 35.92 ? 100 PHE A CZ  1 
HETATM 791 O O   . HOH B 2 .   ? -10.688 -4.124  7.052   1.00 11.93 ? 131 HOH A O   1 
HETATM 792 O O   . HOH B 2 .   ? -3.026  2.417   11.148  1.00 9.36  ? 132 HOH A O   1 
HETATM 793 O O   . HOH B 2 .   ? 17.146  -0.353  -3.578  1.00 35.04 ? 133 HOH A O   1 
HETATM 794 O O   . HOH B 2 .   ? -6.621  -5.986  10.417  1.00 29.15 ? 134 HOH A O   1 
HETATM 795 O O   . HOH B 2 .   ? 6.709   -6.060  -4.653  1.00 29.08 ? 135 HOH A O   1 
HETATM 796 O O   . HOH B 2 .   ? 13.389  -3.315  -10.160 1.00 26.38 ? 136 HOH A O   1 
HETATM 797 O O   . HOH B 2 .   ? -10.404 -12.832 -2.914  1.00 25.75 ? 137 HOH A O   1 
HETATM 798 O O   . HOH B 2 .   ? -16.158 -3.363  2.002   1.00 19.17 ? 138 HOH A O   1 
HETATM 799 O O   . HOH B 2 .   ? -0.906  -6.230  -4.963  1.00 24.10 ? 139 HOH A O   1 
HETATM 800 O O   . HOH B 2 .   ? -9.986  -12.244 -10.367 1.00 34.19 ? 140 HOH A O   1 
HETATM 801 O O   . HOH B 2 .   ? 17.276  -2.565  -6.548  1.00 35.91 ? 141 HOH A O   1 
HETATM 802 O O   . HOH B 2 .   ? -2.644  -12.843 -0.890  1.00 31.67 ? 142 HOH A O   1 
HETATM 803 O O   . HOH B 2 .   ? 4.859   14.129  -2.194  1.00 33.99 ? 143 HOH A O   1 
HETATM 804 O O   . HOH B 2 .   ? 0.700   -8.608  -5.812  1.00 41.50 ? 144 HOH A O   1 
HETATM 805 O O   . HOH B 2 .   ? 0.179   1.481   -7.122  1.00 22.63 ? 145 HOH A O   1 
HETATM 806 O O   . HOH B 2 .   ? -3.832  -3.202  -6.442  1.00 19.20 ? 146 HOH A O   1 
HETATM 807 O O   . HOH B 2 .   ? -11.605 -8.807  8.314   1.00 38.65 ? 147 HOH A O   1 
HETATM 808 O O   . HOH B 2 .   ? -11.398 8.253   2.103   1.00 40.73 ? 148 HOH A O   1 
HETATM 809 O O   . HOH B 2 .   ? 7.466   -0.986  8.647   1.00 38.97 ? 149 HOH A O   1 
HETATM 810 O O   . HOH B 2 .   ? -0.835  -0.774  -7.352  1.00 22.36 ? 150 HOH A O   1 
HETATM 811 O O   . HOH B 2 .   ? -1.464  16.905  -1.762  1.00 51.42 ? 151 HOH A O   1 
HETATM 812 O O   . HOH B 2 .   ? -10.605 -2.854  -10.419 1.00 31.57 ? 152 HOH A O   1 
HETATM 813 O O   . HOH B 2 .   ? 13.174  11.881  0.249   1.00 36.81 ? 153 HOH A O   1 
HETATM 814 O O   . HOH B 2 .   ? 5.462   -7.891  -0.013  1.00 22.73 ? 154 HOH A O   1 
HETATM 815 O O   . HOH B 2 .   ? -11.266 9.299   4.743   1.00 39.09 ? 155 HOH A O   1 
HETATM 816 O O   . HOH B 2 .   ? 8.127   -10.216 7.950   1.00 35.84 ? 156 HOH A O   1 
HETATM 817 O O   . HOH B 2 .   ? 8.363   -8.316  -3.246  1.00 39.87 ? 157 HOH A O   1 
HETATM 818 O O   . HOH B 2 .   ? -4.096  -3.319  -9.660  1.00 35.83 ? 158 HOH A O   1 
HETATM 819 O O   . HOH B 2 .   ? 10.326  7.767   -8.357  1.00 45.01 ? 159 HOH A O   1 
HETATM 820 O O   . HOH B 2 .   ? -1.732  3.538   -5.418  1.00 39.62 ? 160 HOH A O   1 
HETATM 821 O O   . HOH B 2 .   ? -4.682  -9.331  6.030   1.00 30.38 ? 161 HOH A O   1 
HETATM 822 O O   . HOH B 2 .   ? -12.364 -6.472  7.298   1.00 35.38 ? 162 HOH A O   1 
HETATM 823 O O   . HOH B 2 .   ? -13.216 6.469   1.722   1.00 43.26 ? 163 HOH A O   1 
HETATM 824 O O   . HOH B 2 .   ? 19.742  -4.907  -8.862  1.00 53.75 ? 164 HOH A O   1 
HETATM 825 O O   . HOH B 2 .   ? -17.267 4.927   -11.997 1.00 44.02 ? 165 HOH A O   1 
HETATM 826 O O   . HOH B 2 .   ? 5.103   -7.207  -2.077  1.00 23.99 ? 166 HOH A O   1 
HETATM 827 O O   . HOH B 2 .   ? 12.289  -6.458  -11.715 1.00 32.49 ? 167 HOH A O   1 
HETATM 828 O O   . HOH B 2 .   ? -8.940  10.977  4.307   1.00 44.56 ? 168 HOH A O   1 
HETATM 829 O O   . HOH B 2 .   ? -17.386 2.318   4.935   1.00 39.88 ? 169 HOH A O   1 
HETATM 830 O O   . HOH B 2 .   ? 16.570  -4.598  -7.424  1.00 46.95 ? 170 HOH A O   1 
HETATM 831 O O   . HOH B 2 .   ? -5.862  1.136   13.736  1.00 33.40 ? 171 HOH A O   1 
HETATM 832 O O   . HOH B 2 .   ? -7.018  -12.151 -0.693  1.00 42.87 ? 172 HOH A O   1 
HETATM 833 O O   . HOH B 2 .   ? -14.279 7.926   5.067   1.00 49.33 ? 173 HOH A O   1 
HETATM 834 O O   . HOH B 2 .   ? 3.676   2.024   14.446  1.00 46.93 ? 174 HOH A O   1 
HETATM 835 O O   . HOH B 2 .   ? 10.953  11.387  -3.357  1.00 47.63 ? 175 HOH A O   1 
HETATM 836 O O   . HOH B 2 .   ? 6.948   0.518   13.442  1.00 42.11 ? 176 HOH A O   1 
HETATM 837 O O   . HOH B 2 .   ? -7.415  -0.058  -10.614 1.00 31.01 ? 177 HOH A O   1 
HETATM 838 O O   . HOH B 2 .   ? 15.005  5.723   -5.034  1.00 35.14 ? 178 HOH A O   1 
HETATM 839 O O   . HOH B 2 .   ? 8.002   3.835   6.567   1.00 44.94 ? 179 HOH A O   1 
HETATM 840 O O   . HOH B 2 .   ? -15.472 3.010   7.224   1.00 43.28 ? 180 HOH A O   1 
HETATM 841 O O   . HOH B 2 .   ? 4.861   -10.404 -8.458  1.00 53.39 ? 181 HOH A O   1 
HETATM 842 O O   . HOH B 2 .   ? -7.345  7.497   7.868   1.00 53.79 ? 182 HOH A O   1 
HETATM 843 O O   . HOH B 2 .   ? 3.647   -6.308  -6.668  1.00 48.21 ? 183 HOH A O   1 
HETATM 844 O O   . HOH B 2 .   ? -18.241 -2.149  4.628   1.00 49.64 ? 184 HOH A O   1 
HETATM 845 O O   . HOH B 2 .   ? 0.793   -4.938  -6.321  1.00 50.59 ? 185 HOH A O   1 
HETATM 846 O O   . HOH B 2 .   ? -15.669 -3.475  7.784   1.00 53.28 ? 186 HOH A O   1 
HETATM 847 O O   . HOH B 2 .   ? 3.944   -13.847 4.704   1.00 47.12 ? 187 HOH A O   1 
HETATM 848 O O   . HOH B 2 .   ? 11.161  -9.302  -6.567  1.00 50.31 ? 188 HOH A O   1 
HETATM 849 O O   . HOH B 2 .   ? -19.762 2.113   0.216   1.00 54.50 ? 189 HOH A O   1 
HETATM 850 O O   . HOH B 2 .   ? 12.017  -3.128  -14.198 1.00 54.00 ? 190 HOH A O   1 
# 
